data_7XIT
# 
_entry.id   7XIT 
# 
_audit_conform.dict_name       mmcif_pdbx.dic 
_audit_conform.dict_version    5.380 
_audit_conform.dict_location   http://mmcif.pdb.org/dictionaries/ascii/mmcif_pdbx.dic 
# 
loop_
_database_2.database_id 
_database_2.database_code 
_database_2.pdbx_database_accession 
_database_2.pdbx_DOI 
PDB   7XIT         pdb_00007xit 10.2210/pdb7xit/pdb 
WWPDB D_1300028911 ?            ?                   
# 
_pdbx_database_status.status_code                     REL 
_pdbx_database_status.status_code_sf                  REL 
_pdbx_database_status.status_code_mr                  ? 
_pdbx_database_status.entry_id                        7XIT 
_pdbx_database_status.recvd_initial_deposition_date   2022-04-14 
_pdbx_database_status.SG_entry                        N 
_pdbx_database_status.deposit_site                    PDBJ 
_pdbx_database_status.process_site                    PDBJ 
_pdbx_database_status.status_code_cs                  ? 
_pdbx_database_status.status_code_nmr_data            ? 
_pdbx_database_status.methods_development_category    ? 
_pdbx_database_status.pdb_format_compatible           Y 
# 
loop_
_audit_author.name 
_audit_author.pdbx_ordinal 
_audit_author.identifier_ORCID 
'Lu, H.'      1 ? 
'Komukai, Y.' 2 ? 
'Usami, K.'   3 ? 
'Guo, Y.'     4 ? 
'Qiao, X.'    5 ? 
'Nukaga, M.'  6 ? 
'Hoshino, T.' 7 ? 
# 
_citation.abstract                  ? 
_citation.abstract_id_CAS           ? 
_citation.book_id_ISBN              ? 
_citation.book_publisher            ? 
_citation.book_publisher_city       ? 
_citation.book_title                ? 
_citation.coordinate_linkage        ? 
_citation.country                   US 
_citation.database_id_Medline       ? 
_citation.details                   ? 
_citation.id                        primary 
_citation.journal_abbrev            J.Chem.Inf.Model. 
_citation.journal_id_ASTM           ? 
_citation.journal_id_CSD            ? 
_citation.journal_id_ISSN           1549-960X 
_citation.journal_full              ? 
_citation.journal_issue             ? 
_citation.journal_volume            62 
_citation.language                  ? 
_citation.page_first                6762 
_citation.page_last                 6774 
_citation.title                     
'Computational and Crystallographic Analysis of Binding Structures of Inhibitory Compounds for HIV-1 RNase H Activity.' 
_citation.year                      2022 
_citation.database_id_CSD           ? 
_citation.pdbx_database_id_DOI      10.1021/acs.jcim.2c00537 
_citation.pdbx_database_id_PubMed   36184946 
_citation.pdbx_database_id_patent   ? 
_citation.unpublished_flag          ? 
# 
loop_
_citation_author.citation_id 
_citation_author.name 
_citation_author.ordinal 
_citation_author.identifier_ORCID 
primary 'Lu, H.'      1 ? 
primary 'Komukai, Y.' 2 ? 
primary 'Usami, K.'   3 ? 
primary 'Guo, Y.'     4 ? 
primary 'Qiao, X.'    5 ? 
primary 'Nukaga, M.'  6 ? 
primary 'Hoshino, T.' 7 ? 
# 
_cell.angle_alpha                  90.000 
_cell.angle_alpha_esd              ? 
_cell.angle_beta                   90.000 
_cell.angle_beta_esd               ? 
_cell.angle_gamma                  90.000 
_cell.angle_gamma_esd              ? 
_cell.entry_id                     7XIT 
_cell.details                      ? 
_cell.formula_units_Z              ? 
_cell.length_a                     61.551 
_cell.length_a_esd                 ? 
_cell.length_b                     61.551 
_cell.length_b_esd                 ? 
_cell.length_c                     82.196 
_cell.length_c_esd                 ? 
_cell.volume                       ? 
_cell.volume_esd                   ? 
_cell.Z_PDB                        8 
_cell.reciprocal_angle_alpha       ? 
_cell.reciprocal_angle_beta        ? 
_cell.reciprocal_angle_gamma       ? 
_cell.reciprocal_angle_alpha_esd   ? 
_cell.reciprocal_angle_beta_esd    ? 
_cell.reciprocal_angle_gamma_esd   ? 
_cell.reciprocal_length_a          ? 
_cell.reciprocal_length_b          ? 
_cell.reciprocal_length_c          ? 
_cell.reciprocal_length_a_esd      ? 
_cell.reciprocal_length_b_esd      ? 
_cell.reciprocal_length_c_esd      ? 
_cell.pdbx_unique_axis             ? 
# 
_symmetry.entry_id                         7XIT 
_symmetry.cell_setting                     ? 
_symmetry.Int_Tables_number                92 
_symmetry.space_group_name_Hall            ? 
_symmetry.space_group_name_H-M             'P 41 21 2' 
_symmetry.pdbx_full_space_group_name_H-M   ? 
# 
loop_
_entity.id 
_entity.type 
_entity.src_method 
_entity.pdbx_description 
_entity.formula_weight 
_entity.pdbx_number_of_molecules 
_entity.pdbx_ec 
_entity.pdbx_mutation 
_entity.pdbx_fragment 
_entity.details 
1 polymer     man 'Reverse Transcriptase RNase H domain'         16832.285 1 3.1.26.13 ? ? ? 
2 non-polymer syn 'MANGANESE (II) ION'                           54.938    2 ?         ? ? ? 
3 non-polymer syn 'ZINC ION'                                     65.409    2 ?         ? ? ? 
4 non-polymer syn 'ethyl 4-bromanyl-5-nitro-furan-2-carboxylate' 264.030   1 ?         ? ? ? 
5 water       nat water                                          18.015    3 ?         ? ? ? 
# 
_entity_poly.entity_id                      1 
_entity_poly.type                           'polypeptide(L)' 
_entity_poly.nstd_linkage                   no 
_entity_poly.nstd_monomer                   no 
_entity_poly.pdbx_seq_one_letter_code       
;GPGGSMYQLEKEPIVGAETFYVDGAANRETKLGKAGYVTNRGRQKVVTLTDTTNQKTELQAIYLALQDSGLEVNIVTDSQ
YALGIITQWIHNWKKRGWKTPVKNVDLVNQIIEQLIKKEKVYLAWVPAHKGIGGNEQVDKLVSAGIRKVLF
;
_entity_poly.pdbx_seq_one_letter_code_can   
;GPGGSMYQLEKEPIVGAETFYVDGAANRETKLGKAGYVTNRGRQKVVTLTDTTNQKTELQAIYLALQDSGLEVNIVTDSQ
YALGIITQWIHNWKKRGWKTPVKNVDLVNQIIEQLIKKEKVYLAWVPAHKGIGGNEQVDKLVSAGIRKVLF
;
_entity_poly.pdbx_strand_id                 A 
_entity_poly.pdbx_target_identifier         ? 
# 
loop_
_entity_poly_seq.entity_id 
_entity_poly_seq.num 
_entity_poly_seq.mon_id 
_entity_poly_seq.hetero 
1 1   GLY n 
1 2   PRO n 
1 3   GLY n 
1 4   GLY n 
1 5   SER n 
1 6   MET n 
1 7   TYR n 
1 8   GLN n 
1 9   LEU n 
1 10  GLU n 
1 11  LYS n 
1 12  GLU n 
1 13  PRO n 
1 14  ILE n 
1 15  VAL n 
1 16  GLY n 
1 17  ALA n 
1 18  GLU n 
1 19  THR n 
1 20  PHE n 
1 21  TYR n 
1 22  VAL n 
1 23  ASP n 
1 24  GLY n 
1 25  ALA n 
1 26  ALA n 
1 27  ASN n 
1 28  ARG n 
1 29  GLU n 
1 30  THR n 
1 31  LYS n 
1 32  LEU n 
1 33  GLY n 
1 34  LYS n 
1 35  ALA n 
1 36  GLY n 
1 37  TYR n 
1 38  VAL n 
1 39  THR n 
1 40  ASN n 
1 41  ARG n 
1 42  GLY n 
1 43  ARG n 
1 44  GLN n 
1 45  LYS n 
1 46  VAL n 
1 47  VAL n 
1 48  THR n 
1 49  LEU n 
1 50  THR n 
1 51  ASP n 
1 52  THR n 
1 53  THR n 
1 54  ASN n 
1 55  GLN n 
1 56  LYS n 
1 57  THR n 
1 58  GLU n 
1 59  LEU n 
1 60  GLN n 
1 61  ALA n 
1 62  ILE n 
1 63  TYR n 
1 64  LEU n 
1 65  ALA n 
1 66  LEU n 
1 67  GLN n 
1 68  ASP n 
1 69  SER n 
1 70  GLY n 
1 71  LEU n 
1 72  GLU n 
1 73  VAL n 
1 74  ASN n 
1 75  ILE n 
1 76  VAL n 
1 77  THR n 
1 78  ASP n 
1 79  SER n 
1 80  GLN n 
1 81  TYR n 
1 82  ALA n 
1 83  LEU n 
1 84  GLY n 
1 85  ILE n 
1 86  ILE n 
1 87  THR n 
1 88  GLN n 
1 89  TRP n 
1 90  ILE n 
1 91  HIS n 
1 92  ASN n 
1 93  TRP n 
1 94  LYS n 
1 95  LYS n 
1 96  ARG n 
1 97  GLY n 
1 98  TRP n 
1 99  LYS n 
1 100 THR n 
1 101 PRO n 
1 102 VAL n 
1 103 LYS n 
1 104 ASN n 
1 105 VAL n 
1 106 ASP n 
1 107 LEU n 
1 108 VAL n 
1 109 ASN n 
1 110 GLN n 
1 111 ILE n 
1 112 ILE n 
1 113 GLU n 
1 114 GLN n 
1 115 LEU n 
1 116 ILE n 
1 117 LYS n 
1 118 LYS n 
1 119 GLU n 
1 120 LYS n 
1 121 VAL n 
1 122 TYR n 
1 123 LEU n 
1 124 ALA n 
1 125 TRP n 
1 126 VAL n 
1 127 PRO n 
1 128 ALA n 
1 129 HIS n 
1 130 LYS n 
1 131 GLY n 
1 132 ILE n 
1 133 GLY n 
1 134 GLY n 
1 135 ASN n 
1 136 GLU n 
1 137 GLN n 
1 138 VAL n 
1 139 ASP n 
1 140 LYS n 
1 141 LEU n 
1 142 VAL n 
1 143 SER n 
1 144 ALA n 
1 145 GLY n 
1 146 ILE n 
1 147 ARG n 
1 148 LYS n 
1 149 VAL n 
1 150 LEU n 
1 151 PHE n 
# 
loop_
_entity_src_gen.entity_id 
_entity_src_gen.pdbx_src_id 
_entity_src_gen.pdbx_alt_source_flag 
_entity_src_gen.pdbx_seq_type 
_entity_src_gen.pdbx_beg_seq_num 
_entity_src_gen.pdbx_end_seq_num 
_entity_src_gen.gene_src_common_name 
_entity_src_gen.gene_src_genus 
_entity_src_gen.pdbx_gene_src_gene 
_entity_src_gen.gene_src_species 
_entity_src_gen.gene_src_strain 
_entity_src_gen.gene_src_tissue 
_entity_src_gen.gene_src_tissue_fraction 
_entity_src_gen.gene_src_details 
_entity_src_gen.pdbx_gene_src_fragment 
_entity_src_gen.pdbx_gene_src_scientific_name 
_entity_src_gen.pdbx_gene_src_ncbi_taxonomy_id 
_entity_src_gen.pdbx_gene_src_variant 
_entity_src_gen.pdbx_gene_src_cell_line 
_entity_src_gen.pdbx_gene_src_atcc 
_entity_src_gen.pdbx_gene_src_organ 
_entity_src_gen.pdbx_gene_src_organelle 
_entity_src_gen.pdbx_gene_src_cell 
_entity_src_gen.pdbx_gene_src_cellular_location 
_entity_src_gen.host_org_common_name 
_entity_src_gen.pdbx_host_org_scientific_name 
_entity_src_gen.pdbx_host_org_ncbi_taxonomy_id 
_entity_src_gen.host_org_genus 
_entity_src_gen.pdbx_host_org_gene 
_entity_src_gen.pdbx_host_org_organ 
_entity_src_gen.host_org_species 
_entity_src_gen.pdbx_host_org_tissue 
_entity_src_gen.pdbx_host_org_tissue_fraction 
_entity_src_gen.pdbx_host_org_strain 
_entity_src_gen.pdbx_host_org_variant 
_entity_src_gen.pdbx_host_org_cell_line 
_entity_src_gen.pdbx_host_org_atcc 
_entity_src_gen.pdbx_host_org_culture_collection 
_entity_src_gen.pdbx_host_org_cell 
_entity_src_gen.pdbx_host_org_organelle 
_entity_src_gen.pdbx_host_org_cellular_location 
_entity_src_gen.pdbx_host_org_vector_type 
_entity_src_gen.pdbx_host_org_vector 
_entity_src_gen.host_org_details 
_entity_src_gen.expression_system_id 
_entity_src_gen.plasmid_name 
_entity_src_gen.plasmid_details 
_entity_src_gen.pdbx_description 
1 1 sample 'Biological sequence' 1  86  ? ? ? ? ? ? ? ? ? 'Human immunodeficiency virus 1' 11676 ? ? ? ? ? ? ? ? 
'Escherichia coli' 562 ? ? ? ? ? ? 'Rosetta(DE3)pLys' ? ? ? ? ? ? ? plasmid ? ? ? 'pET50(b)' ? ? 
1 2 sample 'Biological sequence' 87 151 ? ? ? ? ? ? ? ? ? 'Human immunodeficiency virus 1' 11676 ? ? ? ? ? ? ? ? 
'Escherichia coli' 562 ? ? ? ? ? ? 'Rosetta(DE3)pLys' ? ? ? ? ? ? ? plasmid ? ? ? 'pET50(b)' ? ? 
# 
loop_
_struct_ref.id 
_struct_ref.db_name 
_struct_ref.db_code 
_struct_ref.pdbx_db_accession 
_struct_ref.pdbx_db_isoform 
_struct_ref.entity_id 
_struct_ref.pdbx_seq_one_letter_code 
_struct_ref.pdbx_align_begin 
1 UNP A0A059PIR4_9HIV1 A0A059PIR4 ? 1 
;YQLEKEPIVGAETFYVDGAANRETKLGKAGYVTNRGRQKVVTLTDTTNQKTELQAIYLALQDSGLEVNIVTDSQYALGII

;
167 
2 UNP A0A7L9QW77_9HIV1 A0A7L9QW77 ? 1 DLVNQIIEQLIKKEKVYLAWVPAHKGIGGNEQVDKLVSAGIRKVLF                                      671 
# 
loop_
_struct_ref_seq.align_id 
_struct_ref_seq.ref_id 
_struct_ref_seq.pdbx_PDB_id_code 
_struct_ref_seq.pdbx_strand_id 
_struct_ref_seq.seq_align_beg 
_struct_ref_seq.pdbx_seq_align_beg_ins_code 
_struct_ref_seq.seq_align_end 
_struct_ref_seq.pdbx_seq_align_end_ins_code 
_struct_ref_seq.pdbx_db_accession 
_struct_ref_seq.db_align_beg 
_struct_ref_seq.pdbx_db_align_beg_ins_code 
_struct_ref_seq.db_align_end 
_struct_ref_seq.pdbx_db_align_end_ins_code 
_struct_ref_seq.pdbx_auth_seq_align_beg 
_struct_ref_seq.pdbx_auth_seq_align_end 
1 1 7XIT A 7   ? 86  ? A0A059PIR4 167 ? 246 ? 7   86  
2 2 7XIT A 106 ? 151 ? A0A7L9QW77 671 ? 716 ? 106 151 
# 
loop_
_struct_ref_seq_dif.align_id 
_struct_ref_seq_dif.pdbx_pdb_id_code 
_struct_ref_seq_dif.mon_id 
_struct_ref_seq_dif.pdbx_pdb_strand_id 
_struct_ref_seq_dif.seq_num 
_struct_ref_seq_dif.pdbx_pdb_ins_code 
_struct_ref_seq_dif.pdbx_seq_db_name 
_struct_ref_seq_dif.pdbx_seq_db_accession_code 
_struct_ref_seq_dif.db_mon_id 
_struct_ref_seq_dif.pdbx_seq_db_seq_num 
_struct_ref_seq_dif.details 
_struct_ref_seq_dif.pdbx_auth_seq_num 
_struct_ref_seq_dif.pdbx_ordinal 
1 7XIT GLY A 1   ? UNP A0A059PIR4 ? ? 'expression tag' 1   1  
1 7XIT PRO A 2   ? UNP A0A059PIR4 ? ? 'expression tag' 2   2  
1 7XIT GLY A 3   ? UNP A0A059PIR4 ? ? 'expression tag' 3   3  
1 7XIT GLY A 4   ? UNP A0A059PIR4 ? ? 'expression tag' 4   4  
1 7XIT SER A 5   ? UNP A0A059PIR4 ? ? 'expression tag' 5   5  
1 7XIT MET A 6   ? UNP A0A059PIR4 ? ? 'expression tag' 6   6  
1 7XIT THR A 87  ? UNP A0A059PIR4 ? ? linker           87  7  
1 7XIT GLN A 88  ? UNP A0A059PIR4 ? ? linker           88  8  
1 7XIT TRP A 89  ? UNP A0A059PIR4 ? ? linker           89  9  
1 7XIT ILE A 90  ? UNP A0A059PIR4 ? ? linker           90  10 
1 7XIT HIS A 91  ? UNP A0A059PIR4 ? ? linker           91  11 
1 7XIT ASN A 92  ? UNP A0A059PIR4 ? ? linker           92  12 
1 7XIT TRP A 93  ? UNP A0A059PIR4 ? ? linker           93  13 
1 7XIT LYS A 94  ? UNP A0A059PIR4 ? ? linker           94  14 
1 7XIT LYS A 95  ? UNP A0A059PIR4 ? ? linker           95  15 
1 7XIT ARG A 96  ? UNP A0A059PIR4 ? ? linker           96  16 
1 7XIT GLY A 97  ? UNP A0A059PIR4 ? ? linker           97  17 
1 7XIT TRP A 98  ? UNP A0A059PIR4 ? ? linker           98  18 
1 7XIT LYS A 99  ? UNP A0A059PIR4 ? ? linker           99  19 
1 7XIT THR A 100 ? UNP A0A059PIR4 ? ? linker           100 20 
1 7XIT PRO A 101 ? UNP A0A059PIR4 ? ? linker           101 21 
1 7XIT VAL A 102 ? UNP A0A059PIR4 ? ? linker           102 22 
1 7XIT LYS A 103 ? UNP A0A059PIR4 ? ? linker           103 23 
1 7XIT ASN A 104 ? UNP A0A059PIR4 ? ? linker           104 24 
1 7XIT VAL A 105 ? UNP A0A059PIR4 ? ? linker           105 25 
# 
loop_
_chem_comp.id 
_chem_comp.type 
_chem_comp.mon_nstd_flag 
_chem_comp.name 
_chem_comp.pdbx_synonyms 
_chem_comp.formula 
_chem_comp.formula_weight 
ALA 'L-peptide linking' y ALANINE                                        ? 'C3 H7 N O2'     89.093  
ARG 'L-peptide linking' y ARGININE                                       ? 'C6 H15 N4 O2 1' 175.209 
ASN 'L-peptide linking' y ASPARAGINE                                     ? 'C4 H8 N2 O3'    132.118 
ASP 'L-peptide linking' y 'ASPARTIC ACID'                                ? 'C4 H7 N O4'     133.103 
E6I non-polymer         . 'ethyl 4-bromanyl-5-nitro-furan-2-carboxylate' ? 'C7 H6 Br N O5'  264.030 
GLN 'L-peptide linking' y GLUTAMINE                                      ? 'C5 H10 N2 O3'   146.144 
GLU 'L-peptide linking' y 'GLUTAMIC ACID'                                ? 'C5 H9 N O4'     147.129 
GLY 'peptide linking'   y GLYCINE                                        ? 'C2 H5 N O2'     75.067  
HIS 'L-peptide linking' y HISTIDINE                                      ? 'C6 H10 N3 O2 1' 156.162 
HOH non-polymer         . WATER                                          ? 'H2 O'           18.015  
ILE 'L-peptide linking' y ISOLEUCINE                                     ? 'C6 H13 N O2'    131.173 
LEU 'L-peptide linking' y LEUCINE                                        ? 'C6 H13 N O2'    131.173 
LYS 'L-peptide linking' y LYSINE                                         ? 'C6 H15 N2 O2 1' 147.195 
MET 'L-peptide linking' y METHIONINE                                     ? 'C5 H11 N O2 S'  149.211 
MN  non-polymer         . 'MANGANESE (II) ION'                           ? 'Mn 2'           54.938  
PHE 'L-peptide linking' y PHENYLALANINE                                  ? 'C9 H11 N O2'    165.189 
PRO 'L-peptide linking' y PROLINE                                        ? 'C5 H9 N O2'     115.130 
SER 'L-peptide linking' y SERINE                                         ? 'C3 H7 N O3'     105.093 
THR 'L-peptide linking' y THREONINE                                      ? 'C4 H9 N O3'     119.119 
TRP 'L-peptide linking' y TRYPTOPHAN                                     ? 'C11 H12 N2 O2'  204.225 
TYR 'L-peptide linking' y TYROSINE                                       ? 'C9 H11 N O3'    181.189 
VAL 'L-peptide linking' y VALINE                                         ? 'C5 H11 N O2'    117.146 
ZN  non-polymer         . 'ZINC ION'                                     ? 'Zn 2'           65.409  
# 
_exptl.absorpt_coefficient_mu     ? 
_exptl.absorpt_correction_T_max   ? 
_exptl.absorpt_correction_T_min   ? 
_exptl.absorpt_correction_type    ? 
_exptl.absorpt_process_details    ? 
_exptl.entry_id                   7XIT 
_exptl.crystals_number            1 
_exptl.details                    ? 
_exptl.method                     'X-RAY DIFFRACTION' 
_exptl.method_details             ? 
# 
_exptl_crystal.colour                      ? 
_exptl_crystal.density_diffrn              ? 
_exptl_crystal.density_Matthews            2.31 
_exptl_crystal.density_method              ? 
_exptl_crystal.density_percent_sol         46.81 
_exptl_crystal.description                 ? 
_exptl_crystal.F_000                       ? 
_exptl_crystal.id                          1 
_exptl_crystal.preparation                 ? 
_exptl_crystal.size_max                    ? 
_exptl_crystal.size_mid                    ? 
_exptl_crystal.size_min                    ? 
_exptl_crystal.size_rad                    ? 
_exptl_crystal.colour_lustre               ? 
_exptl_crystal.colour_modifier             ? 
_exptl_crystal.colour_primary              ? 
_exptl_crystal.density_meas                ? 
_exptl_crystal.density_meas_esd            ? 
_exptl_crystal.density_meas_gt             ? 
_exptl_crystal.density_meas_lt             ? 
_exptl_crystal.density_meas_temp           ? 
_exptl_crystal.density_meas_temp_esd       ? 
_exptl_crystal.density_meas_temp_gt        ? 
_exptl_crystal.density_meas_temp_lt        ? 
_exptl_crystal.pdbx_crystal_image_url      ? 
_exptl_crystal.pdbx_crystal_image_format   ? 
_exptl_crystal.pdbx_mosaicity              0.590 
_exptl_crystal.pdbx_mosaicity_esd          ? 
# 
_exptl_crystal_grow.apparatus       ? 
_exptl_crystal_grow.atmosphere      ? 
_exptl_crystal_grow.crystal_id      1 
_exptl_crystal_grow.details         ? 
_exptl_crystal_grow.method          'VAPOR DIFFUSION, SITTING DROP' 
_exptl_crystal_grow.method_ref      ? 
_exptl_crystal_grow.pH              6.6 
_exptl_crystal_grow.pressure        ? 
_exptl_crystal_grow.pressure_esd    ? 
_exptl_crystal_grow.seeding         ? 
_exptl_crystal_grow.seeding_ref     ? 
_exptl_crystal_grow.temp            291 
_exptl_crystal_grow.temp_details    ? 
_exptl_crystal_grow.temp_esd        ? 
_exptl_crystal_grow.time            ? 
_exptl_crystal_grow.pdbx_details    '0.1M MES, 26% (v/v) PEG 6000, 0.01M Zinc Sulfate, 0.001M MANGANESE CHLORIDE' 
_exptl_crystal_grow.pdbx_pH_range   ? 
# 
_diffrn.ambient_environment              ? 
_diffrn.ambient_temp                     100 
_diffrn.ambient_temp_details             ? 
_diffrn.ambient_temp_esd                 ? 
_diffrn.crystal_id                       1 
_diffrn.crystal_support                  ? 
_diffrn.crystal_treatment                ? 
_diffrn.details                          ? 
_diffrn.id                               1 
_diffrn.ambient_pressure                 ? 
_diffrn.ambient_pressure_esd             ? 
_diffrn.ambient_pressure_gt              ? 
_diffrn.ambient_pressure_lt              ? 
_diffrn.ambient_temp_gt                  ? 
_diffrn.ambient_temp_lt                  ? 
_diffrn.pdbx_serial_crystal_experiment   N 
# 
_diffrn_detector.details                      mirrors 
_diffrn_detector.detector                     PIXEL 
_diffrn_detector.diffrn_id                    1 
_diffrn_detector.type                         'DECTRIS EIGER X 4M' 
_diffrn_detector.area_resol_mean              ? 
_diffrn_detector.dtime                        ? 
_diffrn_detector.pdbx_frames_total            ? 
_diffrn_detector.pdbx_collection_time_total   ? 
_diffrn_detector.pdbx_collection_date         2017-04-20 
_diffrn_detector.pdbx_frequency               ? 
# 
_diffrn_radiation.collimation                      ? 
_diffrn_radiation.diffrn_id                        1 
_diffrn_radiation.filter_edge                      ? 
_diffrn_radiation.inhomogeneity                    ? 
_diffrn_radiation.monochromator                    'Si(111)' 
_diffrn_radiation.polarisn_norm                    ? 
_diffrn_radiation.polarisn_ratio                   ? 
_diffrn_radiation.probe                            ? 
_diffrn_radiation.type                             ? 
_diffrn_radiation.xray_symbol                      ? 
_diffrn_radiation.wavelength_id                    1 
_diffrn_radiation.pdbx_monochromatic_or_laue_m_l   M 
_diffrn_radiation.pdbx_wavelength_list             ? 
_diffrn_radiation.pdbx_wavelength                  ? 
_diffrn_radiation.pdbx_diffrn_protocol             'SINGLE WAVELENGTH' 
_diffrn_radiation.pdbx_analyzer                    ? 
_diffrn_radiation.pdbx_scattering_type             x-ray 
# 
_diffrn_radiation_wavelength.id           1 
_diffrn_radiation_wavelength.wavelength   1.000 
_diffrn_radiation_wavelength.wt           1.0 
# 
_diffrn_source.current                     ? 
_diffrn_source.details                     ? 
_diffrn_source.diffrn_id                   1 
_diffrn_source.power                       ? 
_diffrn_source.size                        ? 
_diffrn_source.source                      SYNCHROTRON 
_diffrn_source.target                      ? 
_diffrn_source.type                        'PHOTON FACTORY BEAMLINE BL-5A' 
_diffrn_source.voltage                     ? 
_diffrn_source.take-off_angle              ? 
_diffrn_source.pdbx_wavelength_list        1.000 
_diffrn_source.pdbx_wavelength             ? 
_diffrn_source.pdbx_synchrotron_beamline   BL-5A 
_diffrn_source.pdbx_synchrotron_site       'Photon Factory' 
# 
_reflns.B_iso_Wilson_estimate                          44.790 
_reflns.entry_id                                       7XIT 
_reflns.data_reduction_details                         ? 
_reflns.data_reduction_method                          ? 
_reflns.d_resolution_high                              2.160 
_reflns.d_resolution_low                               48.890 
_reflns.details                                        ? 
_reflns.limit_h_max                                    ? 
_reflns.limit_h_min                                    ? 
_reflns.limit_k_max                                    ? 
_reflns.limit_k_min                                    ? 
_reflns.limit_l_max                                    ? 
_reflns.limit_l_min                                    ? 
_reflns.number_all                                     ? 
_reflns.number_obs                                     15758 
_reflns.observed_criterion                             ? 
_reflns.observed_criterion_F_max                       ? 
_reflns.observed_criterion_F_min                       ? 
_reflns.observed_criterion_I_max                       ? 
_reflns.observed_criterion_I_min                       ? 
_reflns.observed_criterion_sigma_F                     ? 
_reflns.observed_criterion_sigma_I                     ? 
_reflns.percent_possible_obs                           99.700 
_reflns.R_free_details                                 ? 
_reflns.Rmerge_F_all                                   ? 
_reflns.Rmerge_F_obs                                   ? 
_reflns.Friedel_coverage                               ? 
_reflns.number_gt                                      ? 
_reflns.threshold_expression                           ? 
_reflns.pdbx_redundancy                                27.300 
_reflns.pdbx_Rmerge_I_obs                              0.166 
_reflns.pdbx_Rmerge_I_all                              ? 
_reflns.pdbx_Rsym_value                                ? 
_reflns.pdbx_netI_over_av_sigmaI                       ? 
_reflns.pdbx_netI_over_sigmaI                          14.100 
_reflns.pdbx_res_netI_over_av_sigmaI_2                 ? 
_reflns.pdbx_res_netI_over_sigmaI_2                    ? 
_reflns.pdbx_chi_squared                               ? 
_reflns.pdbx_scaling_rejects                           ? 
_reflns.pdbx_d_res_high_opt                            ? 
_reflns.pdbx_d_res_low_opt                             ? 
_reflns.pdbx_d_res_opt_method                          ? 
_reflns.phase_calculation_details                      ? 
_reflns.pdbx_Rrim_I_all                                0.169 
_reflns.pdbx_Rpim_I_all                                0.033 
_reflns.pdbx_d_opt                                     ? 
_reflns.pdbx_number_measured_all                       ? 
_reflns.pdbx_diffrn_id                                 1 
_reflns.pdbx_ordinal                                   1 
_reflns.pdbx_CC_half                                   0.998 
_reflns.pdbx_CC_star                                   ? 
_reflns.pdbx_R_split                                   ? 
_reflns.pdbx_aniso_diffraction_limit_axis_1_ortho[1]   ? 
_reflns.pdbx_aniso_diffraction_limit_axis_1_ortho[2]   ? 
_reflns.pdbx_aniso_diffraction_limit_axis_1_ortho[3]   ? 
_reflns.pdbx_aniso_diffraction_limit_axis_2_ortho[1]   ? 
_reflns.pdbx_aniso_diffraction_limit_axis_2_ortho[2]   ? 
_reflns.pdbx_aniso_diffraction_limit_axis_2_ortho[3]   ? 
_reflns.pdbx_aniso_diffraction_limit_axis_3_ortho[1]   ? 
_reflns.pdbx_aniso_diffraction_limit_axis_3_ortho[2]   ? 
_reflns.pdbx_aniso_diffraction_limit_axis_3_ortho[3]   ? 
_reflns.pdbx_aniso_diffraction_limit_1                 ? 
_reflns.pdbx_aniso_diffraction_limit_2                 ? 
_reflns.pdbx_aniso_diffraction_limit_3                 ? 
_reflns.pdbx_aniso_B_tensor_eigenvector_1_ortho[1]     ? 
_reflns.pdbx_aniso_B_tensor_eigenvector_1_ortho[2]     ? 
_reflns.pdbx_aniso_B_tensor_eigenvector_1_ortho[3]     ? 
_reflns.pdbx_aniso_B_tensor_eigenvector_2_ortho[1]     ? 
_reflns.pdbx_aniso_B_tensor_eigenvector_2_ortho[2]     ? 
_reflns.pdbx_aniso_B_tensor_eigenvector_2_ortho[3]     ? 
_reflns.pdbx_aniso_B_tensor_eigenvector_3_ortho[1]     ? 
_reflns.pdbx_aniso_B_tensor_eigenvector_3_ortho[2]     ? 
_reflns.pdbx_aniso_B_tensor_eigenvector_3_ortho[3]     ? 
_reflns.pdbx_aniso_B_tensor_eigenvalue_1               ? 
_reflns.pdbx_aniso_B_tensor_eigenvalue_2               ? 
_reflns.pdbx_aniso_B_tensor_eigenvalue_3               ? 
_reflns.pdbx_orthogonalization_convention              ? 
_reflns.pdbx_percent_possible_ellipsoidal              ? 
_reflns.pdbx_percent_possible_spherical                ? 
_reflns.pdbx_percent_possible_ellipsoidal_anomalous    ? 
_reflns.pdbx_percent_possible_spherical_anomalous      ? 
_reflns.pdbx_redundancy_anomalous                      ? 
_reflns.pdbx_CC_half_anomalous                         ? 
_reflns.pdbx_absDiff_over_sigma_anomalous              ? 
_reflns.pdbx_percent_possible_anomalous                ? 
_reflns.pdbx_observed_signal_threshold                 ? 
_reflns.pdbx_signal_type                               ? 
_reflns.pdbx_signal_details                            ? 
_reflns.pdbx_signal_software_id                        ? 
# 
loop_
_reflns_shell.d_res_high 
_reflns_shell.d_res_low 
_reflns_shell.meanI_over_sigI_all 
_reflns_shell.meanI_over_sigI_obs 
_reflns_shell.number_measured_all 
_reflns_shell.number_measured_obs 
_reflns_shell.number_possible 
_reflns_shell.number_unique_all 
_reflns_shell.number_unique_obs 
_reflns_shell.percent_possible_all 
_reflns_shell.percent_possible_obs 
_reflns_shell.Rmerge_F_all 
_reflns_shell.Rmerge_F_obs 
_reflns_shell.Rmerge_I_all 
_reflns_shell.Rmerge_I_obs 
_reflns_shell.meanI_over_sigI_gt 
_reflns_shell.meanI_over_uI_all 
_reflns_shell.meanI_over_uI_gt 
_reflns_shell.number_measured_gt 
_reflns_shell.number_unique_gt 
_reflns_shell.percent_possible_gt 
_reflns_shell.Rmerge_F_gt 
_reflns_shell.Rmerge_I_gt 
_reflns_shell.pdbx_redundancy 
_reflns_shell.pdbx_Rsym_value 
_reflns_shell.pdbx_chi_squared 
_reflns_shell.pdbx_netI_over_sigmaI_all 
_reflns_shell.pdbx_netI_over_sigmaI_obs 
_reflns_shell.pdbx_Rrim_I_all 
_reflns_shell.pdbx_Rpim_I_all 
_reflns_shell.pdbx_rejects 
_reflns_shell.pdbx_ordinal 
_reflns_shell.pdbx_diffrn_id 
_reflns_shell.pdbx_CC_half 
_reflns_shell.pdbx_CC_star 
_reflns_shell.pdbx_R_split 
_reflns_shell.pdbx_percent_possible_ellipsoidal 
_reflns_shell.pdbx_percent_possible_spherical 
_reflns_shell.pdbx_percent_possible_ellipsoidal_anomalous 
_reflns_shell.pdbx_percent_possible_spherical_anomalous 
_reflns_shell.pdbx_redundancy_anomalous 
_reflns_shell.pdbx_CC_half_anomalous 
_reflns_shell.pdbx_absDiff_over_sigma_anomalous 
_reflns_shell.pdbx_percent_possible_anomalous 
2.160 2.230  ? ? 19292 ? ? ? 714 96.300 ? ? ? ? 0.797 ? ? ? ? ? ? ? ? 27.000 ? ? ? 3.900  0.813 0.155 ? 1 1 0.952 ? ? ? ? ? ? ? ? 
? ? 
8.910 48.890 ? ? 3293  ? ? ? 164 99.100 ? ? ? ? 0.110 ? ? ? ? ? ? ? ? 20.100 ? ? ? 26.400 0.113 0.025 ? 2 1 0.995 ? ? ? ? ? ? ? ? 
? ? 
# 
_refine.aniso_B[1][1]                            ? 
_refine.aniso_B[1][2]                            ? 
_refine.aniso_B[1][3]                            ? 
_refine.aniso_B[2][2]                            ? 
_refine.aniso_B[2][3]                            ? 
_refine.aniso_B[3][3]                            ? 
_refine.B_iso_max                                140.550 
_refine.B_iso_mean                               50.1959 
_refine.B_iso_min                                23.050 
_refine.correlation_coeff_Fo_to_Fc               ? 
_refine.correlation_coeff_Fo_to_Fc_free          ? 
_refine.details                                  ? 
_refine.diff_density_max                         ? 
_refine.diff_density_max_esd                     ? 
_refine.diff_density_min                         ? 
_refine.diff_density_min_esd                     ? 
_refine.diff_density_rms                         ? 
_refine.diff_density_rms_esd                     ? 
_refine.entry_id                                 7XIT 
_refine.pdbx_refine_id                           'X-RAY DIFFRACTION' 
_refine.ls_abs_structure_details                 ? 
_refine.ls_abs_structure_Flack                   ? 
_refine.ls_abs_structure_Flack_esd               ? 
_refine.ls_abs_structure_Rogers                  ? 
_refine.ls_abs_structure_Rogers_esd              ? 
_refine.ls_d_res_high                            2.1800 
_refine.ls_d_res_low                             29.8800 
_refine.ls_extinction_coef                       ? 
_refine.ls_extinction_coef_esd                   ? 
_refine.ls_extinction_expression                 ? 
_refine.ls_extinction_method                     ? 
_refine.ls_goodness_of_fit_all                   ? 
_refine.ls_goodness_of_fit_all_esd               ? 
_refine.ls_goodness_of_fit_obs                   ? 
_refine.ls_goodness_of_fit_obs_esd               ? 
_refine.ls_hydrogen_treatment                    ? 
_refine.ls_matrix_type                           ? 
_refine.ls_number_constraints                    ? 
_refine.ls_number_parameters                     ? 
_refine.ls_number_reflns_all                     ? 
_refine.ls_number_reflns_obs                     15758 
_refine.ls_number_reflns_R_free                  809 
_refine.ls_number_reflns_R_work                  14949 
_refine.ls_number_restraints                     ? 
_refine.ls_percent_reflns_obs                    99.7800 
_refine.ls_percent_reflns_R_free                 5.1300 
_refine.ls_R_factor_all                          ? 
_refine.ls_R_factor_obs                          0.2275 
_refine.ls_R_factor_R_free                       0.2741 
_refine.ls_R_factor_R_free_error                 ? 
_refine.ls_R_factor_R_free_error_details         ? 
_refine.ls_R_factor_R_work                       0.2249 
_refine.ls_R_Fsqd_factor_obs                     ? 
_refine.ls_R_I_factor_obs                        ? 
_refine.ls_redundancy_reflns_all                 ? 
_refine.ls_redundancy_reflns_obs                 ? 
_refine.ls_restrained_S_all                      ? 
_refine.ls_restrained_S_obs                      ? 
_refine.ls_shift_over_esd_max                    ? 
_refine.ls_shift_over_esd_mean                   ? 
_refine.ls_structure_factor_coef                 ? 
_refine.ls_weighting_details                     ? 
_refine.ls_weighting_scheme                      ? 
_refine.ls_wR_factor_all                         ? 
_refine.ls_wR_factor_obs                         ? 
_refine.ls_wR_factor_R_free                      ? 
_refine.ls_wR_factor_R_work                      ? 
_refine.occupancy_max                            ? 
_refine.occupancy_min                            ? 
_refine.solvent_model_details                    'FLAT BULK SOLVENT MODEL' 
_refine.solvent_model_param_bsol                 ? 
_refine.solvent_model_param_ksol                 ? 
_refine.pdbx_R_complete                          ? 
_refine.ls_R_factor_gt                           ? 
_refine.ls_goodness_of_fit_gt                    ? 
_refine.ls_goodness_of_fit_ref                   ? 
_refine.ls_shift_over_su_max                     ? 
_refine.ls_shift_over_su_max_lt                  ? 
_refine.ls_shift_over_su_mean                    ? 
_refine.ls_shift_over_su_mean_lt                 ? 
_refine.pdbx_ls_sigma_I                          ? 
_refine.pdbx_ls_sigma_F                          1.930 
_refine.pdbx_ls_sigma_Fsqd                       ? 
_refine.pdbx_data_cutoff_high_absF               ? 
_refine.pdbx_data_cutoff_high_rms_absF           ? 
_refine.pdbx_data_cutoff_low_absF                ? 
_refine.pdbx_isotropic_thermal_model             ? 
_refine.pdbx_ls_cross_valid_method               THROUGHOUT 
_refine.pdbx_method_to_determine_struct          'MOLECULAR REPLACEMENT' 
_refine.pdbx_starting_model                      3QIN 
_refine.pdbx_stereochemistry_target_values       ML 
_refine.pdbx_R_Free_selection_details            ? 
_refine.pdbx_stereochem_target_val_spec_case     ? 
_refine.pdbx_overall_ESU_R                       ? 
_refine.pdbx_overall_ESU_R_Free                  ? 
_refine.pdbx_solvent_vdw_probe_radii             1.1100 
_refine.pdbx_solvent_ion_probe_radii             ? 
_refine.pdbx_solvent_shrinkage_radii             0.9000 
_refine.pdbx_real_space_R                        ? 
_refine.pdbx_density_correlation                 ? 
_refine.pdbx_pd_number_of_powder_patterns        ? 
_refine.pdbx_pd_number_of_points                 ? 
_refine.pdbx_pd_meas_number_of_points            ? 
_refine.pdbx_pd_proc_ls_prof_R_factor            ? 
_refine.pdbx_pd_proc_ls_prof_wR_factor           ? 
_refine.pdbx_pd_Marquardt_correlation_coeff      ? 
_refine.pdbx_pd_Fsqrd_R_factor                   ? 
_refine.pdbx_pd_ls_matrix_band_width             ? 
_refine.pdbx_overall_phase_error                 32.9400 
_refine.pdbx_overall_SU_R_free_Cruickshank_DPI   ? 
_refine.pdbx_overall_SU_R_free_Blow_DPI          ? 
_refine.pdbx_overall_SU_R_Blow_DPI               ? 
_refine.pdbx_TLS_residual_ADP_flag               ? 
_refine.pdbx_diffrn_id                           1 
_refine.overall_SU_B                             ? 
_refine.overall_SU_ML                            0.2800 
_refine.overall_SU_R_Cruickshank_DPI             ? 
_refine.overall_SU_R_free                        ? 
_refine.overall_FOM_free_R_set                   ? 
_refine.overall_FOM_work_R_set                   ? 
_refine.pdbx_average_fsc_overall                 ? 
_refine.pdbx_average_fsc_work                    ? 
_refine.pdbx_average_fsc_free                    ? 
# 
_refine_hist.pdbx_refine_id                   'X-RAY DIFFRACTION' 
_refine_hist.cycle_id                         final 
_refine_hist.details                          ? 
_refine_hist.d_res_high                       2.1800 
_refine_hist.d_res_low                        29.8800 
_refine_hist.number_atoms_solvent             3 
_refine_hist.number_atoms_total               1179 
_refine_hist.number_reflns_all                ? 
_refine_hist.number_reflns_obs                ? 
_refine_hist.number_reflns_R_free             ? 
_refine_hist.number_reflns_R_work             ? 
_refine_hist.R_factor_all                     ? 
_refine_hist.R_factor_obs                     ? 
_refine_hist.R_factor_R_free                  ? 
_refine_hist.R_factor_R_work                  ? 
_refine_hist.pdbx_number_residues_total       147 
_refine_hist.pdbx_B_iso_mean_ligand           66.09 
_refine_hist.pdbx_B_iso_mean_solvent          35.59 
_refine_hist.pdbx_number_atoms_protein        1158 
_refine_hist.pdbx_number_atoms_nucleic_acid   0 
_refine_hist.pdbx_number_atoms_ligand         18 
_refine_hist.pdbx_number_atoms_lipid          ? 
_refine_hist.pdbx_number_atoms_carb           ? 
_refine_hist.pdbx_pseudo_atom_details         ? 
# 
loop_
_refine_ls_shell.pdbx_refine_id 
_refine_ls_shell.d_res_high 
_refine_ls_shell.d_res_low 
_refine_ls_shell.number_reflns_all 
_refine_ls_shell.number_reflns_obs 
_refine_ls_shell.number_reflns_R_free 
_refine_ls_shell.number_reflns_R_work 
_refine_ls_shell.percent_reflns_obs 
_refine_ls_shell.percent_reflns_R_free 
_refine_ls_shell.R_factor_all 
_refine_ls_shell.R_factor_obs 
_refine_ls_shell.R_factor_R_free 
_refine_ls_shell.R_factor_R_free_error 
_refine_ls_shell.R_factor_R_work 
_refine_ls_shell.redundancy_reflns_all 
_refine_ls_shell.redundancy_reflns_obs 
_refine_ls_shell.wR_factor_all 
_refine_ls_shell.wR_factor_obs 
_refine_ls_shell.wR_factor_R_free 
_refine_ls_shell.wR_factor_R_work 
_refine_ls_shell.pdbx_R_complete 
_refine_ls_shell.pdbx_total_number_of_bins_used 
_refine_ls_shell.pdbx_phase_error 
_refine_ls_shell.pdbx_fsc_work 
_refine_ls_shell.pdbx_fsc_free 
'X-RAY DIFFRACTION' 2.1800 2.3100  2579 . 131 2448 99.0000  . . . 0.3242 0.0000 0.2873 . . . . . . . 6 . . . 
'X-RAY DIFFRACTION' 2.3100 2.4900  2667 . 138 2529 100.0000 . . . 0.3250 0.0000 0.2334 . . . . . . . 6 . . . 
'X-RAY DIFFRACTION' 2.4900 2.7400  2619 . 138 2481 100.0000 . . . 0.2677 0.0000 0.2892 . . . . . . . 6 . . . 
'X-RAY DIFFRACTION' 2.7400 3.1400  2626 . 136 2490 100.0000 . . . 0.3572 0.0000 0.2703 . . . . . . . 6 . . . 
'X-RAY DIFFRACTION' 3.1400 3.9500  2631 . 131 2500 100.0000 . . . 0.3206 0.0000 0.2349 . . . . . . . 6 . . . 
'X-RAY DIFFRACTION' 3.9500 29.8800 2636 . 135 2501 100.0000 . . . 0.2116 0.0000 0.1812 . . . . . . . 6 . . . 
# 
_struct.entry_id                     7XIT 
_struct.title                        
;Crystal structure of engineered HIV-1 Reverse Transcriptase RNase H domain complexed with nitrofuran methoxy(methoxycarbonyl)phenyl ester
;
_struct.pdbx_model_details           ? 
_struct.pdbx_formula_weight          ? 
_struct.pdbx_formula_weight_method   ? 
_struct.pdbx_model_type_details      ? 
_struct.pdbx_CASP_flag               N 
# 
_struct_keywords.entry_id        7XIT 
_struct_keywords.text            'ribonuclease, VIRAL PROTEIN' 
_struct_keywords.pdbx_keywords   'VIRAL PROTEIN' 
# 
loop_
_struct_asym.id 
_struct_asym.pdbx_blank_PDB_chainid_flag 
_struct_asym.pdbx_modified 
_struct_asym.entity_id 
_struct_asym.details 
A N N 1 ? 
B N N 2 ? 
C N N 2 ? 
D N N 3 ? 
E N N 3 ? 
F N N 4 ? 
G N N 5 ? 
# 
loop_
_struct_conf.conf_type_id 
_struct_conf.id 
_struct_conf.pdbx_PDB_helix_id 
_struct_conf.beg_label_comp_id 
_struct_conf.beg_label_asym_id 
_struct_conf.beg_label_seq_id 
_struct_conf.pdbx_beg_PDB_ins_code 
_struct_conf.end_label_comp_id 
_struct_conf.end_label_asym_id 
_struct_conf.end_label_seq_id 
_struct_conf.pdbx_end_PDB_ins_code 
_struct_conf.beg_auth_comp_id 
_struct_conf.beg_auth_asym_id 
_struct_conf.beg_auth_seq_id 
_struct_conf.end_auth_comp_id 
_struct_conf.end_auth_asym_id 
_struct_conf.end_auth_seq_id 
_struct_conf.pdbx_PDB_helix_class 
_struct_conf.details 
_struct_conf.pdbx_PDB_helix_length 
HELX_P HELX_P1 AA1 THR A 53  ? ASP A 68  ? THR A 53  ASP A 68  1 ? 16 
HELX_P HELX_P2 AA2 SER A 79  ? ASN A 92  ? SER A 79  ASN A 92  1 ? 14 
HELX_P HELX_P3 AA3 ASN A 104 ? LYS A 117 ? ASN A 104 LYS A 117 1 ? 14 
HELX_P HELX_P4 AA4 GLY A 133 ? ALA A 144 ? GLY A 133 ALA A 144 1 ? 12 
# 
_struct_conf_type.id          HELX_P 
_struct_conf_type.criteria    ? 
_struct_conf_type.reference   ? 
# 
loop_
_struct_conn.id 
_struct_conn.conn_type_id 
_struct_conn.pdbx_leaving_atom_flag 
_struct_conn.pdbx_PDB_id 
_struct_conn.ptnr1_label_asym_id 
_struct_conn.ptnr1_label_comp_id 
_struct_conn.ptnr1_label_seq_id 
_struct_conn.ptnr1_label_atom_id 
_struct_conn.pdbx_ptnr1_label_alt_id 
_struct_conn.pdbx_ptnr1_PDB_ins_code 
_struct_conn.pdbx_ptnr1_standard_comp_id 
_struct_conn.ptnr1_symmetry 
_struct_conn.ptnr2_label_asym_id 
_struct_conn.ptnr2_label_comp_id 
_struct_conn.ptnr2_label_seq_id 
_struct_conn.ptnr2_label_atom_id 
_struct_conn.pdbx_ptnr2_label_alt_id 
_struct_conn.pdbx_ptnr2_PDB_ins_code 
_struct_conn.ptnr1_auth_asym_id 
_struct_conn.ptnr1_auth_comp_id 
_struct_conn.ptnr1_auth_seq_id 
_struct_conn.ptnr2_auth_asym_id 
_struct_conn.ptnr2_auth_comp_id 
_struct_conn.ptnr2_auth_seq_id 
_struct_conn.ptnr2_symmetry 
_struct_conn.pdbx_ptnr3_label_atom_id 
_struct_conn.pdbx_ptnr3_label_seq_id 
_struct_conn.pdbx_ptnr3_label_comp_id 
_struct_conn.pdbx_ptnr3_label_asym_id 
_struct_conn.pdbx_ptnr3_label_alt_id 
_struct_conn.pdbx_ptnr3_PDB_ins_code 
_struct_conn.details 
_struct_conn.pdbx_dist_value 
_struct_conn.pdbx_value_order 
_struct_conn.pdbx_role 
metalc1  metalc ? ? A ASP 23  OD1 ? ? ? 1_555 B MN  . MN  ? ? A ASP 23  A MN  201 1_555 ? ? ? ? ? ? ? 1.944 ? ? 
metalc2  metalc ? ? A ASP 23  OD2 ? ? ? 1_555 C MN  . MN  ? ? A ASP 23  A MN  202 1_555 ? ? ? ? ? ? ? 1.953 ? ? 
metalc3  metalc ? ? A ASP 51  OD1 ? ? ? 1_555 D ZN  . ZN  ? ? A ASP 51  A ZN  203 6_444 ? ? ? ? ? ? ? 2.065 ? ? 
metalc4  metalc ? ? A GLU 58  OE2 ? ? ? 1_555 B MN  . MN  ? ? A GLU 58  A MN  201 1_555 ? ? ? ? ? ? ? 1.799 ? ? 
metalc5  metalc ? ? A GLU 72  OE2 ? ? ? 1_555 E ZN  . ZN  ? ? A GLU 72  A ZN  204 1_555 ? ? ? ? ? ? ? 2.065 ? ? 
metalc6  metalc ? ? A ASP 78  OD1 ? ? ? 1_555 B MN  . MN  ? ? A ASP 78  A MN  201 1_555 ? ? ? ? ? ? ? 2.043 ? ? 
metalc7  metalc ? ? A ASP 78  OD2 ? ? ? 1_555 B MN  . MN  ? ? A ASP 78  A MN  201 1_555 ? ? ? ? ? ? ? 2.718 ? ? 
metalc8  metalc ? ? A ASP 78  OD2 ? ? ? 1_555 C MN  . MN  ? ? A ASP 78  A MN  202 1_555 ? ? ? ? ? ? ? 2.615 ? ? 
metalc9  metalc ? ? A HIS 91  ND1 ? ? ? 1_555 E ZN  . ZN  ? ? A HIS 91  A ZN  204 4_554 ? ? ? ? ? ? ? 2.275 ? ? 
metalc10 metalc ? ? A GLU 119 OE1 ? ? ? 1_555 E ZN  . ZN  ? ? A GLU 119 A ZN  204 1_555 ? ? ? ? ? ? ? 1.894 ? ? 
metalc11 metalc ? ? A HIS 129 NE2 ? ? ? 1_555 D ZN  . ZN  ? ? A HIS 129 A ZN  203 1_555 ? ? ? ? ? ? ? 2.253 ? ? 
metalc12 metalc ? ? A GLU 136 OE1 ? ? ? 1_555 D ZN  . ZN  ? ? A GLU 136 A ZN  203 1_555 ? ? ? ? ? ? ? 2.156 ? ? 
metalc13 metalc ? ? A ASP 139 OD2 ? ? ? 1_555 C MN  . MN  ? ? A ASP 139 A MN  202 1_555 ? ? ? ? ? ? ? 2.275 ? ? 
metalc14 metalc ? ? B MN  .   MN  ? ? ? 1_555 F E6I . OAA ? ? A MN  201 A E6I 205 1_555 ? ? ? ? ? ? ? 1.746 ? ? 
metalc15 metalc ? ? C MN  .   MN  ? ? ? 1_555 F E6I . OAK ? ? A MN  202 A E6I 205 1_555 ? ? ? ? ? ? ? 2.247 ? ? 
metalc16 metalc ? ? D ZN  .   ZN  ? ? ? 1_555 G HOH . O   ? ? A ZN  203 A HOH 301 6_544 ? ? ? ? ? ? ? 2.069 ? ? 
metalc17 metalc ? ? E ZN  .   ZN  ? ? ? 1_555 G HOH . O   ? ? A ZN  204 A HOH 302 1_555 ? ? ? ? ? ? ? 2.308 ? ? 
# 
_struct_conn_type.id          metalc 
_struct_conn_type.criteria    ? 
_struct_conn_type.reference   ? 
# 
_struct_sheet.id               AA1 
_struct_sheet.type             ? 
_struct_sheet.number_strands   5 
_struct_sheet.details          ? 
# 
loop_
_struct_sheet_order.sheet_id 
_struct_sheet_order.range_id_1 
_struct_sheet_order.range_id_2 
_struct_sheet_order.offset 
_struct_sheet_order.sense 
AA1 1 2 ? anti-parallel 
AA1 2 3 ? anti-parallel 
AA1 3 4 ? parallel      
AA1 4 5 ? parallel      
# 
loop_
_struct_sheet_range.sheet_id 
_struct_sheet_range.id 
_struct_sheet_range.beg_label_comp_id 
_struct_sheet_range.beg_label_asym_id 
_struct_sheet_range.beg_label_seq_id 
_struct_sheet_range.pdbx_beg_PDB_ins_code 
_struct_sheet_range.end_label_comp_id 
_struct_sheet_range.end_label_asym_id 
_struct_sheet_range.end_label_seq_id 
_struct_sheet_range.pdbx_end_PDB_ins_code 
_struct_sheet_range.beg_auth_comp_id 
_struct_sheet_range.beg_auth_asym_id 
_struct_sheet_range.beg_auth_seq_id 
_struct_sheet_range.end_auth_comp_id 
_struct_sheet_range.end_auth_asym_id 
_struct_sheet_range.end_auth_seq_id 
AA1 1 GLN A 44  ? LEU A 49  ? GLN A 44  LEU A 49  
AA1 2 LEU A 32  ? THR A 39  ? LEU A 32  THR A 39  
AA1 3 THR A 19  ? ASN A 27  ? THR A 19  ASN A 27  
AA1 4 GLU A 72  ? THR A 77  ? GLU A 72  THR A 77  
AA1 5 LYS A 120 ? TRP A 125 ? LYS A 120 TRP A 125 
# 
loop_
_pdbx_struct_sheet_hbond.sheet_id 
_pdbx_struct_sheet_hbond.range_id_1 
_pdbx_struct_sheet_hbond.range_id_2 
_pdbx_struct_sheet_hbond.range_1_label_atom_id 
_pdbx_struct_sheet_hbond.range_1_label_comp_id 
_pdbx_struct_sheet_hbond.range_1_label_asym_id 
_pdbx_struct_sheet_hbond.range_1_label_seq_id 
_pdbx_struct_sheet_hbond.range_1_PDB_ins_code 
_pdbx_struct_sheet_hbond.range_1_auth_atom_id 
_pdbx_struct_sheet_hbond.range_1_auth_comp_id 
_pdbx_struct_sheet_hbond.range_1_auth_asym_id 
_pdbx_struct_sheet_hbond.range_1_auth_seq_id 
_pdbx_struct_sheet_hbond.range_2_label_atom_id 
_pdbx_struct_sheet_hbond.range_2_label_comp_id 
_pdbx_struct_sheet_hbond.range_2_label_asym_id 
_pdbx_struct_sheet_hbond.range_2_label_seq_id 
_pdbx_struct_sheet_hbond.range_2_PDB_ins_code 
_pdbx_struct_sheet_hbond.range_2_auth_atom_id 
_pdbx_struct_sheet_hbond.range_2_auth_comp_id 
_pdbx_struct_sheet_hbond.range_2_auth_asym_id 
_pdbx_struct_sheet_hbond.range_2_auth_seq_id 
AA1 1 2 O VAL A 47 ? O VAL A 47 N ALA A 35  ? N ALA A 35  
AA1 2 3 O VAL A 38 ? O VAL A 38 N TYR A 21  ? N TYR A 21  
AA1 3 4 N PHE A 20 ? N PHE A 20 O ASN A 74  ? O ASN A 74  
AA1 4 5 N ILE A 75 ? N ILE A 75 O TYR A 122 ? O TYR A 122 
# 
_atom_sites.entry_id                    7XIT 
_atom_sites.Cartn_transf_matrix[1][1]   ? 
_atom_sites.Cartn_transf_matrix[1][2]   ? 
_atom_sites.Cartn_transf_matrix[1][3]   ? 
_atom_sites.Cartn_transf_matrix[2][1]   ? 
_atom_sites.Cartn_transf_matrix[2][2]   ? 
_atom_sites.Cartn_transf_matrix[2][3]   ? 
_atom_sites.Cartn_transf_matrix[3][1]   ? 
_atom_sites.Cartn_transf_matrix[3][2]   ? 
_atom_sites.Cartn_transf_matrix[3][3]   ? 
_atom_sites.Cartn_transf_vector[1]      ? 
_atom_sites.Cartn_transf_vector[2]      ? 
_atom_sites.Cartn_transf_vector[3]      ? 
_atom_sites.fract_transf_matrix[1][1]   0.00173064 
_atom_sites.fract_transf_matrix[1][2]   0.00911823 
_atom_sites.fract_transf_matrix[1][3]   -0.01333521 
_atom_sites.fract_transf_matrix[2][1]   0.01607563 
_atom_sites.fract_transf_matrix[2][2]   0.00035213 
_atom_sites.fract_transf_matrix[2][3]   0.00232707 
_atom_sites.fract_transf_matrix[3][1]   0.00119438 
_atom_sites.fract_transf_matrix[3][2]   -0.01006590 
_atom_sites.fract_transf_matrix[3][3]   -0.00672776 
_atom_sites.fract_transf_vector[1]      0.227633 
_atom_sites.fract_transf_vector[2]      -0.148965 
_atom_sites.fract_transf_vector[3]      -0.066361 
_atom_sites.solution_primary            ? 
_atom_sites.solution_secondary          ? 
_atom_sites.solution_hydrogens          ? 
_atom_sites.special_details             ? 
# 
loop_
_atom_type.symbol 
BR 
C  
MN 
N  
O  
S  
ZN 
# 
loop_
_atom_site.group_PDB 
_atom_site.id 
_atom_site.type_symbol 
_atom_site.label_atom_id 
_atom_site.label_alt_id 
_atom_site.label_comp_id 
_atom_site.label_asym_id 
_atom_site.label_entity_id 
_atom_site.label_seq_id 
_atom_site.pdbx_PDB_ins_code 
_atom_site.Cartn_x 
_atom_site.Cartn_y 
_atom_site.Cartn_z 
_atom_site.occupancy 
_atom_site.B_iso_or_equiv 
_atom_site.pdbx_formal_charge 
_atom_site.auth_seq_id 
_atom_site.auth_comp_id 
_atom_site.auth_asym_id 
_atom_site.auth_atom_id 
_atom_site.pdbx_PDB_model_num 
ATOM   1    N  N    . SER A 1 5   ? 18.722  1.825   -9.091  1.00 84.93  ? 5   SER A N    1 
ATOM   2    C  CA   . SER A 1 5   ? 18.512  1.335   -7.733  1.00 75.52  ? 5   SER A CA   1 
ATOM   3    C  C    . SER A 1 5   ? 18.395  -0.189  -7.751  1.00 75.81  ? 5   SER A C    1 
ATOM   4    O  O    . SER A 1 5   ? 18.798  -0.863  -8.707  1.00 79.94  ? 5   SER A O    1 
ATOM   5    C  CB   . SER A 1 5   ? 17.270  2.025   -7.157  1.00 71.06  ? 5   SER A CB   1 
ATOM   6    O  OG   . SER A 1 5   ? 17.133  3.333   -7.696  1.00 70.32  ? 5   SER A OG   1 
ATOM   7    N  N    . MET A 1 6   ? 17.837  -0.757  -6.674  1.00 74.32  ? 6   MET A N    1 
ATOM   8    C  CA   . MET A 1 6   ? 17.520  -2.184  -6.653  1.00 73.07  ? 6   MET A CA   1 
ATOM   9    C  C    . MET A 1 6   ? 16.376  -2.513  -7.608  1.00 70.79  ? 6   MET A C    1 
ATOM   10   O  O    . MET A 1 6   ? 16.199  -3.674  -7.996  1.00 67.68  ? 6   MET A O    1 
ATOM   11   C  CB   . MET A 1 6   ? 17.185  -2.615  -5.215  1.00 71.81  ? 6   MET A CB   1 
ATOM   12   C  CG   . MET A 1 6   ? 16.480  -3.959  -5.074  1.00 79.11  ? 6   MET A CG   1 
ATOM   13   S  SD   . MET A 1 6   ? 15.172  -4.052  -3.821  1.00 90.91  ? 6   MET A SD   1 
ATOM   14   C  CE   . MET A 1 6   ? 16.048  -3.762  -2.293  1.00 73.64  ? 6   MET A CE   1 
ATOM   15   N  N    . TYR A 1 7   ? 15.632  -1.495  -8.027  1.00 71.66  ? 7   TYR A N    1 
ATOM   16   C  CA   . TYR A 1 7   ? 14.446  -1.618  -8.863  1.00 68.35  ? 7   TYR A CA   1 
ATOM   17   C  C    . TYR A 1 7   ? 14.144  -0.214  -9.382  1.00 71.33  ? 7   TYR A C    1 
ATOM   18   O  O    . TYR A 1 7   ? 14.805  0.758   -8.999  1.00 69.61  ? 7   TYR A O    1 
ATOM   19   C  CB   . TYR A 1 7   ? 13.296  -2.221  -8.050  1.00 66.73  ? 7   TYR A CB   1 
ATOM   20   C  CG   . TYR A 1 7   ? 12.073  -2.648  -8.829  1.00 66.25  ? 7   TYR A CG   1 
ATOM   21   C  CD1  . TYR A 1 7   ? 11.981  -3.926  -9.372  1.00 63.46  ? 7   TYR A CD1  1 
ATOM   22   C  CD2  . TYR A 1 7   ? 10.979  -1.801  -8.956  1.00 65.20  ? 7   TYR A CD2  1 
ATOM   23   C  CE1  . TYR A 1 7   ? 10.851  -4.326  -10.064 1.00 61.51  ? 7   TYR A CE1  1 
ATOM   24   C  CE2  . TYR A 1 7   ? 9.852   -2.191  -9.647  1.00 61.41  ? 7   TYR A CE2  1 
ATOM   25   C  CZ   . TYR A 1 7   ? 9.792   -3.450  -10.195 1.00 56.52  ? 7   TYR A CZ   1 
ATOM   26   O  OH   . TYR A 1 7   ? 8.660   -3.824  -10.874 1.00 59.78  ? 7   TYR A OH   1 
ATOM   27   N  N    . GLN A 1 8   ? 13.166  -0.110  -10.280 1.00 60.50  ? 8   GLN A N    1 
ATOM   28   C  CA   . GLN A 1 8   ? 12.636  1.199   -10.642 1.00 59.09  ? 8   GLN A CA   1 
ATOM   29   C  C    . GLN A 1 8   ? 11.124  1.130   -10.678 1.00 62.26  ? 8   GLN A C    1 
ATOM   30   O  O    . GLN A 1 8   ? 10.563  0.247   -11.330 1.00 70.40  ? 8   GLN A O    1 
ATOM   31   C  CB   . GLN A 1 8   ? 13.154  1.678   -11.998 1.00 69.17  ? 8   GLN A CB   1 
ATOM   32   C  CG   . GLN A 1 8   ? 13.936  2.974   -11.925 1.00 67.03  ? 8   GLN A CG   1 
ATOM   33   C  CD   . GLN A 1 8   ? 15.413  2.756   -12.199 1.00 71.70  ? 8   GLN A CD   1 
ATOM   34   O  OE1  . GLN A 1 8   ? 16.276  3.338   -11.531 1.00 76.44  ? 8   GLN A OE1  1 
ATOM   35   N  NE2  . GLN A 1 8   ? 15.714  1.908   -13.189 1.00 59.78  ? 8   GLN A NE2  1 
ATOM   36   N  N    . LEU A 1 9   ? 10.470  2.052   -9.976  1.00 54.80  ? 9   LEU A N    1 
ATOM   37   C  CA   . LEU A 1 9   ? 9.038   2.225   -10.141 1.00 50.46  ? 9   LEU A CA   1 
ATOM   38   C  C    . LEU A 1 9   ? 8.753   3.069   -11.377 1.00 53.74  ? 9   LEU A C    1 
ATOM   39   O  O    . LEU A 1 9   ? 9.579   3.881   -11.804 1.00 52.19  ? 9   LEU A O    1 
ATOM   40   C  CB   . LEU A 1 9   ? 8.429   2.889   -8.915  1.00 48.74  ? 9   LEU A CB   1 
ATOM   41   C  CG   . LEU A 1 9   ? 8.743   2.202   -7.588  1.00 53.06  ? 9   LEU A CG   1 
ATOM   42   C  CD1  . LEU A 1 9   ? 8.102   2.971   -6.440  1.00 56.99  ? 9   LEU A CD1  1 
ATOM   43   C  CD2  . LEU A 1 9   ? 8.242   0.783   -7.622  1.00 47.73  ? 9   LEU A CD2  1 
ATOM   44   N  N    . GLU A 1 10  ? 7.568   2.870   -11.949 1.00 42.89  ? 10  GLU A N    1 
ATOM   45   C  CA   . GLU A 1 10  ? 7.211   3.605   -13.148 1.00 47.94  ? 10  GLU A CA   1 
ATOM   46   C  C    . GLU A 1 10  ? 6.977   5.072   -12.814 1.00 45.73  ? 10  GLU A C    1 
ATOM   47   O  O    . GLU A 1 10  ? 6.591   5.433   -11.706 1.00 44.65  ? 10  GLU A O    1 
ATOM   48   C  CB   . GLU A 1 10  ? 5.970   2.992   -13.800 1.00 44.31  ? 10  GLU A CB   1 
ATOM   49   C  CG   . GLU A 1 10  ? 6.131   1.498   -14.123 1.00 46.37  ? 10  GLU A CG   1 
ATOM   50   C  CD   . GLU A 1 10  ? 7.220   1.256   -15.146 1.00 47.00  ? 10  GLU A CD   1 
ATOM   51   O  OE1  . GLU A 1 10  ? 7.203   1.956   -16.170 1.00 52.22  ? 10  GLU A OE1  1 
ATOM   52   O  OE2  . GLU A 1 10  ? 8.098   0.390   -14.932 1.00 51.55  ? 10  GLU A OE2  1 
ATOM   53   N  N    . LYS A 1 11  ? 7.208   5.927   -13.795 1.00 48.83  ? 11  LYS A N    1 
ATOM   54   C  CA   . LYS A 1 11  ? 7.018   7.352   -13.593 1.00 48.18  ? 11  LYS A CA   1 
ATOM   55   C  C    . LYS A 1 11  ? 5.622   7.841   -13.970 1.00 47.60  ? 11  LYS A C    1 
ATOM   56   O  O    . LYS A 1 11  ? 5.279   8.985   -13.654 1.00 53.19  ? 11  LYS A O    1 
ATOM   57   C  CB   . LYS A 1 11  ? 8.093   8.108   -14.375 1.00 52.05  ? 11  LYS A CB   1 
ATOM   58   C  CG   . LYS A 1 11  ? 9.476   7.921   -13.764 1.00 56.73  ? 11  LYS A CG   1 
ATOM   59   C  CD   . LYS A 1 11  ? 10.566  8.051   -14.823 1.00 61.19  ? 11  LYS A CD   1 
ATOM   60   C  CE   . LYS A 1 11  ? 11.838  7.319   -14.418 1.00 66.40  ? 11  LYS A CE   1 
ATOM   61   N  NZ   . LYS A 1 11  ? 11.881  5.894   -14.882 1.00 71.18  ? 11  LYS A NZ   1 
ATOM   62   N  N    . GLU A 1 12  ? 4.815   7.014   -14.625 1.00 40.45  ? 12  GLU A N    1 
ATOM   63   C  CA   . GLU A 1 12  ? 3.408   7.303   -14.842 1.00 45.15  ? 12  GLU A CA   1 
ATOM   64   C  C    . GLU A 1 12  ? 2.655   5.979   -14.838 1.00 42.59  ? 12  GLU A C    1 
ATOM   65   O  O    . GLU A 1 12  ? 3.274   4.912   -14.903 1.00 41.56  ? 12  GLU A O    1 
ATOM   66   C  CB   . GLU A 1 12  ? 3.190   8.042   -16.163 1.00 49.55  ? 12  GLU A CB   1 
ATOM   67   C  CG   . GLU A 1 12  ? 3.940   7.468   -17.356 1.00 55.63  ? 12  GLU A CG   1 
ATOM   68   C  CD   . GLU A 1 12  ? 5.429   7.882   -17.490 1.00 55.28  ? 12  GLU A CD   1 
ATOM   69   O  OE1  . GLU A 1 12  ? 5.849   8.944   -17.023 1.00 49.08  ? 12  GLU A OE1  1 
ATOM   70   O  OE2  . GLU A 1 12  ? 6.196   7.114   -18.113 1.00 57.46  ? 12  GLU A OE2  1 
ATOM   71   N  N    . PRO A 1 13  ? 1.319   6.013   -14.718 1.00 46.23  ? 13  PRO A N    1 
ATOM   72   C  CA   . PRO A 1 13  ? 0.578   4.746   -14.725 1.00 40.57  ? 13  PRO A CA   1 
ATOM   73   C  C    . PRO A 1 13  ? 0.887   3.879   -15.939 1.00 42.58  ? 13  PRO A C    1 
ATOM   74   O  O    . PRO A 1 13  ? 1.102   4.366   -17.053 1.00 43.52  ? 13  PRO A O    1 
ATOM   75   C  CB   . PRO A 1 13  ? -0.883  5.194   -14.718 1.00 44.34  ? 13  PRO A CB   1 
ATOM   76   C  CG   . PRO A 1 13  ? -0.866  6.496   -14.024 1.00 46.10  ? 13  PRO A CG   1 
ATOM   77   C  CD   . PRO A 1 13  ? 0.403   7.157   -14.506 1.00 41.57  ? 13  PRO A CD   1 
ATOM   78   N  N    . ILE A 1 14  ? 0.905   2.571   -15.693 1.00 38.47  ? 14  ILE A N    1 
ATOM   79   C  CA   . ILE A 1 14  ? 1.081   1.566   -16.732 1.00 45.13  ? 14  ILE A CA   1 
ATOM   80   C  C    . ILE A 1 14  ? -0.247  1.435   -17.469 1.00 44.91  ? 14  ILE A C    1 
ATOM   81   O  O    . ILE A 1 14  ? -1.249  1.012   -16.888 1.00 41.89  ? 14  ILE A O    1 
ATOM   82   C  CB   . ILE A 1 14  ? 1.516   0.214   -16.155 1.00 37.21  ? 14  ILE A CB   1 
ATOM   83   C  CG1  . ILE A 1 14  ? 2.846   0.327   -15.401 1.00 40.74  ? 14  ILE A CG1  1 
ATOM   84   C  CG2  . ILE A 1 14  ? 1.632   -0.817  -17.287 1.00 39.17  ? 14  ILE A CG2  1 
ATOM   85   C  CD1  . ILE A 1 14  ? 2.968   -0.621  -14.171 1.00 42.28  ? 14  ILE A CD1  1 
ATOM   86   N  N    . VAL A 1 15  ? -0.255  1.777   -18.757 1.00 43.53  ? 15  VAL A N    1 
ATOM   87   C  CA   . VAL A 1 15  ? -1.500  1.741   -19.508 1.00 43.97  ? 15  VAL A CA   1 
ATOM   88   C  C    . VAL A 1 15  ? -1.931  0.295   -19.709 1.00 38.33  ? 15  VAL A C    1 
ATOM   89   O  O    . VAL A 1 15  ? -1.113  -0.584  -20.000 1.00 44.87  ? 15  VAL A O    1 
ATOM   90   C  CB   . VAL A 1 15  ? -1.321  2.482   -20.841 1.00 39.94  ? 15  VAL A CB   1 
ATOM   91   C  CG1  . VAL A 1 15  ? -2.627  2.566   -21.555 1.00 49.30  ? 15  VAL A CG1  1 
ATOM   92   C  CG2  . VAL A 1 15  ? -0.807  3.877   -20.567 1.00 50.35  ? 15  VAL A CG2  1 
ATOM   93   N  N    . GLY A 1 16  ? -3.223  0.028   -19.539 1.00 44.90  ? 16  GLY A N    1 
ATOM   94   C  CA   . GLY A 1 16  ? -3.741  -1.318  -19.660 1.00 41.33  ? 16  GLY A CA   1 
ATOM   95   C  C    . GLY A 1 16  ? -3.747  -2.123  -18.368 1.00 51.62  ? 16  GLY A C    1 
ATOM   96   O  O    . GLY A 1 16  ? -4.623  -2.978  -18.193 1.00 50.79  ? 16  GLY A O    1 
ATOM   97   N  N    . ALA A 1 17  ? -2.802  -1.876  -17.458 1.00 44.17  ? 17  ALA A N    1 
ATOM   98   C  CA   . ALA A 1 17  ? -2.691  -2.707  -16.264 1.00 45.45  ? 17  ALA A CA   1 
ATOM   99   C  C    . ALA A 1 17  ? -3.816  -2.422  -15.267 1.00 46.20  ? 17  ALA A C    1 
ATOM   100  O  O    . ALA A 1 17  ? -4.333  -1.303  -15.166 1.00 38.25  ? 17  ALA A O    1 
ATOM   101  C  CB   . ALA A 1 17  ? -1.331  -2.507  -15.592 1.00 44.85  ? 17  ALA A CB   1 
ATOM   102  N  N    . GLU A 1 18  ? -4.209  -3.463  -14.538 1.00 44.40  ? 18  GLU A N    1 
ATOM   103  C  CA   . GLU A 1 18  ? -5.231  -3.321  -13.513 1.00 46.53  ? 18  GLU A CA   1 
ATOM   104  C  C    . GLU A 1 18  ? -4.724  -2.425  -12.378 1.00 40.54  ? 18  GLU A C    1 
ATOM   105  O  O    . GLU A 1 18  ? -3.578  -2.542  -11.944 1.00 42.89  ? 18  GLU A O    1 
ATOM   106  C  CB   . GLU A 1 18  ? -5.624  -4.711  -12.985 1.00 46.90  ? 18  GLU A CB   1 
ATOM   107  C  CG   . GLU A 1 18  ? -6.436  -4.691  -11.693 1.00 43.46  ? 18  GLU A CG   1 
ATOM   108  C  CD   . GLU A 1 18  ? -7.002  -6.069  -11.301 1.00 47.57  ? 18  GLU A CD   1 
ATOM   109  O  OE1  . GLU A 1 18  ? -6.415  -7.115  -11.663 1.00 45.41  ? 18  GLU A OE1  1 
ATOM   110  O  OE2  . GLU A 1 18  ? -8.071  -6.095  -10.657 1.00 46.33  ? 18  GLU A OE2  1 
ATOM   111  N  N    . THR A 1 19  ? -5.583  -1.529  -11.891 1.00 41.67  ? 19  THR A N    1 
ATOM   112  C  CA   . THR A 1 19  ? -5.231  -0.603  -10.813 1.00 44.11  ? 19  THR A CA   1 
ATOM   113  C  C    . THR A 1 19  ? -5.855  -1.051  -9.490  1.00 38.64  ? 19  THR A C    1 
ATOM   114  O  O    . THR A 1 19  ? -7.059  -1.300  -9.424  1.00 39.80  ? 19  THR A O    1 
ATOM   115  C  CB   . THR A 1 19  ? -5.698  0.819   -11.155 1.00 41.35  ? 19  THR A CB   1 
ATOM   116  O  OG1  . THR A 1 19  ? -5.166  1.211   -12.426 1.00 45.26  ? 19  THR A OG1  1 
ATOM   117  C  CG2  . THR A 1 19  ? -5.215  1.813   -10.126 1.00 40.83  ? 19  THR A CG2  1 
ATOM   118  N  N    . PHE A 1 20  ? -5.046  -1.112  -8.434  1.00 46.11  ? 20  PHE A N    1 
ATOM   119  C  CA   . PHE A 1 20  ? -5.516  -1.423  -7.081  1.00 41.48  ? 20  PHE A CA   1 
ATOM   120  C  C    . PHE A 1 20  ? -5.527  -0.149  -6.247  1.00 40.39  ? 20  PHE A C    1 
ATOM   121  O  O    . PHE A 1 20  ? -4.465  0.439   -6.001  1.00 40.26  ? 20  PHE A O    1 
ATOM   122  C  CB   . PHE A 1 20  ? -4.616  -2.455  -6.394  1.00 39.26  ? 20  PHE A CB   1 
ATOM   123  C  CG   . PHE A 1 20  ? -4.712  -3.829  -6.966  1.00 43.19  ? 20  PHE A CG   1 
ATOM   124  C  CD1  . PHE A 1 20  ? -4.396  -4.068  -8.298  1.00 41.39  ? 20  PHE A CD1  1 
ATOM   125  C  CD2  . PHE A 1 20  ? -5.116  -4.895  -6.168  1.00 43.87  ? 20  PHE A CD2  1 
ATOM   126  C  CE1  . PHE A 1 20  ? -4.493  -5.339  -8.833  1.00 42.96  ? 20  PHE A CE1  1 
ATOM   127  C  CE2  . PHE A 1 20  ? -5.208  -6.182  -6.698  1.00 43.09  ? 20  PHE A CE2  1 
ATOM   128  C  CZ   . PHE A 1 20  ? -4.902  -6.396  -8.034  1.00 43.34  ? 20  PHE A CZ   1 
ATOM   129  N  N    . TYR A 1 21  ? -6.706  0.255   -5.781  1.00 35.14  ? 21  TYR A N    1 
ATOM   130  C  CA   . TYR A 1 21  ? -6.817  1.364   -4.836  1.00 38.77  ? 21  TYR A CA   1 
ATOM   131  C  C    . TYR A 1 21  ? -6.766  0.785   -3.433  1.00 45.90  ? 21  TYR A C    1 
ATOM   132  O  O    . TYR A 1 21  ? -7.727  0.146   -2.987  1.00 40.05  ? 21  TYR A O    1 
ATOM   133  C  CB   . TYR A 1 21  ? -8.107  2.150   -5.031  1.00 38.05  ? 21  TYR A CB   1 
ATOM   134  C  CG   . TYR A 1 21  ? -8.269  2.783   -6.400  1.00 43.36  ? 21  TYR A CG   1 
ATOM   135  C  CD1  . TYR A 1 21  ? -7.809  4.076   -6.641  1.00 41.64  ? 21  TYR A CD1  1 
ATOM   136  C  CD2  . TYR A 1 21  ? -8.899  2.101   -7.437  1.00 37.27  ? 21  TYR A CD2  1 
ATOM   137  C  CE1  . TYR A 1 21  ? -7.964  4.672   -7.869  1.00 43.99  ? 21  TYR A CE1  1 
ATOM   138  C  CE2  . TYR A 1 21  ? -9.066  2.697   -8.695  1.00 42.67  ? 21  TYR A CE2  1 
ATOM   139  C  CZ   . TYR A 1 21  ? -8.585  3.995   -8.896  1.00 44.18  ? 21  TYR A CZ   1 
ATOM   140  O  OH   . TYR A 1 21  ? -8.712  4.632   -10.115 1.00 44.50  ? 21  TYR A OH   1 
ATOM   141  N  N    . VAL A 1 22  ? -5.640  1.001   -2.742  1.00 37.13  ? 22  VAL A N    1 
ATOM   142  C  CA   . VAL A 1 22  ? -5.386  0.393   -1.439  1.00 36.29  ? 22  VAL A CA   1 
ATOM   143  C  C    . VAL A 1 22  ? -5.702  1.392   -0.336  1.00 39.29  ? 22  VAL A C    1 
ATOM   144  O  O    . VAL A 1 22  ? -5.595  2.613   -0.505  1.00 32.98  ? 22  VAL A O    1 
ATOM   145  C  CB   . VAL A 1 22  ? -3.928  -0.091  -1.325  1.00 34.41  ? 22  VAL A CB   1 
ATOM   146  C  CG1  . VAL A 1 22  ? -3.631  -1.069  -2.408  1.00 36.93  ? 22  VAL A CG1  1 
ATOM   147  C  CG2  . VAL A 1 22  ? -2.966  1.124   -1.387  1.00 36.09  ? 22  VAL A CG2  1 
ATOM   148  N  N    . ASP A 1 23  ? -6.105  0.866   0.813   1.00 39.14  ? 23  ASP A N    1 
ATOM   149  C  CA   . ASP A 1 23  ? -6.185  1.696   2.006   1.00 35.87  ? 23  ASP A CA   1 
ATOM   150  C  C    . ASP A 1 23  ? -6.187  0.810   3.238   1.00 43.99  ? 23  ASP A C    1 
ATOM   151  O  O    . ASP A 1 23  ? -6.520  -0.381  3.179   1.00 38.14  ? 23  ASP A O    1 
ATOM   152  C  CB   . ASP A 1 23  ? -7.425  2.586   2.018   1.00 38.61  ? 23  ASP A CB   1 
ATOM   153  C  CG   . ASP A 1 23  ? -7.219  3.834   2.847   1.00 41.91  ? 23  ASP A CG   1 
ATOM   154  O  OD1  . ASP A 1 23  ? -6.085  4.058   3.343   1.00 38.36  ? 23  ASP A OD1  1 
ATOM   155  O  OD2  . ASP A 1 23  ? -8.185  4.595   2.985   1.00 44.14  ? 23  ASP A OD2  1 
ATOM   156  N  N    . GLY A 1 24  ? -5.787  1.429   4.353   1.00 42.48  ? 24  GLY A N    1 
ATOM   157  C  CA   . GLY A 1 24  ? -5.907  0.821   5.655   1.00 36.79  ? 24  GLY A CA   1 
ATOM   158  C  C    . GLY A 1 24  ? -6.294  1.881   6.667   1.00 49.07  ? 24  GLY A C    1 
ATOM   159  O  O    . GLY A 1 24  ? -6.093  3.088   6.458   1.00 47.41  ? 24  GLY A O    1 
ATOM   160  N  N    . ALA A 1 25  ? -6.885  1.402   7.759   1.00 41.88  ? 25  ALA A N    1 
ATOM   161  C  CA   . ALA A 1 25  ? -7.328  2.212   8.882   1.00 44.71  ? 25  ALA A CA   1 
ATOM   162  C  C    . ALA A 1 25  ? -7.165  1.367   10.135  1.00 44.19  ? 25  ALA A C    1 
ATOM   163  O  O    . ALA A 1 25  ? -7.473  0.173   10.115  1.00 37.08  ? 25  ALA A O    1 
ATOM   164  C  CB   . ALA A 1 25  ? -8.794  2.649   8.749   1.00 44.55  ? 25  ALA A CB   1 
ATOM   165  N  N    . ALA A 1 26  ? -6.661  1.980   11.210  1.00 44.10  ? 26  ALA A N    1 
ATOM   166  C  CA   . ALA A 1 26  ? -6.564  1.311   12.498  1.00 44.00  ? 26  ALA A CA   1 
ATOM   167  C  C    . ALA A 1 26  ? -7.064  2.250   13.585  1.00 43.74  ? 26  ALA A C    1 
ATOM   168  O  O    . ALA A 1 26  ? -7.132  3.471   13.397  1.00 43.89  ? 26  ALA A O    1 
ATOM   169  C  CB   . ALA A 1 26  ? -5.124  0.846   12.801  1.00 37.39  ? 26  ALA A CB   1 
ATOM   170  N  N    . ASN A 1 27  ? -7.430  1.664   14.726  1.00 40.44  ? 27  ASN A N    1 
ATOM   171  C  CA   . ASN A 1 27  ? -7.855  2.420   15.899  1.00 42.49  ? 27  ASN A CA   1 
ATOM   172  C  C    . ASN A 1 27  ? -6.796  2.285   16.992  1.00 48.98  ? 27  ASN A C    1 
ATOM   173  O  O    . ASN A 1 27  ? -6.472  1.166   17.413  1.00 46.95  ? 27  ASN A O    1 
ATOM   174  C  CB   . ASN A 1 27  ? -9.207  1.939   16.414  1.00 43.46  ? 27  ASN A CB   1 
ATOM   175  C  CG   . ASN A 1 27  ? -9.511  2.501   17.778  1.00 51.09  ? 27  ASN A CG   1 
ATOM   176  O  OD1  . ASN A 1 27  ? -9.250  1.858   18.809  1.00 47.19  ? 27  ASN A OD1  1 
ATOM   177  N  ND2  . ASN A 1 27  ? -10.031 3.727   17.804  1.00 43.45  ? 27  ASN A ND2  1 
ATOM   178  N  N    . ARG A 1 28  ? -6.276  3.424   17.461  1.00 43.68  ? 28  ARG A N    1 
ATOM   179  C  CA   . ARG A 1 28  ? -5.149  3.424   18.397  1.00 50.55  ? 28  ARG A CA   1 
ATOM   180  C  C    . ARG A 1 28  ? -5.524  2.846   19.761  1.00 49.40  ? 28  ARG A C    1 
ATOM   181  O  O    . ARG A 1 28  ? -4.663  2.276   20.449  1.00 43.86  ? 28  ARG A O    1 
ATOM   182  C  CB   . ARG A 1 28  ? -4.611  4.850   18.568  1.00 43.98  ? 28  ARG A CB   1 
ATOM   183  C  CG   . ARG A 1 28  ? -3.239  5.084   17.967  1.00 57.80  ? 28  ARG A CG   1 
ATOM   184  C  CD   . ARG A 1 28  ? -2.635  6.407   18.454  1.00 62.89  ? 28  ARG A CD   1 
ATOM   185  N  NE   . ARG A 1 28  ? -2.803  7.495   17.494  1.00 61.90  ? 28  ARG A NE   1 
ATOM   186  C  CZ   . ARG A 1 28  ? -1.858  7.918   16.658  1.00 72.46  ? 28  ARG A CZ   1 
ATOM   187  N  NH1  . ARG A 1 28  ? -0.660  7.354   16.622  1.00 80.05  ? 28  ARG A NH1  1 
ATOM   188  N  NH2  . ARG A 1 28  ? -2.120  8.935   15.837  1.00 74.00  ? 28  ARG A NH2  1 
ATOM   189  N  N    . GLU A 1 29  ? -6.789  3.002   20.175  1.00 46.62  ? 29  GLU A N    1 
ATOM   190  C  CA   . GLU A 1 29  ? -7.203  2.579   21.512  1.00 46.15  ? 29  GLU A CA   1 
ATOM   191  C  C    . GLU A 1 29  ? -7.214  1.059   21.636  1.00 49.24  ? 29  GLU A C    1 
ATOM   192  O  O    . GLU A 1 29  ? -6.749  0.505   22.644  1.00 45.00  ? 29  GLU A O    1 
ATOM   193  C  CB   . GLU A 1 29  ? -8.588  3.142   21.825  1.00 46.11  ? 29  GLU A CB   1 
ATOM   194  C  CG   . GLU A 1 29  ? -8.614  4.601   22.224  1.00 47.21  ? 29  GLU A CG   1 
ATOM   195  C  CD   . GLU A 1 29  ? -8.396  5.535   21.042  1.00 48.80  ? 29  GLU A CD   1 
ATOM   196  O  OE1  . GLU A 1 29  ? -8.609  5.104   19.883  1.00 43.33  ? 29  GLU A OE1  1 
ATOM   197  O  OE2  . GLU A 1 29  ? -7.994  6.691   21.292  1.00 43.30  ? 29  GLU A OE2  1 
ATOM   198  N  N    . THR A 1 30  ? -7.719  0.375   20.611  1.00 39.71  ? 30  THR A N    1 
ATOM   199  C  CA   . THR A 1 30  ? -7.834  -1.074  20.590  1.00 42.34  ? 30  THR A CA   1 
ATOM   200  C  C    . THR A 1 30  ? -6.754  -1.766  19.763  1.00 39.55  ? 30  THR A C    1 
ATOM   201  O  O    . THR A 1 30  ? -6.612  -2.992  19.861  1.00 36.83  ? 30  THR A O    1 
ATOM   202  C  CB   . THR A 1 30  ? -9.186  -1.454  20.010  1.00 42.29  ? 30  THR A CB   1 
ATOM   203  O  OG1  . THR A 1 30  ? -9.262  -0.885  18.702  1.00 38.49  ? 30  THR A OG1  1 
ATOM   204  C  CG2  . THR A 1 30  ? -10.339 -0.891  20.872  1.00 37.23  ? 30  THR A CG2  1 
ATOM   205  N  N    . LYS A 1 31  ? -6.005  -1.029  18.944  1.00 42.57  ? 31  LYS A N    1 
ATOM   206  C  CA   . LYS A 1 31  ? -5.033  -1.593  17.998  1.00 37.99  ? 31  LYS A CA   1 
ATOM   207  C  C    . LYS A 1 31  ? -5.695  -2.521  16.987  1.00 35.70  ? 31  LYS A C    1 
ATOM   208  O  O    . LYS A 1 31  ? -5.033  -3.368  16.396  1.00 37.87  ? 31  LYS A O    1 
ATOM   209  C  CB   . LYS A 1 31  ? -3.898  -2.333  18.713  1.00 48.33  ? 31  LYS A CB   1 
ATOM   210  C  CG   . LYS A 1 31  ? -3.315  -1.618  19.933  1.00 49.77  ? 31  LYS A CG   1 
ATOM   211  C  CD   . LYS A 1 31  ? -2.086  -0.815  19.569  1.00 58.84  ? 31  LYS A CD   1 
ATOM   212  C  CE   . LYS A 1 31  ? -0.808  -1.496  20.067  1.00 60.31  ? 31  LYS A CE   1 
ATOM   213  N  NZ   . LYS A 1 31  ? 0.424   -0.911  19.452  1.00 60.93  ? 31  LYS A NZ   1 
ATOM   214  N  N    . LEU A 1 32  ? -6.994  -2.370  16.770  1.00 36.22  ? 32  LEU A N    1 
ATOM   215  C  CA   . LEU A 1 32  ? -7.693  -3.077  15.710  1.00 38.34  ? 32  LEU A CA   1 
ATOM   216  C  C    . LEU A 1 32  ? -7.676  -2.252  14.432  1.00 38.34  ? 32  LEU A C    1 
ATOM   217  O  O    . LEU A 1 32  ? -7.721  -1.022  14.471  1.00 34.40  ? 32  LEU A O    1 
ATOM   218  C  CB   . LEU A 1 32  ? -9.134  -3.324  16.106  1.00 35.31  ? 32  LEU A CB   1 
ATOM   219  C  CG   . LEU A 1 32  ? -9.235  -4.076  17.420  1.00 38.95  ? 32  LEU A CG   1 
ATOM   220  C  CD1  . LEU A 1 32  ? -10.652 -3.941  17.963  1.00 32.50  ? 32  LEU A CD1  1 
ATOM   221  C  CD2  . LEU A 1 32  ? -8.879  -5.480  17.082  1.00 34.51  ? 32  LEU A CD2  1 
ATOM   222  N  N    . GLY A 1 33  ? -7.661  -2.941  13.300  1.00 37.74  ? 33  GLY A N    1 
ATOM   223  C  CA   . GLY A 1 33  ? -7.660  -2.248  12.029  1.00 44.96  ? 33  GLY A CA   1 
ATOM   224  C  C    . GLY A 1 33  ? -8.097  -3.168  10.914  1.00 48.00  ? 33  GLY A C    1 
ATOM   225  O  O    . GLY A 1 33  ? -8.448  -4.329  11.139  1.00 37.24  ? 33  GLY A O    1 
ATOM   226  N  N    . LYS A 1 34  ? -8.076  -2.616  9.694   1.00 42.33  ? 34  LYS A N    1 
ATOM   227  C  CA   . LYS A 1 34  ? -8.406  -3.349  8.477   1.00 43.25  ? 34  LYS A CA   1 
ATOM   228  C  C    . LYS A 1 34  ? -7.564  -2.814  7.328   1.00 41.25  ? 34  LYS A C    1 
ATOM   229  O  O    . LYS A 1 34  ? -7.254  -1.620  7.272   1.00 43.14  ? 34  LYS A O    1 
ATOM   230  C  CB   . LYS A 1 34  ? -9.885  -3.222  8.086   1.00 44.35  ? 34  LYS A CB   1 
ATOM   231  C  CG   . LYS A 1 34  ? -10.891 -3.721  9.088   1.00 42.27  ? 34  LYS A CG   1 
ATOM   232  C  CD   . LYS A 1 34  ? -12.305 -3.565  8.520   1.00 39.59  ? 34  LYS A CD   1 
ATOM   233  C  CE   . LYS A 1 34  ? -13.350 -4.253  9.404   1.00 44.47  ? 34  LYS A CE   1 
ATOM   234  N  NZ   . LYS A 1 34  ? -14.701 -3.978  8.889   1.00 39.20  ? 34  LYS A NZ   1 
ATOM   235  N  N    . ALA A 1 35  ? -7.192  -3.714  6.415   1.00 44.10  ? 35  ALA A N    1 
ATOM   236  C  CA   . ALA A 1 35  ? -6.435  -3.380  5.211   1.00 47.41  ? 35  ALA A CA   1 
ATOM   237  C  C    . ALA A 1 35  ? -7.099  -4.045  4.015   1.00 48.84  ? 35  ALA A C    1 
ATOM   238  O  O    . ALA A 1 35  ? -7.646  -5.148  4.136   1.00 42.61  ? 35  ALA A O    1 
ATOM   239  C  CB   . ALA A 1 35  ? -4.975  -3.829  5.306   1.00 36.87  ? 35  ALA A CB   1 
ATOM   240  N  N    . GLY A 1 36  ? -7.071  -3.379  2.866   1.00 42.63  ? 36  GLY A N    1 
ATOM   241  C  CA   . GLY A 1 36  ? -7.638  -3.990  1.688   1.00 36.04  ? 36  GLY A CA   1 
ATOM   242  C  C    . GLY A 1 36  ? -7.471  -3.132  0.453   1.00 45.25  ? 36  GLY A C    1 
ATOM   243  O  O    . GLY A 1 36  ? -6.670  -2.187  0.420   1.00 41.13  ? 36  GLY A O    1 
ATOM   244  N  N    . TYR A 1 37  ? -8.240  -3.499  -0.577  1.00 37.87  ? 37  TYR A N    1 
ATOM   245  C  CA   . TYR A 1 37  ? -8.174  -2.835  -1.863  1.00 42.17  ? 37  TYR A CA   1 
ATOM   246  C  C    . TYR A 1 37  ? -9.503  -3.006  -2.576  1.00 40.27  ? 37  TYR A C    1 
ATOM   247  O  O    . TYR A 1 37  ? -10.286 -3.905  -2.256  1.00 43.96  ? 37  TYR A O    1 
ATOM   248  C  CB   . TYR A 1 37  ? -7.017  -3.373  -2.719  1.00 32.31  ? 37  TYR A CB   1 
ATOM   249  C  CG   . TYR A 1 37  ? -7.071  -4.846  -3.062  1.00 40.95  ? 37  TYR A CG   1 
ATOM   250  C  CD1  . TYR A 1 37  ? -7.995  -5.341  -3.986  1.00 39.65  ? 37  TYR A CD1  1 
ATOM   251  C  CD2  . TYR A 1 37  ? -6.166  -5.744  -2.490  1.00 37.94  ? 37  TYR A CD2  1 
ATOM   252  C  CE1  . TYR A 1 37  ? -8.035  -6.687  -4.308  1.00 37.72  ? 37  TYR A CE1  1 
ATOM   253  C  CE2  . TYR A 1 37  ? -6.194  -7.088  -2.821  1.00 42.15  ? 37  TYR A CE2  1 
ATOM   254  C  CZ   . TYR A 1 37  ? -7.138  -7.557  -3.727  1.00 42.64  ? 37  TYR A CZ   1 
ATOM   255  O  OH   . TYR A 1 37  ? -7.172  -8.909  -4.045  1.00 42.11  ? 37  TYR A OH   1 
ATOM   256  N  N    . VAL A 1 38  ? -9.772  -2.085  -3.495  1.00 42.10  ? 38  VAL A N    1 
ATOM   257  C  CA   . VAL A 1 38  ? -10.700 -2.273  -4.600  1.00 40.80  ? 38  VAL A CA   1 
ATOM   258  C  C    . VAL A 1 38  ? -9.932  -1.971  -5.885  1.00 47.03  ? 38  VAL A C    1 
ATOM   259  O  O    . VAL A 1 38  ? -9.001  -1.150  -5.884  1.00 41.82  ? 38  VAL A O    1 
ATOM   260  C  CB   . VAL A 1 38  ? -11.951 -1.390  -4.449  1.00 43.71  ? 38  VAL A CB   1 
ATOM   261  C  CG1  . VAL A 1 38  ? -12.639 -1.701  -3.128  1.00 38.18  ? 38  VAL A CG1  1 
ATOM   262  C  CG2  . VAL A 1 38  ? -11.568 0.074   -4.478  1.00 47.77  ? 38  VAL A CG2  1 
ATOM   263  N  N    . THR A 1 39  ? -10.282 -2.676  -6.972  1.00 40.05  ? 39  THR A N    1 
ATOM   264  C  CA   . THR A 1 39  ? -9.565  -2.535  -8.239  1.00 39.86  ? 39  THR A CA   1 
ATOM   265  C  C    . THR A 1 39  ? -10.532 -2.138  -9.345  1.00 44.21  ? 39  THR A C    1 
ATOM   266  O  O    . THR A 1 39  ? -11.752 -2.274  -9.211  1.00 38.82  ? 39  THR A O    1 
ATOM   267  C  CB   . THR A 1 39  ? -8.858  -3.822  -8.675  1.00 40.84  ? 39  THR A CB   1 
ATOM   268  O  OG1  . THR A 1 39  ? -9.748  -4.608  -9.479  1.00 38.91  ? 39  THR A OG1  1 
ATOM   269  C  CG2  . THR A 1 39  ? -8.446  -4.660  -7.459  1.00 44.97  ? 39  THR A CG2  1 
ATOM   270  N  N    . ASN A 1 40  ? -9.984  -1.648  -10.462 1.00 45.25  ? 40  ASN A N    1 
ATOM   271  C  CA   . ASN A 1 40  ? -10.868 -1.195  -11.532 1.00 45.46  ? 40  ASN A CA   1 
ATOM   272  C  C    . ASN A 1 40  ? -11.343 -2.327  -12.439 1.00 47.42  ? 40  ASN A C    1 
ATOM   273  O  O    . ASN A 1 40  ? -12.059 -2.060  -13.402 1.00 45.79  ? 40  ASN A O    1 
ATOM   274  C  CB   . ASN A 1 40  ? -10.204 -0.068  -12.353 1.00 44.03  ? 40  ASN A CB   1 
ATOM   275  C  CG   . ASN A 1 40  ? -8.925  -0.500  -13.081 1.00 48.98  ? 40  ASN A CG   1 
ATOM   276  O  OD1  . ASN A 1 40  ? -8.217  -1.414  -12.658 1.00 44.63  ? 40  ASN A OD1  1 
ATOM   277  N  ND2  . ASN A 1 40  ? -8.602  0.211   -14.172 1.00 52.25  ? 40  ASN A ND2  1 
ATOM   278  N  N    . ARG A 1 41  ? -10.979 -3.583  -12.166 1.00 45.58  ? 41  ARG A N    1 
ATOM   279  C  CA   . ARG A 1 41  ? -11.672 -4.720  -12.756 1.00 49.58  ? 41  ARG A CA   1 
ATOM   280  C  C    . ARG A 1 41  ? -12.622 -5.375  -11.760 1.00 47.12  ? 41  ARG A C    1 
ATOM   281  O  O    . ARG A 1 41  ? -12.826 -6.589  -11.799 1.00 50.12  ? 41  ARG A O    1 
ATOM   282  C  CB   . ARG A 1 41  ? -10.679 -5.748  -13.294 1.00 47.02  ? 41  ARG A CB   1 
ATOM   283  C  CG   . ARG A 1 41  ? -9.504  -5.138  -13.978 1.00 51.26  ? 41  ARG A CG   1 
ATOM   284  C  CD   . ARG A 1 41  ? -8.932  -6.036  -15.061 1.00 59.98  ? 41  ARG A CD   1 
ATOM   285  N  NE   . ARG A 1 41  ? -8.041  -5.265  -15.917 1.00 55.38  ? 41  ARG A NE   1 
ATOM   286  C  CZ   . ARG A 1 41  ? -6.963  -5.742  -16.522 1.00 56.18  ? 41  ARG A CZ   1 
ATOM   287  N  NH1  . ARG A 1 41  ? -6.613  -7.012  -16.415 1.00 56.34  ? 41  ARG A NH1  1 
ATOM   288  N  NH2  . ARG A 1 41  ? -6.217  -4.919  -17.253 1.00 57.02  ? 41  ARG A NH2  1 
ATOM   289  N  N    . GLY A 1 42  ? -13.199 -4.585  -10.859 1.00 50.20  ? 42  GLY A N    1 
ATOM   290  C  CA   . GLY A 1 42  ? -14.197 -5.088  -9.929  1.00 46.12  ? 42  GLY A CA   1 
ATOM   291  C  C    . GLY A 1 42  ? -13.709 -6.144  -8.960  1.00 47.72  ? 42  GLY A C    1 
ATOM   292  O  O    . GLY A 1 42  ? -14.505 -6.978  -8.521  1.00 52.33  ? 42  GLY A O    1 
ATOM   293  N  N    . ARG A 1 43  ? -12.426 -6.148  -8.630  1.00 47.95  ? 43  ARG A N    1 
ATOM   294  C  CA   . ARG A 1 43  ? -11.885 -7.005  -7.586  1.00 43.65  ? 43  ARG A CA   1 
ATOM   295  C  C    . ARG A 1 43  ? -11.869 -6.241  -6.265  1.00 48.93  ? 43  ARG A C    1 
ATOM   296  O  O    . ARG A 1 43  ? -11.716 -5.016  -6.246  1.00 50.06  ? 43  ARG A O    1 
ATOM   297  C  CB   . ARG A 1 43  ? -10.469 -7.448  -7.946  1.00 46.11  ? 43  ARG A CB   1 
ATOM   298  C  CG   . ARG A 1 43  ? -10.335 -8.851  -8.447  1.00 50.96  ? 43  ARG A CG   1 
ATOM   299  C  CD   . ARG A 1 43  ? -8.883  -9.317  -8.284  1.00 58.78  ? 43  ARG A CD   1 
ATOM   300  N  NE   . ARG A 1 43  ? -8.054  -9.000  -9.447  1.00 50.03  ? 43  ARG A NE   1 
ATOM   301  C  CZ   . ARG A 1 43  ? -6.880  -9.562  -9.699  1.00 50.80  ? 43  ARG A CZ   1 
ATOM   302  N  NH1  . ARG A 1 43  ? -6.355  -10.460 -8.881  1.00 55.36  ? 43  ARG A NH1  1 
ATOM   303  N  NH2  . ARG A 1 43  ? -6.222  -9.229  -10.805 1.00 49.82  ? 43  ARG A NH2  1 
ATOM   304  N  N    . GLN A 1 44  ? -12.026 -6.964  -5.154  1.00 40.78  ? 44  GLN A N    1 
ATOM   305  C  CA   . GLN A 1 44  ? -11.914 -6.312  -3.856  1.00 42.91  ? 44  GLN A CA   1 
ATOM   306  C  C    . GLN A 1 44  ? -11.588 -7.354  -2.799  1.00 46.78  ? 44  GLN A C    1 
ATOM   307  O  O    . GLN A 1 44  ? -11.920 -8.533  -2.944  1.00 49.05  ? 44  GLN A O    1 
ATOM   308  C  CB   . GLN A 1 44  ? -13.189 -5.543  -3.469  1.00 41.13  ? 44  GLN A CB   1 
ATOM   309  C  CG   . GLN A 1 44  ? -14.143 -6.299  -2.540  1.00 54.81  ? 44  GLN A CG   1 
ATOM   310  C  CD   . GLN A 1 44  ? -15.142 -5.397  -1.811  1.00 54.78  ? 44  GLN A CD   1 
ATOM   311  O  OE1  . GLN A 1 44  ? -15.776 -4.532  -2.416  1.00 52.33  ? 44  GLN A OE1  1 
ATOM   312  N  NE2  . GLN A 1 44  ? -15.290 -5.615  -0.500  1.00 53.14  ? 44  GLN A NE2  1 
ATOM   313  N  N    . LYS A 1 45  ? -10.921 -6.900  -1.743  1.00 43.54  ? 45  LYS A N    1 
ATOM   314  C  CA   . LYS A 1 45  ? -10.558 -7.737  -0.609  1.00 43.19  ? 45  LYS A CA   1 
ATOM   315  C  C    . LYS A 1 45  ? -10.402 -6.819  0.588   1.00 48.38  ? 45  LYS A C    1 
ATOM   316  O  O    . LYS A 1 45  ? -9.931  -5.684  0.437   1.00 42.38  ? 45  LYS A O    1 
ATOM   317  C  CB   . LYS A 1 45  ? -9.257  -8.516  -0.854  1.00 46.60  ? 45  LYS A CB   1 
ATOM   318  C  CG   . LYS A 1 45  ? -8.683  -9.174  0.412   1.00 39.15  ? 45  LYS A CG   1 
ATOM   319  C  CD   . LYS A 1 45  ? -7.431  -9.987  0.126   1.00 44.15  ? 45  LYS A CD   1 
ATOM   320  C  CE   . LYS A 1 45  ? -7.759  -11.302 -0.566  1.00 39.12  ? 45  LYS A CE   1 
ATOM   321  N  NZ   . LYS A 1 45  ? -6.522  -12.031 -0.951  1.00 44.35  ? 45  LYS A NZ   1 
ATOM   322  N  N    . VAL A 1 46  ? -10.828 -7.296  1.760   1.00 40.85  ? 46  VAL A N    1 
ATOM   323  C  CA   . VAL A 1 46  ? -10.644 -6.590  3.026   1.00 41.13  ? 46  VAL A CA   1 
ATOM   324  C  C    . VAL A 1 46  ? -10.253 -7.613  4.079   1.00 47.23  ? 46  VAL A C    1 
ATOM   325  O  O    . VAL A 1 46  ? -10.893 -8.661  4.206   1.00 44.08  ? 46  VAL A O    1 
ATOM   326  C  CB   . VAL A 1 46  ? -11.907 -5.835  3.484   1.00 47.17  ? 46  VAL A CB   1 
ATOM   327  C  CG1  . VAL A 1 46  ? -11.687 -5.240  4.874   1.00 40.45  ? 46  VAL A CG1  1 
ATOM   328  C  CG2  . VAL A 1 46  ? -12.286 -4.737  2.491   1.00 47.87  ? 46  VAL A CG2  1 
ATOM   329  N  N    . VAL A 1 47  ? -9.210  -7.323  4.830   1.00 44.23  ? 47  VAL A N    1 
ATOM   330  C  CA   . VAL A 1 47  ? -8.809  -8.197  5.916   1.00 43.04  ? 47  VAL A CA   1 
ATOM   331  C  C    . VAL A 1 47  ? -8.925  -7.410  7.211   1.00 52.55  ? 47  VAL A C    1 
ATOM   332  O  O    . VAL A 1 47  ? -8.795  -6.181  7.225   1.00 50.97  ? 47  VAL A O    1 
ATOM   333  C  CB   . VAL A 1 47  ? -7.383  -8.749  5.707   1.00 45.29  ? 47  VAL A CB   1 
ATOM   334  C  CG1  . VAL A 1 47  ? -7.186  -9.178  4.254   1.00 39.16  ? 47  VAL A CG1  1 
ATOM   335  C  CG2  . VAL A 1 47  ? -6.348  -7.714  6.097   1.00 55.07  ? 47  VAL A CG2  1 
ATOM   336  N  N    . THR A 1 48  ? -9.231  -8.112  8.293   1.00 50.94  ? 48  THR A N    1 
ATOM   337  C  CA   . THR A 1 48  ? -9.206  -7.523  9.625   1.00 49.97  ? 48  THR A CA   1 
ATOM   338  C  C    . THR A 1 48  ? -7.927  -7.926  10.344  1.00 43.55  ? 48  THR A C    1 
ATOM   339  O  O    . THR A 1 48  ? -7.393  -9.020  10.132  1.00 52.74  ? 48  THR A O    1 
ATOM   340  C  CB   . THR A 1 48  ? -10.442 -7.935  10.424  1.00 46.92  ? 48  THR A CB   1 
ATOM   341  O  OG1  . THR A 1 48  ? -11.578 -7.839  9.570   1.00 50.08  ? 48  THR A OG1  1 
ATOM   342  C  CG2  . THR A 1 48  ? -10.656 -7.031  11.638  1.00 46.71  ? 48  THR A CG2  1 
ATOM   343  N  N    . LEU A 1 49  ? -7.416  -7.017  11.174  1.00 43.75  ? 49  LEU A N    1 
ATOM   344  C  CA   . LEU A 1 49  ? -6.083  -7.158  11.746  1.00 38.48  ? 49  LEU A CA   1 
ATOM   345  C  C    . LEU A 1 49  ? -6.090  -6.739  13.214  1.00 40.53  ? 49  LEU A C    1 
ATOM   346  O  O    . LEU A 1 49  ? -6.858  -5.865  13.613  1.00 39.14  ? 49  LEU A O    1 
ATOM   347  C  CB   . LEU A 1 49  ? -5.074  -6.309  10.956  1.00 44.25  ? 49  LEU A CB   1 
ATOM   348  C  CG   . LEU A 1 49  ? -4.708  -6.726  9.523   1.00 40.84  ? 49  LEU A CG   1 
ATOM   349  C  CD1  . LEU A 1 49  ? -4.096  -5.540  8.763   1.00 40.67  ? 49  LEU A CD1  1 
ATOM   350  C  CD2  . LEU A 1 49  ? -3.721  -7.894  9.543   1.00 32.27  ? 49  LEU A CD2  1 
ATOM   351  N  N    . THR A 1 50  ? -5.208  -7.341  14.018  1.00 41.72  ? 50  THR A N    1 
ATOM   352  C  CA   . THR A 1 50  ? -5.090  -6.992  15.430  1.00 35.70  ? 50  THR A CA   1 
ATOM   353  C  C    . THR A 1 50  ? -3.670  -6.528  15.729  1.00 40.37  ? 50  THR A C    1 
ATOM   354  O  O    . THR A 1 50  ? -2.724  -6.835  14.999  1.00 39.58  ? 50  THR A O    1 
ATOM   355  C  CB   . THR A 1 50  ? -5.470  -8.173  16.350  1.00 38.84  ? 50  THR A CB   1 
ATOM   356  O  OG1  . THR A 1 50  ? -4.556  -9.261  16.138  1.00 34.45  ? 50  THR A OG1  1 
ATOM   357  C  CG2  . THR A 1 50  ? -6.924  -8.658  16.079  1.00 28.62  ? 50  THR A CG2  1 
ATOM   358  N  N    . ASP A 1 51  ? -3.528  -5.767  16.816  1.00 35.22  ? 51  ASP A N    1 
ATOM   359  C  CA   . ASP A 1 51  ? -2.207  -5.353  17.296  1.00 43.39  ? 51  ASP A CA   1 
ATOM   360  C  C    . ASP A 1 51  ? -1.463  -4.540  16.244  1.00 43.74  ? 51  ASP A C    1 
ATOM   361  O  O    . ASP A 1 51  ? -0.249  -4.670  16.091  1.00 48.68  ? 51  ASP A O    1 
ATOM   362  C  CB   . ASP A 1 51  ? -1.370  -6.561  17.708  1.00 40.13  ? 51  ASP A CB   1 
ATOM   363  C  CG   . ASP A 1 51  ? -2.202  -7.641  18.367  1.00 44.25  ? 51  ASP A CG   1 
ATOM   364  O  OD1  . ASP A 1 51  ? -2.577  -7.434  19.537  1.00 45.95  ? 51  ASP A OD1  1 
ATOM   365  O  OD2  . ASP A 1 51  ? -2.489  -8.677  17.718  1.00 35.50  ? 51  ASP A OD2  1 
ATOM   366  N  N    . THR A 1 52  ? -2.199  -3.709  15.511  1.00 44.35  ? 52  THR A N    1 
ATOM   367  C  CA   . THR A 1 52  ? -1.716  -3.003  14.332  1.00 37.13  ? 52  THR A CA   1 
ATOM   368  C  C    . THR A 1 52  ? -1.771  -1.493  14.561  1.00 42.96  ? 52  THR A C    1 
ATOM   369  O  O    . THR A 1 52  ? -2.267  -1.010  15.585  1.00 39.99  ? 52  THR A O    1 
ATOM   370  C  CB   . THR A 1 52  ? -2.560  -3.394  13.102  1.00 42.98  ? 52  THR A CB   1 
ATOM   371  O  OG1  . THR A 1 52  ? -1.874  -3.055  11.893  1.00 41.01  ? 52  THR A OG1  1 
ATOM   372  C  CG2  . THR A 1 52  ? -3.906  -2.679  13.116  1.00 39.13  ? 52  THR A CG2  1 
ATOM   373  N  N    . THR A 1 53  ? -1.246  -0.736  13.588  1.00 43.72  ? 53  THR A N    1 
ATOM   374  C  CA   . THR A 1 53  ? -1.315  0.720   13.593  1.00 39.36  ? 53  THR A CA   1 
ATOM   375  C  C    . THR A 1 53  ? -1.721  1.205   12.205  1.00 46.55  ? 53  THR A C    1 
ATOM   376  O  O    . THR A 1 53  ? -1.789  0.431   11.246  1.00 41.80  ? 53  THR A O    1 
ATOM   377  C  CB   . THR A 1 53  ? 0.022   1.363   13.965  1.00 44.40  ? 53  THR A CB   1 
ATOM   378  O  OG1  . THR A 1 53  ? 0.961   1.156   12.892  1.00 46.20  ? 53  THR A OG1  1 
ATOM   379  C  CG2  . THR A 1 53  ? 0.576   0.762   15.244  1.00 43.04  ? 53  THR A CG2  1 
ATOM   380  N  N    . ASN A 1 54  ? -1.971  2.509   12.099  1.00 39.01  ? 54  ASN A N    1 
ATOM   381  C  CA   . ASN A 1 54  ? -2.426  3.059   10.825  1.00 46.63  ? 54  ASN A CA   1 
ATOM   382  C  C    . ASN A 1 54  ? -1.370  2.877   9.745   1.00 41.33  ? 54  ASN A C    1 
ATOM   383  O  O    . ASN A 1 54  ? -1.689  2.496   8.614   1.00 42.20  ? 54  ASN A O    1 
ATOM   384  C  CB   . ASN A 1 54  ? -2.789  4.537   10.985  1.00 45.36  ? 54  ASN A CB   1 
ATOM   385  C  CG   . ASN A 1 54  ? -4.247  4.738   11.364  1.00 49.00  ? 54  ASN A CG   1 
ATOM   386  O  OD1  . ASN A 1 54  ? -5.147  4.413   10.586  1.00 46.87  ? 54  ASN A OD1  1 
ATOM   387  N  ND2  . ASN A 1 54  ? -4.489  5.286   12.560  1.00 58.10  ? 54  ASN A ND2  1 
ATOM   388  N  N    . GLN A 1 55  ? -0.107  3.121   10.082  1.00 31.96  ? 55  GLN A N    1 
ATOM   389  C  CA   . GLN A 1 55  ? 0.983   2.857   9.151   1.00 45.69  ? 55  GLN A CA   1 
ATOM   390  C  C    . GLN A 1 55  ? 1.056   1.388   8.750   1.00 45.14  ? 55  GLN A C    1 
ATOM   391  O  O    . GLN A 1 55  ? 1.282   1.071   7.576   1.00 41.62  ? 55  GLN A O    1 
ATOM   392  C  CB   . GLN A 1 55  ? 2.303   3.298   9.768   1.00 39.73  ? 55  GLN A CB   1 
ATOM   393  C  CG   . GLN A 1 55  ? 2.338   4.793   10.041  1.00 44.37  ? 55  GLN A CG   1 
ATOM   394  C  CD   . GLN A 1 55  ? 3.711   5.243   10.441  1.00 48.43  ? 55  GLN A CD   1 
ATOM   395  O  OE1  . GLN A 1 55  ? 4.608   4.420   10.606  1.00 53.86  ? 55  GLN A OE1  1 
ATOM   396  N  NE2  . GLN A 1 55  ? 3.885   6.542   10.630  1.00 52.45  ? 55  GLN A NE2  1 
ATOM   397  N  N    . LYS A 1 56  ? 0.910   0.471   9.708   1.00 42.70  ? 56  LYS A N    1 
ATOM   398  C  CA   . LYS A 1 56  ? 0.990   -0.941  9.348   1.00 42.01  ? 56  LYS A CA   1 
ATOM   399  C  C    . LYS A 1 56  ? -0.144  -1.331  8.405   1.00 35.75  ? 56  LYS A C    1 
ATOM   400  O  O    . LYS A 1 56  ? 0.087   -2.018  7.404   1.00 38.27  ? 56  LYS A O    1 
ATOM   401  C  CB   . LYS A 1 56  ? 0.971   -1.809  10.602  1.00 45.85  ? 56  LYS A CB   1 
ATOM   402  C  CG   . LYS A 1 56  ? 2.311   -2.398  10.968  1.00 46.20  ? 56  LYS A CG   1 
ATOM   403  C  CD   . LYS A 1 56  ? 2.168   -3.309  12.202  1.00 49.46  ? 56  LYS A CD   1 
ATOM   404  C  CE   . LYS A 1 56  ? 2.328   -4.800  11.852  1.00 53.51  ? 56  LYS A CE   1 
ATOM   405  N  NZ   . LYS A 1 56  ? 1.888   -5.725  12.970  1.00 65.73  ? 56  LYS A NZ   1 
ATOM   406  N  N    . THR A 1 57  ? -1.370  -0.880  8.688   1.00 33.18  ? 57  THR A N    1 
ATOM   407  C  CA   . THR A 1 57  ? -2.503  -1.216  7.825   1.00 38.95  ? 57  THR A CA   1 
ATOM   408  C  C    . THR A 1 57  ? -2.343  -0.634  6.416   1.00 41.02  ? 57  THR A C    1 
ATOM   409  O  O    . THR A 1 57  ? -2.727  -1.275  5.430   1.00 36.36  ? 57  THR A O    1 
ATOM   410  C  CB   . THR A 1 57  ? -3.816  -0.723  8.440   1.00 40.23  ? 57  THR A CB   1 
ATOM   411  O  OG1  . THR A 1 57  ? -3.826  0.715   8.472   1.00 33.90  ? 57  THR A OG1  1 
ATOM   412  C  CG2  . THR A 1 57  ? -4.015  -1.291  9.884   1.00 37.50  ? 57  THR A CG2  1 
ATOM   413  N  N    . GLU A 1 58  ? -1.825  0.595   6.299   1.00 36.91  ? 58  GLU A N    1 
ATOM   414  C  CA   . GLU A 1 58  ? -1.544  1.139   4.970   1.00 39.54  ? 58  GLU A CA   1 
ATOM   415  C  C    . GLU A 1 58  ? -0.558  0.247   4.237   1.00 33.60  ? 58  GLU A C    1 
ATOM   416  O  O    . GLU A 1 58  ? -0.773  -0.121  3.082   1.00 31.83  ? 58  GLU A O    1 
ATOM   417  C  CB   . GLU A 1 58  ? -1.001  2.572   5.061   1.00 35.03  ? 58  GLU A CB   1 
ATOM   418  C  CG   . GLU A 1 58  ? -1.964  3.628   5.578   1.00 33.42  ? 58  GLU A CG   1 
ATOM   419  C  CD   . GLU A 1 58  ? -3.095  3.954   4.601   1.00 40.95  ? 58  GLU A CD   1 
ATOM   420  O  OE1  . GLU A 1 58  ? -3.106  3.388   3.500   1.00 40.13  ? 58  GLU A OE1  1 
ATOM   421  O  OE2  . GLU A 1 58  ? -3.967  4.789   4.918   1.00 34.59  ? 58  GLU A OE2  1 
ATOM   422  N  N    . LEU A 1 59  ? 0.509   -0.156  4.923   1.00 35.08  ? 59  LEU A N    1 
ATOM   423  C  CA   . LEU A 1 59  ? 1.504   -1.036  4.313   1.00 40.66  ? 59  LEU A CA   1 
ATOM   424  C  C    . LEU A 1 59  ? 0.925   -2.413  3.995   1.00 43.15  ? 59  LEU A C    1 
ATOM   425  O  O    . LEU A 1 59  ? 1.262   -3.026  2.968   1.00 41.69  ? 59  LEU A O    1 
ATOM   426  C  CB   . LEU A 1 59  ? 2.710   -1.181  5.247   1.00 35.53  ? 59  LEU A CB   1 
ATOM   427  C  CG   . LEU A 1 59  ? 3.724   -0.032  5.317   1.00 47.86  ? 59  LEU A CG   1 
ATOM   428  C  CD1  . LEU A 1 59  ? 4.723   -0.270  6.451   1.00 42.28  ? 59  LEU A CD1  1 
ATOM   429  C  CD2  . LEU A 1 59  ? 4.452   0.177   3.975   1.00 39.45  ? 59  LEU A CD2  1 
ATOM   430  N  N    . GLN A 1 60  ? 0.069   -2.922  4.873   1.00 39.53  ? 60  GLN A N    1 
ATOM   431  C  CA   . GLN A 1 60  ? -0.453  -4.263  4.662   1.00 41.32  ? 60  GLN A CA   1 
ATOM   432  C  C    . GLN A 1 60  ? -1.336  -4.301  3.428   1.00 40.21  ? 60  GLN A C    1 
ATOM   433  O  O    . GLN A 1 60  ? -1.302  -5.269  2.664   1.00 42.64  ? 60  GLN A O    1 
ATOM   434  C  CB   . GLN A 1 60  ? -1.212  -4.717  5.906   1.00 37.35  ? 60  GLN A CB   1 
ATOM   435  C  CG   . GLN A 1 60  ? -0.377  -5.662  6.799   1.00 53.07  ? 60  GLN A CG   1 
ATOM   436  C  CD   . GLN A 1 60  ? -0.091  -7.020  6.136   1.00 50.31  ? 60  GLN A CD   1 
ATOM   437  O  OE1  . GLN A 1 60  ? -0.770  -7.422  5.188   1.00 55.86  ? 60  GLN A OE1  1 
ATOM   438  N  NE2  . GLN A 1 60  ? 0.892   -7.733  6.655   1.00 57.97  ? 60  GLN A NE2  1 
ATOM   439  N  N    . ALA A 1 61  ? -2.113  -3.235  3.211   1.00 38.85  ? 61  ALA A N    1 
ATOM   440  C  CA   . ALA A 1 61  ? -2.923  -3.117  2.004   1.00 42.31  ? 61  ALA A CA   1 
ATOM   441  C  C    . ALA A 1 61  ? -2.055  -3.168  0.743   1.00 36.48  ? 61  ALA A C    1 
ATOM   442  O  O    . ALA A 1 61  ? -2.376  -3.878  -0.213  1.00 38.00  ? 61  ALA A O    1 
ATOM   443  C  CB   . ALA A 1 61  ? -3.742  -1.826  2.066   1.00 39.76  ? 61  ALA A CB   1 
ATOM   444  N  N    . ILE A 1 62  ? -0.933  -2.445  0.737   1.00 37.55  ? 62  ILE A N    1 
ATOM   445  C  CA   . ILE A 1 62  ? -0.011  -2.496  -0.399  1.00 33.46  ? 62  ILE A CA   1 
ATOM   446  C  C    . ILE A 1 62  ? 0.520   -3.907  -0.605  1.00 42.96  ? 62  ILE A C    1 
ATOM   447  O  O    . ILE A 1 62  ? 0.625   -4.390  -1.743  1.00 41.05  ? 62  ILE A O    1 
ATOM   448  C  CB   . ILE A 1 62  ? 1.152   -1.519  -0.177  1.00 38.10  ? 62  ILE A CB   1 
ATOM   449  C  CG1  . ILE A 1 62  ? 0.683   -0.092  -0.385  1.00 44.78  ? 62  ILE A CG1  1 
ATOM   450  C  CG2  . ILE A 1 62  ? 2.317   -1.861  -1.118  1.00 43.65  ? 62  ILE A CG2  1 
ATOM   451  C  CD1  . ILE A 1 62  ? 1.796   0.913   -0.133  1.00 41.30  ? 62  ILE A CD1  1 
ATOM   452  N  N    . TYR A 1 63  ? 0.920   -4.567  0.486   1.00 44.77  ? 63  TYR A N    1 
ATOM   453  C  CA   . TYR A 1 63  ? 1.377   -5.952  0.385   1.00 43.98  ? 63  TYR A CA   1 
ATOM   454  C  C    . TYR A 1 63  ? 0.327   -6.837  -0.285  1.00 42.26  ? 63  TYR A C    1 
ATOM   455  O  O    . TYR A 1 63  ? 0.644   -7.657  -1.155  1.00 43.86  ? 63  TYR A O    1 
ATOM   456  C  CB   . TYR A 1 63  ? 1.712   -6.484  1.775   1.00 45.18  ? 63  TYR A CB   1 
ATOM   457  C  CG   . TYR A 1 63  ? 2.220   -7.899  1.742   1.00 46.44  ? 63  TYR A CG   1 
ATOM   458  C  CD1  . TYR A 1 63  ? 3.575   -8.159  1.602   1.00 45.07  ? 63  TYR A CD1  1 
ATOM   459  C  CD2  . TYR A 1 63  ? 1.345   -8.975  1.828   1.00 43.97  ? 63  TYR A CD2  1 
ATOM   460  C  CE1  . TYR A 1 63  ? 4.051   -9.448  1.568   1.00 49.79  ? 63  TYR A CE1  1 
ATOM   461  C  CE2  . TYR A 1 63  ? 1.812   -10.273 1.785   1.00 50.33  ? 63  TYR A CE2  1 
ATOM   462  C  CZ   . TYR A 1 63  ? 3.169   -10.504 1.659   1.00 52.45  ? 63  TYR A CZ   1 
ATOM   463  O  OH   . TYR A 1 63  ? 3.654   -11.794 1.618   1.00 52.63  ? 63  TYR A OH   1 
ATOM   464  N  N    . LEU A 1 64  ? -0.934  -6.686  0.122   1.00 37.82  ? 64  LEU A N    1 
ATOM   465  C  CA   . LEU A 1 64  ? -2.002  -7.484  -0.461  1.00 42.86  ? 64  LEU A CA   1 
ATOM   466  C  C    . LEU A 1 64  ? -2.166  -7.185  -1.945  1.00 41.66  ? 64  LEU A C    1 
ATOM   467  O  O    . LEU A 1 64  ? -2.481  -8.078  -2.734  1.00 42.35  ? 64  LEU A O    1 
ATOM   468  C  CB   . LEU A 1 64  ? -3.321  -7.222  0.275   1.00 40.28  ? 64  LEU A CB   1 
ATOM   469  C  CG   . LEU A 1 64  ? -3.525  -7.753  1.692   1.00 46.52  ? 64  LEU A CG   1 
ATOM   470  C  CD1  . LEU A 1 64  ? -4.895  -7.293  2.200   1.00 38.45  ? 64  LEU A CD1  1 
ATOM   471  C  CD2  . LEU A 1 64  ? -3.420  -9.251  1.752   1.00 39.87  ? 64  LEU A CD2  1 
ATOM   472  N  N    . ALA A 1 65  ? -1.977  -5.929  -2.346  1.00 42.58  ? 65  ALA A N    1 
ATOM   473  C  CA   . ALA A 1 65  ? -2.152  -5.596  -3.753  1.00 42.96  ? 65  ALA A CA   1 
ATOM   474  C  C    . ALA A 1 65  ? -1.061  -6.238  -4.602  1.00 41.91  ? 65  ALA A C    1 
ATOM   475  O  O    . ALA A 1 65  ? -1.335  -6.727  -5.703  1.00 42.44  ? 65  ALA A O    1 
ATOM   476  C  CB   . ALA A 1 65  ? -2.179  -4.079  -3.932  1.00 38.58  ? 65  ALA A CB   1 
ATOM   477  N  N    . LEU A 1 66  ? 0.178   -6.253  -4.101  1.00 38.77  ? 66  LEU A N    1 
ATOM   478  C  CA   . LEU A 1 66  ? 1.267   -6.947  -4.781  1.00 43.87  ? 66  LEU A CA   1 
ATOM   479  C  C    . LEU A 1 66  ? 1.058   -8.457  -4.802  1.00 45.48  ? 66  LEU A C    1 
ATOM   480  O  O    . LEU A 1 66  ? 1.413   -9.121  -5.780  1.00 40.85  ? 66  LEU A O    1 
ATOM   481  C  CB   . LEU A 1 66  ? 2.591   -6.610  -4.094  1.00 43.24  ? 66  LEU A CB   1 
ATOM   482  C  CG   . LEU A 1 66  ? 2.984   -5.136  -4.122  1.00 46.83  ? 66  LEU A CG   1 
ATOM   483  C  CD1  . LEU A 1 66  ? 4.159   -4.913  -3.180  1.00 44.65  ? 66  LEU A CD1  1 
ATOM   484  C  CD2  . LEU A 1 66  ? 3.338   -4.696  -5.557  1.00 39.96  ? 66  LEU A CD2  1 
ATOM   485  N  N    . GLN A 1 67  ? 0.490   -9.013  -3.728  1.00 48.87  ? 67  GLN A N    1 
ATOM   486  C  CA   . GLN A 1 67  ? 0.264   -10.452 -3.631  1.00 45.15  ? 67  GLN A CA   1 
ATOM   487  C  C    . GLN A 1 67  ? -0.736  -10.939 -4.672  1.00 43.69  ? 67  GLN A C    1 
ATOM   488  O  O    . GLN A 1 67  ? -0.543  -11.996 -5.285  1.00 48.41  ? 67  GLN A O    1 
ATOM   489  C  CB   . GLN A 1 67  ? -0.246  -10.783 -2.228  1.00 44.06  ? 67  GLN A CB   1 
ATOM   490  C  CG   . GLN A 1 67  ? -0.684  -12.244 -2.027  1.00 50.74  ? 67  GLN A CG   1 
ATOM   491  C  CD   . GLN A 1 67  ? -1.306  -12.464 -0.664  1.00 49.48  ? 67  GLN A CD   1 
ATOM   492  O  OE1  . GLN A 1 67  ? -0.609  -12.766 0.313   1.00 52.52  ? 67  GLN A OE1  1 
ATOM   493  N  NE2  . GLN A 1 67  ? -2.624  -12.290 -0.582  1.00 43.27  ? 67  GLN A NE2  1 
ATOM   494  N  N    . ASP A 1 68  ? -1.812  -10.192 -4.875  1.00 43.79  ? 68  ASP A N    1 
ATOM   495  C  CA   . ASP A 1 68  ? -2.944  -10.645 -5.669  1.00 44.92  ? 68  ASP A CA   1 
ATOM   496  C  C    . ASP A 1 68  ? -2.905  -10.153 -7.113  1.00 47.19  ? 68  ASP A C    1 
ATOM   497  O  O    . ASP A 1 68  ? -3.864  -10.389 -7.845  1.00 47.02  ? 68  ASP A O    1 
ATOM   498  C  CB   . ASP A 1 68  ? -4.257  -10.189 -5.027  1.00 42.50  ? 68  ASP A CB   1 
ATOM   499  C  CG   . ASP A 1 68  ? -4.440  -10.701 -3.610  1.00 42.60  ? 68  ASP A CG   1 
ATOM   500  O  OD1  . ASP A 1 68  ? -3.608  -11.495 -3.138  1.00 44.77  ? 68  ASP A OD1  1 
ATOM   501  O  OD2  . ASP A 1 68  ? -5.433  -10.298 -2.967  1.00 43.06  ? 68  ASP A OD2  1 
ATOM   502  N  N    . SER A 1 69  ? -1.845  -9.466  -7.536  1.00 42.08  ? 69  SER A N    1 
ATOM   503  C  CA   . SER A 1 69  ? -1.840  -8.805  -8.836  1.00 42.93  ? 69  SER A CA   1 
ATOM   504  C  C    . SER A 1 69  ? -0.884  -9.483  -9.801  1.00 43.30  ? 69  SER A C    1 
ATOM   505  O  O    . SER A 1 69  ? 0.022   -10.222 -9.404  1.00 43.82  ? 69  SER A O    1 
ATOM   506  C  CB   . SER A 1 69  ? -1.474  -7.324  -8.707  1.00 39.90  ? 69  SER A CB   1 
ATOM   507  O  OG   . SER A 1 69  ? -0.204  -7.118  -8.090  1.00 39.20  ? 69  SER A OG   1 
ATOM   508  N  N    . GLY A 1 70  ? -1.100  -9.206  -11.086 1.00 46.73  ? 70  GLY A N    1 
ATOM   509  C  CA   . GLY A 1 70  ? -0.208  -9.681  -12.125 1.00 39.13  ? 70  GLY A CA   1 
ATOM   510  C  C    . GLY A 1 70  ? 1.192   -9.093  -12.078 1.00 45.74  ? 70  GLY A C    1 
ATOM   511  O  O    . GLY A 1 70  ? 1.574   -8.439  -11.099 1.00 40.84  ? 70  GLY A O    1 
ATOM   512  N  N    . LEU A 1 71  ? 1.967   -9.315  -13.148 1.00 38.14  ? 71  LEU A N    1 
ATOM   513  C  CA   . LEU A 1 71  ? 3.349   -8.860  -13.201 1.00 42.58  ? 71  LEU A CA   1 
ATOM   514  C  C    . LEU A 1 71  ? 3.469   -7.342  -13.308 1.00 44.17  ? 71  LEU A C    1 
ATOM   515  O  O    . LEU A 1 71  ? 4.533   -6.789  -13.005 1.00 45.43  ? 71  LEU A O    1 
ATOM   516  C  CB   . LEU A 1 71  ? 4.047   -9.546  -14.373 1.00 41.29  ? 71  LEU A CB   1 
ATOM   517  C  CG   . LEU A 1 71  ? 4.211   -11.025 -14.046 1.00 48.61  ? 71  LEU A CG   1 
ATOM   518  C  CD1  . LEU A 1 71  ? 4.405   -11.841 -15.307 1.00 50.31  ? 71  LEU A CD1  1 
ATOM   519  C  CD2  . LEU A 1 71  ? 5.384   -11.175 -13.077 1.00 50.98  ? 71  LEU A CD2  1 
ATOM   520  N  N    . GLU A 1 72  ? 2.400   -6.668  -13.707 1.00 38.95  ? 72  GLU A N    1 
ATOM   521  C  CA   . GLU A 1 72  ? 2.363   -5.224  -13.874 1.00 46.37  ? 72  GLU A CA   1 
ATOM   522  C  C    . GLU A 1 72  ? 1.175   -4.701  -13.086 1.00 42.56  ? 72  GLU A C    1 
ATOM   523  O  O    . GLU A 1 72  ? 0.056   -5.179  -13.276 1.00 41.87  ? 72  GLU A O    1 
ATOM   524  C  CB   . GLU A 1 72  ? 2.219   -4.847  -15.357 1.00 36.95  ? 72  GLU A CB   1 
ATOM   525  C  CG   . GLU A 1 72  ? 3.039   -5.718  -16.281 1.00 44.38  ? 72  GLU A CG   1 
ATOM   526  C  CD   . GLU A 1 72  ? 2.229   -6.830  -16.912 1.00 46.49  ? 72  GLU A CD   1 
ATOM   527  O  OE1  . GLU A 1 72  ? 1.203   -7.232  -16.324 1.00 40.13  ? 72  GLU A OE1  1 
ATOM   528  O  OE2  . GLU A 1 72  ? 2.623   -7.290  -18.004 1.00 44.98  ? 72  GLU A OE2  1 
ATOM   529  N  N    . VAL A 1 73  ? 1.396   -3.715  -12.223 1.00 44.81  ? 73  VAL A N    1 
ATOM   530  C  CA   . VAL A 1 73  ? 0.313   -3.294  -11.346 1.00 39.64  ? 73  VAL A CA   1 
ATOM   531  C  C    . VAL A 1 73  ? 0.400   -1.791  -11.100 1.00 38.80  ? 73  VAL A C    1 
ATOM   532  O  O    . VAL A 1 73  ? 1.486   -1.223  -10.965 1.00 40.10  ? 73  VAL A O    1 
ATOM   533  C  CB   . VAL A 1 73  ? 0.335   -4.129  -10.046 1.00 41.61  ? 73  VAL A CB   1 
ATOM   534  C  CG1  . VAL A 1 73  ? 1.708   -4.067  -9.393  1.00 43.84  ? 73  VAL A CG1  1 
ATOM   535  C  CG2  . VAL A 1 73  ? -0.792  -3.709  -9.099  1.00 38.79  ? 73  VAL A CG2  1 
ATOM   536  N  N    . ASN A 1 74  ? -0.768  -1.149  -11.093 1.00 41.60  ? 74  ASN A N    1 
ATOM   537  C  CA   . ASN A 1 74  ? -0.923  0.246   -10.717 1.00 37.48  ? 74  ASN A CA   1 
ATOM   538  C  C    . ASN A 1 74  ? -1.455  0.282   -9.287  1.00 41.28  ? 74  ASN A C    1 
ATOM   539  O  O    . ASN A 1 74  ? -2.484  -0.336  -8.994  1.00 43.41  ? 74  ASN A O    1 
ATOM   540  C  CB   . ASN A 1 74  ? -1.887  0.962   -11.674 1.00 40.28  ? 74  ASN A CB   1 
ATOM   541  C  CG   . ASN A 1 74  ? -1.316  1.129   -13.094 1.00 43.92  ? 74  ASN A CG   1 
ATOM   542  O  OD1  . ASN A 1 74  ? -0.127  1.360   -13.272 1.00 43.37  ? 74  ASN A OD1  1 
ATOM   543  N  ND2  . ASN A 1 74  ? -2.178  1.033   -14.097 1.00 40.30  ? 74  ASN A ND2  1 
ATOM   544  N  N    . ILE A 1 75  ? -0.759  0.983   -8.394  1.00 40.71  ? 75  ILE A N    1 
ATOM   545  C  CA   . ILE A 1 75  ? -1.150  1.046   -6.985  1.00 37.64  ? 75  ILE A CA   1 
ATOM   546  C  C    . ILE A 1 75  ? -1.359  2.506   -6.594  1.00 40.72  ? 75  ILE A C    1 
ATOM   547  O  O    . ILE A 1 75  ? -0.434  3.319   -6.696  1.00 40.95  ? 75  ILE A O    1 
ATOM   548  C  CB   . ILE A 1 75  ? -0.108  0.380   -6.069  1.00 35.85  ? 75  ILE A CB   1 
ATOM   549  C  CG1  . ILE A 1 75  ? -0.078  -1.125  -6.326  1.00 38.76  ? 75  ILE A CG1  1 
ATOM   550  C  CG2  . ILE A 1 75  ? -0.478  0.625   -4.608  1.00 38.33  ? 75  ILE A CG2  1 
ATOM   551  C  CD1  . ILE A 1 75  ? 0.967   -1.873  -5.544  1.00 36.82  ? 75  ILE A CD1  1 
ATOM   552  N  N    . VAL A 1 76  ? -2.563  2.836   -6.129  1.00 38.16  ? 76  VAL A N    1 
ATOM   553  C  CA   . VAL A 1 76  ? -2.881  4.182   -5.654  1.00 38.76  ? 76  VAL A CA   1 
ATOM   554  C  C    . VAL A 1 76  ? -3.056  4.126   -4.140  1.00 40.64  ? 76  VAL A C    1 
ATOM   555  O  O    . VAL A 1 76  ? -3.958  3.444   -3.634  1.00 39.38  ? 76  VAL A O    1 
ATOM   556  C  CB   . VAL A 1 76  ? -4.135  4.745   -6.340  1.00 33.22  ? 76  VAL A CB   1 
ATOM   557  C  CG1  . VAL A 1 76  ? -4.503  6.106   -5.768  1.00 39.34  ? 76  VAL A CG1  1 
ATOM   558  C  CG2  . VAL A 1 76  ? -3.922  4.827   -7.850  1.00 42.25  ? 76  VAL A CG2  1 
ATOM   559  N  N    . THR A 1 77  ? -2.201  4.850   -3.418  1.00 37.14  ? 77  THR A N    1 
ATOM   560  C  CA   . THR A 1 77  ? -2.241  4.907   -1.962  1.00 36.27  ? 77  THR A CA   1 
ATOM   561  C  C    . THR A 1 77  ? -2.438  6.350   -1.502  1.00 41.44  ? 77  THR A C    1 
ATOM   562  O  O    . THR A 1 77  ? -2.089  7.291   -2.220  1.00 37.77  ? 77  THR A O    1 
ATOM   563  C  CB   . THR A 1 77  ? -0.955  4.343   -1.353  1.00 35.52  ? 77  THR A CB   1 
ATOM   564  O  OG1  . THR A 1 77  ? -1.077  4.286   0.076   1.00 33.50  ? 77  THR A OG1  1 
ATOM   565  C  CG2  . THR A 1 77  ? 0.273   5.228   -1.733  1.00 33.38  ? 77  THR A CG2  1 
ATOM   566  N  N    . ASP A 1 78  ? -3.031  6.527   -0.316  1.00 39.24  ? 78  ASP A N    1 
ATOM   567  C  CA   . ASP A 1 78  ? -3.155  7.849   0.283   1.00 35.97  ? 78  ASP A CA   1 
ATOM   568  C  C    . ASP A 1 78  ? -2.180  8.048   1.430   1.00 36.87  ? 78  ASP A C    1 
ATOM   569  O  O    . ASP A 1 78  ? -2.246  9.066   2.123   1.00 34.88  ? 78  ASP A O    1 
ATOM   570  C  CB   . ASP A 1 78  ? -4.607  8.135   0.716   1.00 44.86  ? 78  ASP A CB   1 
ATOM   571  C  CG   . ASP A 1 78  ? -5.106  7.244   1.861   1.00 41.92  ? 78  ASP A CG   1 
ATOM   572  O  OD1  . ASP A 1 78  ? -4.362  6.985   2.806   1.00 39.76  ? 78  ASP A OD1  1 
ATOM   573  O  OD2  . ASP A 1 78  ? -6.276  6.820   1.815   1.00 43.49  ? 78  ASP A OD2  1 
ATOM   574  N  N    . SER A 1 79  ? -1.233  7.137   1.601   1.00 38.08  ? 79  SER A N    1 
ATOM   575  C  CA   . SER A 1 79  ? -0.301  7.158   2.724   1.00 38.42  ? 79  SER A CA   1 
ATOM   576  C  C    . SER A 1 79  ? 1.071   7.618   2.234   1.00 44.39  ? 79  SER A C    1 
ATOM   577  O  O    . SER A 1 79  ? 1.763   6.878   1.522   1.00 37.33  ? 79  SER A O    1 
ATOM   578  C  CB   . SER A 1 79  ? -0.235  5.772   3.358   1.00 36.99  ? 79  SER A CB   1 
ATOM   579  O  OG   . SER A 1 79  ? 0.961   5.579   4.063   1.00 35.90  ? 79  SER A OG   1 
ATOM   580  N  N    . GLN A 1 80  ? 1.470   8.838   2.628   1.00 40.55  ? 80  GLN A N    1 
ATOM   581  C  CA   . GLN A 1 80  ? 2.771   9.354   2.228   1.00 42.16  ? 80  GLN A CA   1 
ATOM   582  C  C    . GLN A 1 80  ? 3.899   8.550   2.852   1.00 43.07  ? 80  GLN A C    1 
ATOM   583  O  O    . GLN A 1 80  ? 4.932   8.317   2.206   1.00 39.43  ? 80  GLN A O    1 
ATOM   584  C  CB   . GLN A 1 80  ? 2.894   10.832  2.604   1.00 50.30  ? 80  GLN A CB   1 
ATOM   585  C  CG   . GLN A 1 80  ? 1.653   11.643  2.308   1.00 47.73  ? 80  GLN A CG   1 
ATOM   586  C  CD   . GLN A 1 80  ? 1.973   13.014  1.726   1.00 61.54  ? 80  GLN A CD   1 
ATOM   587  O  OE1  . GLN A 1 80  ? 1.927   14.021  2.437   1.00 56.91  ? 80  GLN A OE1  1 
ATOM   588  N  NE2  . GLN A 1 80  ? 2.281   13.062  0.425   1.00 56.89  ? 80  GLN A NE2  1 
ATOM   589  N  N    . TYR A 1 81  ? 3.718   8.114   4.100   1.00 44.04  ? 81  TYR A N    1 
ATOM   590  C  CA   . TYR A 1 81  ? 4.697   7.247   4.749   1.00 38.05  ? 81  TYR A CA   1 
ATOM   591  C  C    . TYR A 1 81  ? 4.983   5.995   3.928   1.00 42.86  ? 81  TYR A C    1 
ATOM   592  O  O    . TYR A 1 81  ? 6.146   5.660   3.655   1.00 44.48  ? 81  TYR A O    1 
ATOM   593  C  CB   . TYR A 1 81  ? 4.202   6.840   6.136   1.00 42.69  ? 81  TYR A CB   1 
ATOM   594  C  CG   . TYR A 1 81  ? 4.996   5.678   6.710   1.00 47.12  ? 81  TYR A CG   1 
ATOM   595  C  CD1  . TYR A 1 81  ? 6.337   5.822   7.044   1.00 50.65  ? 81  TYR A CD1  1 
ATOM   596  C  CD2  . TYR A 1 81  ? 4.410   4.439   6.907   1.00 50.18  ? 81  TYR A CD2  1 
ATOM   597  C  CE1  . TYR A 1 81  ? 7.073   4.754   7.570   1.00 52.34  ? 81  TYR A CE1  1 
ATOM   598  C  CE2  . TYR A 1 81  ? 5.128   3.377   7.432   1.00 47.06  ? 81  TYR A CE2  1 
ATOM   599  C  CZ   . TYR A 1 81  ? 6.458   3.540   7.759   1.00 48.63  ? 81  TYR A CZ   1 
ATOM   600  O  OH   . TYR A 1 81  ? 7.167   2.482   8.284   1.00 48.62  ? 81  TYR A OH   1 
ATOM   601  N  N    . ALA A 1 82  ? 3.925   5.268   3.559   1.00 39.97  ? 82  ALA A N    1 
ATOM   602  C  CA   . ALA A 1 82  ? 4.097   4.015   2.831   1.00 39.86  ? 82  ALA A CA   1 
ATOM   603  C  C    . ALA A 1 82  ? 4.844   4.240   1.522   1.00 39.99  ? 82  ALA A C    1 
ATOM   604  O  O    . ALA A 1 82  ? 5.773   3.497   1.200   1.00 38.51  ? 82  ALA A O    1 
ATOM   605  C  CB   . ALA A 1 82  ? 2.735   3.369   2.577   1.00 36.04  ? 82  ALA A CB   1 
ATOM   606  N  N    . LEU A 1 83  ? 4.460   5.272   0.750   1.00 39.88  ? 83  LEU A N    1 
ATOM   607  C  CA   . LEU A 1 83  ? 5.155   5.525   -0.510  1.00 41.11  ? 83  LEU A CA   1 
ATOM   608  C  C    . LEU A 1 83  ? 6.608   5.893   -0.252  1.00 41.36  ? 83  LEU A C    1 
ATOM   609  O  O    . LEU A 1 83  ? 7.521   5.364   -0.899  1.00 42.25  ? 83  LEU A O    1 
ATOM   610  C  CB   . LEU A 1 83  ? 4.452   6.632   -1.307  1.00 42.86  ? 83  LEU A CB   1 
ATOM   611  C  CG   . LEU A 1 83  ? 5.151   7.156   -2.570  1.00 43.72  ? 83  LEU A CG   1 
ATOM   612  C  CD1  . LEU A 1 83  ? 5.421   6.062   -3.589  1.00 39.08  ? 83  LEU A CD1  1 
ATOM   613  C  CD2  . LEU A 1 83  ? 4.363   8.294   -3.248  1.00 43.74  ? 83  LEU A CD2  1 
ATOM   614  N  N    . GLY A 1 84  ? 6.846   6.765   0.724   1.00 38.83  ? 84  GLY A N    1 
ATOM   615  C  CA   . GLY A 1 84  ? 8.206   7.197   0.998   1.00 44.79  ? 84  GLY A CA   1 
ATOM   616  C  C    . GLY A 1 84  ? 9.113   6.060   1.429   1.00 45.01  ? 84  GLY A C    1 
ATOM   617  O  O    . GLY A 1 84  ? 10.176  5.839   0.841   1.00 46.56  ? 84  GLY A O    1 
ATOM   618  N  N    . ILE A 1 85  ? 8.707   5.317   2.455   1.00 45.84  ? 85  ILE A N    1 
ATOM   619  C  CA   . ILE A 1 85  ? 9.600   4.297   2.992   1.00 40.33  ? 85  ILE A CA   1 
ATOM   620  C  C    . ILE A 1 85  ? 9.910   3.252   1.928   1.00 41.44  ? 85  ILE A C    1 
ATOM   621  O  O    . ILE A 1 85  ? 11.064  2.837   1.769   1.00 44.19  ? 85  ILE A O    1 
ATOM   622  C  CB   . ILE A 1 85  ? 9.021   3.684   4.288   1.00 47.72  ? 85  ILE A CB   1 
ATOM   623  C  CG1  . ILE A 1 85  ? 10.149  3.135   5.175   1.00 48.47  ? 85  ILE A CG1  1 
ATOM   624  C  CG2  . ILE A 1 85  ? 8.003   2.589   4.018   1.00 41.92  ? 85  ILE A CG2  1 
ATOM   625  C  CD1  . ILE A 1 85  ? 10.851  4.217   6.004   1.00 42.49  ? 85  ILE A CD1  1 
ATOM   626  N  N    . ILE A 1 86  ? 8.906   2.850   1.141   1.00 36.88  ? 86  ILE A N    1 
ATOM   627  C  CA   . ILE A 1 86  ? 9.152   1.894   0.066   1.00 40.32  ? 86  ILE A CA   1 
ATOM   628  C  C    . ILE A 1 86  ? 10.095  2.499   -0.970  1.00 47.48  ? 86  ILE A C    1 
ATOM   629  O  O    . ILE A 1 86  ? 11.089  1.877   -1.375  1.00 42.83  ? 86  ILE A O    1 
ATOM   630  C  CB   . ILE A 1 86  ? 7.825   1.451   -0.582  1.00 44.95  ? 86  ILE A CB   1 
ATOM   631  C  CG1  . ILE A 1 86  ? 6.923   0.743   0.428   1.00 43.56  ? 86  ILE A CG1  1 
ATOM   632  C  CG2  . ILE A 1 86  ? 8.103   0.516   -1.726  1.00 41.84  ? 86  ILE A CG2  1 
ATOM   633  C  CD1  . ILE A 1 86  ? 5.525   0.447   -0.105  1.00 44.91  ? 86  ILE A CD1  1 
ATOM   634  N  N    . THR A 1 87  ? 9.797   3.725   -1.422  1.00 41.39  ? 87  THR A N    1 
ATOM   635  C  CA   . THR A 1 87  ? 10.624  4.330   -2.468  1.00 42.94  ? 87  THR A CA   1 
ATOM   636  C  C    . THR A 1 87  ? 12.044  4.566   -1.968  1.00 44.47  ? 87  THR A C    1 
ATOM   637  O  O    . THR A 1 87  ? 13.009  4.397   -2.718  1.00 45.26  ? 87  THR A O    1 
ATOM   638  C  CB   . THR A 1 87  ? 9.997   5.642   -2.970  1.00 46.14  ? 87  THR A CB   1 
ATOM   639  O  OG1  . THR A 1 87  ? 8.701   5.393   -3.527  1.00 44.38  ? 87  THR A OG1  1 
ATOM   640  C  CG2  . THR A 1 87  ? 10.849  6.277   -4.049  1.00 43.99  ? 87  THR A CG2  1 
ATOM   641  N  N    . GLN A 1 88  ? 12.193  4.936   -0.695  1.00 44.07  ? 88  GLN A N    1 
ATOM   642  C  CA   . GLN A 1 88  ? 13.525  5.144   -0.135  1.00 45.63  ? 88  GLN A CA   1 
ATOM   643  C  C    . GLN A 1 88  ? 14.318  3.843   -0.100  1.00 54.84  ? 88  GLN A C    1 
ATOM   644  O  O    . GLN A 1 88  ? 15.507  3.813   -0.448  1.00 47.46  ? 88  GLN A O    1 
ATOM   645  C  CB   . GLN A 1 88  ? 13.414  5.728   1.271   1.00 47.09  ? 88  GLN A CB   1 
ATOM   646  C  CG   . GLN A 1 88  ? 13.163  7.234   1.277   1.00 48.26  ? 88  GLN A CG   1 
ATOM   647  C  CD   . GLN A 1 88  ? 12.209  7.621   2.364   1.00 50.20  ? 88  GLN A CD   1 
ATOM   648  O  OE1  . GLN A 1 88  ? 12.242  7.036   3.449   1.00 46.68  ? 88  GLN A OE1  1 
ATOM   649  N  NE2  . GLN A 1 88  ? 11.337  8.602   2.092   1.00 44.50  ? 88  GLN A NE2  1 
ATOM   650  N  N    . TRP A 1 89  ? 13.677  2.763   0.350   1.00 50.01  ? 89  TRP A N    1 
ATOM   651  C  CA   . TRP A 1 89  ? 14.342  1.467   0.439   1.00 54.82  ? 89  TRP A CA   1 
ATOM   652  C  C    . TRP A 1 89  ? 14.872  1.034   -0.921  1.00 52.91  ? 89  TRP A C    1 
ATOM   653  O  O    . TRP A 1 89  ? 16.022  0.597   -1.044  1.00 55.75  ? 89  TRP A O    1 
ATOM   654  C  CB   . TRP A 1 89  ? 13.354  0.444   1.001   1.00 50.03  ? 89  TRP A CB   1 
ATOM   655  C  CG   . TRP A 1 89  ? 13.898  -0.871  1.406   1.00 53.11  ? 89  TRP A CG   1 
ATOM   656  C  CD1  . TRP A 1 89  ? 14.546  -1.773  0.617   1.00 61.18  ? 89  TRP A CD1  1 
ATOM   657  C  CD2  . TRP A 1 89  ? 13.771  -1.480  2.694   1.00 54.29  ? 89  TRP A CD2  1 
ATOM   658  N  NE1  . TRP A 1 89  ? 14.856  -2.898  1.344   1.00 63.41  ? 89  TRP A NE1  1 
ATOM   659  C  CE2  . TRP A 1 89  ? 14.389  -2.741  2.622   1.00 57.74  ? 89  TRP A CE2  1 
ATOM   660  C  CE3  . TRP A 1 89  ? 13.215  -1.071  3.908   1.00 56.30  ? 89  TRP A CE3  1 
ATOM   661  C  CZ2  . TRP A 1 89  ? 14.469  -3.599  3.719   1.00 59.70  ? 89  TRP A CZ2  1 
ATOM   662  C  CZ3  . TRP A 1 89  ? 13.283  -1.927  4.996   1.00 53.21  ? 89  TRP A CZ3  1 
ATOM   663  C  CH2  . TRP A 1 89  ? 13.909  -3.173  4.894   1.00 59.60  ? 89  TRP A CH2  1 
ATOM   664  N  N    . ILE A 1 90  ? 14.046  1.167   -1.959  1.00 49.32  ? 90  ILE A N    1 
ATOM   665  C  CA   . ILE A 1 90  ? 14.490  0.835   -3.309  1.00 52.15  ? 90  ILE A CA   1 
ATOM   666  C  C    . ILE A 1 90  ? 15.648  1.730   -3.734  1.00 56.21  ? 90  ILE A C    1 
ATOM   667  O  O    . ILE A 1 90  ? 16.686  1.247   -4.200  1.00 58.33  ? 90  ILE A O    1 
ATOM   668  C  CB   . ILE A 1 90  ? 13.322  0.938   -4.297  1.00 48.85  ? 90  ILE A CB   1 
ATOM   669  C  CG1  . ILE A 1 90  ? 12.424  -0.280  -4.157  1.00 52.35  ? 90  ILE A CG1  1 
ATOM   670  C  CG2  . ILE A 1 90  ? 13.848  1.022   -5.699  1.00 54.88  ? 90  ILE A CG2  1 
ATOM   671  C  CD1  . ILE A 1 90  ? 11.156  -0.140  -4.935  1.00 55.59  ? 90  ILE A CD1  1 
ATOM   672  N  N    . HIS A 1 91  ? 15.490  3.051   -3.582  1.00 51.93  ? 91  HIS A N    1 
ATOM   673  C  CA   . HIS A 1 91  ? 16.487  3.980   -4.111  1.00 53.35  ? 91  HIS A CA   1 
ATOM   674  C  C    . HIS A 1 91  ? 17.832  3.834   -3.418  1.00 55.42  ? 91  HIS A C    1 
ATOM   675  O  O    . HIS A 1 91  ? 18.872  4.047   -4.049  1.00 57.08  ? 91  HIS A O    1 
ATOM   676  C  CB   . HIS A 1 91  ? 16.010  5.424   -3.978  1.00 48.41  ? 91  HIS A CB   1 
ATOM   677  C  CG   . HIS A 1 91  ? 14.898  5.782   -4.911  1.00 49.01  ? 91  HIS A CG   1 
ATOM   678  N  ND1  . HIS A 1 91  ? 14.501  7.082   -5.129  1.00 44.66  ? 91  HIS A ND1  1 
ATOM   679  C  CD2  . HIS A 1 91  ? 14.090  5.009   -5.672  1.00 49.39  ? 91  HIS A CD2  1 
ATOM   680  C  CE1  . HIS A 1 91  ? 13.493  7.099   -5.979  1.00 48.53  ? 91  HIS A CE1  1 
ATOM   681  N  NE2  . HIS A 1 91  ? 13.222  5.852   -6.323  1.00 50.92  ? 91  HIS A NE2  1 
ATOM   682  N  N    . ASN A 1 92  ? 17.834  3.491   -2.135  1.00 52.90  ? 92  ASN A N    1 
ATOM   683  C  CA   . ASN A 1 92  ? 19.042  3.412   -1.319  1.00 60.61  ? 92  ASN A CA   1 
ATOM   684  C  C    . ASN A 1 92  ? 19.442  1.972   -1.005  1.00 68.01  ? 92  ASN A C    1 
ATOM   685  O  O    . ASN A 1 92  ? 19.880  1.678   0.108   1.00 68.70  ? 92  ASN A O    1 
ATOM   686  C  CB   . ASN A 1 92  ? 18.866  4.169   -0.002  1.00 52.23  ? 92  ASN A CB   1 
ATOM   687  C  CG   . ASN A 1 92  ? 18.538  5.627   -0.204  1.00 53.81  ? 92  ASN A CG   1 
ATOM   688  O  OD1  . ASN A 1 92  ? 19.429  6.468   -0.394  1.00 44.69  ? 92  ASN A OD1  1 
ATOM   689  N  ND2  . ASN A 1 92  ? 17.248  5.942   -0.175  1.00 44.47  ? 92  ASN A ND2  1 
ATOM   690  N  N    . TRP A 1 93  ? 19.315  1.044   -1.949  1.00 72.66  ? 93  TRP A N    1 
ATOM   691  C  CA   . TRP A 1 93  ? 19.660  -0.337  -1.630  1.00 79.52  ? 93  TRP A CA   1 
ATOM   692  C  C    . TRP A 1 93  ? 21.118  -0.648  -1.940  1.00 80.04  ? 93  TRP A C    1 
ATOM   693  O  O    . TRP A 1 93  ? 21.612  -0.334  -3.028  1.00 77.18  ? 93  TRP A O    1 
ATOM   694  C  CB   . TRP A 1 93  ? 18.778  -1.351  -2.348  1.00 79.67  ? 93  TRP A CB   1 
ATOM   695  C  CG   . TRP A 1 93  ? 19.010  -2.709  -1.726  1.00 86.79  ? 93  TRP A CG   1 
ATOM   696  C  CD1  . TRP A 1 93  ? 19.374  -3.865  -2.369  1.00 84.53  ? 93  TRP A CD1  1 
ATOM   697  C  CD2  . TRP A 1 93  ? 18.932  -3.036  -0.321  1.00 88.21  ? 93  TRP A CD2  1 
ATOM   698  N  NE1  . TRP A 1 93  ? 19.509  -4.889  -1.454  1.00 92.08  ? 93  TRP A NE1  1 
ATOM   699  C  CE2  . TRP A 1 93  ? 19.245  -4.409  -0.194  1.00 90.78  ? 93  TRP A CE2  1 
ATOM   700  C  CE3  . TRP A 1 93  ? 18.619  -2.305  0.838   1.00 77.66  ? 93  TRP A CE3  1 
ATOM   701  C  CZ2  . TRP A 1 93  ? 19.257  -5.062  1.043   1.00 82.51  ? 93  TRP A CZ2  1 
ATOM   702  C  CZ3  . TRP A 1 93  ? 18.629  -2.954  2.058   1.00 77.15  ? 93  TRP A CZ3  1 
ATOM   703  C  CH2  . TRP A 1 93  ? 18.947  -4.320  2.153   1.00 80.81  ? 93  TRP A CH2  1 
ATOM   704  N  N    . LYS A 1 94  ? 21.781  -1.306  -0.983  1.00 81.45  ? 94  LYS A N    1 
ATOM   705  C  CA   . LYS A 1 94  ? 23.188  -1.697  -1.064  1.00 83.60  ? 94  LYS A CA   1 
ATOM   706  C  C    . LYS A 1 94  ? 24.107  -0.489  -1.218  1.00 81.39  ? 94  LYS A C    1 
ATOM   707  O  O    . LYS A 1 94  ? 25.263  -0.635  -1.632  1.00 85.04  ? 94  LYS A O    1 
ATOM   708  C  CB   . LYS A 1 94  ? 23.441  -2.712  -2.198  1.00 89.49  ? 94  LYS A CB   1 
ATOM   709  C  CG   . LYS A 1 94  ? 22.756  -4.095  -2.029  1.00 88.70  ? 94  LYS A CG   1 
ATOM   710  C  CD   . LYS A 1 94  ? 23.671  -5.297  -2.398  1.00 86.78  ? 94  LYS A CD   1 
ATOM   711  C  CE   . LYS A 1 94  ? 23.909  -5.469  -3.906  1.00 87.12  ? 94  LYS A CE   1 
ATOM   712  N  NZ   . LYS A 1 94  ? 24.310  -6.867  -4.283  1.00 81.34  ? 94  LYS A NZ   1 
ATOM   713  N  N    . LYS A 1 95  ? 23.623  0.700   -0.863  1.00 84.28  ? 95  LYS A N    1 
ATOM   714  C  CA   . LYS A 1 95  ? 24.318  1.956   -1.113  1.00 83.81  ? 95  LYS A CA   1 
ATOM   715  C  C    . LYS A 1 95  ? 24.808  2.578   0.193   1.00 84.03  ? 95  LYS A C    1 
ATOM   716  O  O    . LYS A 1 95  ? 24.425  2.161   1.292   1.00 85.98  ? 95  LYS A O    1 
ATOM   717  C  CB   . LYS A 1 95  ? 23.407  2.921   -1.880  1.00 83.19  ? 95  LYS A CB   1 
ATOM   718  C  CG   . LYS A 1 95  ? 23.172  2.494   -3.325  1.00 78.52  ? 95  LYS A CG   1 
ATOM   719  C  CD   . LYS A 1 95  ? 21.781  2.863   -3.808  1.00 77.31  ? 95  LYS A CD   1 
ATOM   720  C  CE   . LYS A 1 95  ? 21.605  2.540   -5.287  1.00 81.41  ? 95  LYS A CE   1 
ATOM   721  N  NZ   . LYS A 1 95  ? 20.793  3.567   -5.999  1.00 76.93  ? 95  LYS A NZ   1 
ATOM   722  N  N    . ARG A 1 96  ? 25.658  3.606   0.045   1.00 87.53  ? 96  ARG A N    1 
ATOM   723  C  CA   . ARG A 1 96  ? 26.523  4.115   1.112   1.00 86.08  ? 96  ARG A CA   1 
ATOM   724  C  C    . ARG A 1 96  ? 25.776  4.517   2.386   1.00 88.88  ? 96  ARG A C    1 
ATOM   725  O  O    . ARG A 1 96  ? 25.873  3.826   3.410   1.00 89.59  ? 96  ARG A O    1 
ATOM   726  C  CB   . ARG A 1 96  ? 27.371  5.302   0.605   1.00 87.74  ? 96  ARG A CB   1 
ATOM   727  C  CG   . ARG A 1 96  ? 26.651  6.358   -0.263  1.00 84.62  ? 96  ARG A CG   1 
ATOM   728  C  CD   . ARG A 1 96  ? 27.311  7.751   -0.136  1.00 84.45  ? 96  ARG A CD   1 
ATOM   729  N  NE   . ARG A 1 96  ? 26.434  8.845   -0.558  1.00 80.83  ? 96  ARG A NE   1 
ATOM   730  C  CZ   . ARG A 1 96  ? 26.721  10.141  -0.448  1.00 78.83  ? 96  ARG A CZ   1 
ATOM   731  N  NH1  . ARG A 1 96  ? 27.865  10.558  0.080   1.00 75.26  ? 96  ARG A NH1  1 
ATOM   732  N  NH2  . ARG A 1 96  ? 25.838  11.043  -0.880  1.00 68.17  ? 96  ARG A NH2  1 
ATOM   733  N  N    . GLY A 1 97  ? 25.031  5.622   2.344   1.00 80.09  ? 97  GLY A N    1 
ATOM   734  C  CA   . GLY A 1 97  ? 24.469  6.174   3.561   1.00 65.33  ? 97  GLY A CA   1 
ATOM   735  C  C    . GLY A 1 97  ? 23.213  5.497   4.070   1.00 67.88  ? 97  GLY A C    1 
ATOM   736  O  O    . GLY A 1 97  ? 22.379  6.155   4.698   1.00 68.88  ? 97  GLY A O    1 
ATOM   737  N  N    . TRP A 1 98  ? 23.058  4.192   3.837   1.00 78.39  ? 98  TRP A N    1 
ATOM   738  C  CA   . TRP A 1 98  ? 21.809  3.511   4.168   1.00 73.92  ? 98  TRP A CA   1 
ATOM   739  C  C    . TRP A 1 98  ? 21.833  2.960   5.584   1.00 69.97  ? 98  TRP A C    1 
ATOM   740  O  O    . TRP A 1 98  ? 22.798  2.304   5.997   1.00 73.25  ? 98  TRP A O    1 
ATOM   741  C  CB   . TRP A 1 98  ? 21.496  2.372   3.193   1.00 79.02  ? 98  TRP A CB   1 
ATOM   742  C  CG   . TRP A 1 98  ? 20.037  1.852   3.273   1.00 76.27  ? 98  TRP A CG   1 
ATOM   743  C  CD1  . TRP A 1 98  ? 19.630  0.541   3.189   1.00 75.47  ? 98  TRP A CD1  1 
ATOM   744  C  CD2  . TRP A 1 98  ? 18.828  2.631   3.431   1.00 70.43  ? 98  TRP A CD2  1 
ATOM   745  N  NE1  . TRP A 1 98  ? 18.259  0.456   3.294   1.00 74.47  ? 98  TRP A NE1  1 
ATOM   746  C  CE2  . TRP A 1 98  ? 17.741  1.718   3.443   1.00 73.70  ? 98  TRP A CE2  1 
ATOM   747  C  CE3  . TRP A 1 98  ? 18.558  4.003   3.560   1.00 67.93  ? 98  TRP A CE3  1 
ATOM   748  C  CZ2  . TRP A 1 98  ? 16.408  2.134   3.582   1.00 63.47  ? 98  TRP A CZ2  1 
ATOM   749  C  CZ3  . TRP A 1 98  ? 17.237  4.412   3.696   1.00 62.23  ? 98  TRP A CZ3  1 
ATOM   750  C  CH2  . TRP A 1 98  ? 16.179  3.479   3.708   1.00 62.79  ? 98  TRP A CH2  1 
ATOM   751  N  N    . LYS A 1 99  ? 20.758  3.246   6.313   1.00 64.34  ? 99  LYS A N    1 
ATOM   752  C  CA   . LYS A 1 99  ? 20.428  2.621   7.588   1.00 64.76  ? 99  LYS A CA   1 
ATOM   753  C  C    . LYS A 1 99  ? 18.938  2.311   7.516   1.00 63.01  ? 99  LYS A C    1 
ATOM   754  O  O    . LYS A 1 99  ? 18.124  3.234   7.447   1.00 60.29  ? 99  LYS A O    1 
ATOM   755  C  CB   . LYS A 1 99  ? 20.753  3.548   8.762   1.00 59.19  ? 99  LYS A CB   1 
ATOM   756  C  CG   . LYS A 1 99  ? 20.580  2.919   10.122  1.00 58.71  ? 99  LYS A CG   1 
ATOM   757  C  CD   . LYS A 1 99  ? 21.558  3.530   11.116  1.00 65.48  ? 99  LYS A CD   1 
ATOM   758  C  CE   . LYS A 1 99  ? 21.858  2.594   12.286  1.00 65.93  ? 99  LYS A CE   1 
ATOM   759  N  NZ   . LYS A 1 99  ? 23.307  2.652   12.691  1.00 65.33  ? 99  LYS A NZ   1 
ATOM   760  N  N    . THR A 1 100 ? 18.582  1.025   7.490   1.00 63.16  ? 100 THR A N    1 
ATOM   761  C  CA   . THR A 1 100 ? 17.192  0.633   7.320   1.00 62.51  ? 100 THR A CA   1 
ATOM   762  C  C    . THR A 1 100 ? 16.345  1.180   8.472   1.00 58.94  ? 100 THR A C    1 
ATOM   763  O  O    . THR A 1 100 ? 16.861  1.454   9.558   1.00 57.56  ? 100 THR A O    1 
ATOM   764  C  CB   . THR A 1 100 ? 17.076  -0.885  7.257   1.00 68.01  ? 100 THR A CB   1 
ATOM   765  O  OG1  . THR A 1 100 ? 17.945  -1.462  8.237   1.00 71.70  ? 100 THR A OG1  1 
ATOM   766  C  CG2  . THR A 1 100 ? 17.471  -1.391  5.867   1.00 61.40  ? 100 THR A CG2  1 
ATOM   767  N  N    . PRO A 1 101 ? 15.041  1.366   8.260   1.00 63.64  ? 101 PRO A N    1 
ATOM   768  C  CA   . PRO A 1 101 ? 14.221  1.962   9.315   1.00 62.23  ? 101 PRO A CA   1 
ATOM   769  C  C    . PRO A 1 101 ? 14.026  0.986   10.457  1.00 62.70  ? 101 PRO A C    1 
ATOM   770  O  O    . PRO A 1 101 ? 14.201  -0.230  10.321  1.00 62.66  ? 101 PRO A O    1 
ATOM   771  C  CB   . PRO A 1 101 ? 12.895  2.267   8.619   1.00 59.80  ? 101 PRO A CB   1 
ATOM   772  C  CG   . PRO A 1 101 ? 12.799  1.272   7.547   1.00 59.62  ? 101 PRO A CG   1 
ATOM   773  C  CD   . PRO A 1 101 ? 14.212  0.907   7.131   1.00 63.04  ? 101 PRO A CD   1 
ATOM   774  N  N    . VAL A 1 102 ? 13.678  1.549   11.607  1.00 61.88  ? 102 VAL A N    1 
ATOM   775  C  CA   . VAL A 1 102 ? 13.362  0.722   12.760  1.00 64.11  ? 102 VAL A CA   1 
ATOM   776  C  C    . VAL A 1 102 ? 11.942  0.193   12.653  1.00 62.24  ? 102 VAL A C    1 
ATOM   777  O  O    . VAL A 1 102 ? 11.717  -1.019  12.545  1.00 62.74  ? 102 VAL A O    1 
ATOM   778  C  CB   . VAL A 1 102 ? 13.573  1.518   14.060  1.00 73.19  ? 102 VAL A CB   1 
ATOM   779  C  CG1  . VAL A 1 102 ? 13.703  0.559   15.241  1.00 70.99  ? 102 VAL A CG1  1 
ATOM   780  C  CG2  . VAL A 1 102 ? 14.797  2.442   13.931  1.00 64.10  ? 102 VAL A CG2  1 
ATOM   781  N  N    . LYS A 1 103 ? 10.971  1.101   12.631  1.00 61.49  ? 103 LYS A N    1 
ATOM   782  C  CA   . LYS A 1 103 ? 9.571   0.707   12.687  1.00 53.59  ? 103 LYS A CA   1 
ATOM   783  C  C    . LYS A 1 103 ? 9.146   0.009   11.395  1.00 56.50  ? 103 LYS A C    1 
ATOM   784  O  O    . LYS A 1 103 ? 9.595   0.359   10.295  1.00 50.00  ? 103 LYS A O    1 
ATOM   785  C  CB   . LYS A 1 103 ? 8.691   1.938   12.966  1.00 57.02  ? 103 LYS A CB   1 
ATOM   786  C  CG   . LYS A 1 103 ? 8.294   2.769   11.732  1.00 54.58  ? 103 LYS A CG   1 
ATOM   787  C  CD   . LYS A 1 103 ? 7.389   3.964   12.101  1.00 62.50  ? 103 LYS A CD   1 
ATOM   788  C  CE   . LYS A 1 103 ? 7.870   5.247   11.412  1.00 59.12  ? 103 LYS A CE   1 
ATOM   789  N  NZ   . LYS A 1 103 ? 6.797   6.240   11.139  1.00 55.53  ? 103 LYS A NZ   1 
ATOM   790  N  N    . ASN A 1 104 ? 8.302   -1.015  11.547  1.00 51.74  ? 104 ASN A N    1 
ATOM   791  C  CA   . ASN A 1 104 ? 7.650   -1.736  10.457  1.00 51.84  ? 104 ASN A CA   1 
ATOM   792  C  C    . ASN A 1 104 ? 8.621   -2.480  9.553   1.00 48.42  ? 104 ASN A C    1 
ATOM   793  O  O    . ASN A 1 104 ? 8.226   -2.904  8.463   1.00 54.83  ? 104 ASN A O    1 
ATOM   794  C  CB   . ASN A 1 104 ? 6.791   -0.787  9.612   1.00 44.62  ? 104 ASN A CB   1 
ATOM   795  C  CG   . ASN A 1 104 ? 5.768   -0.054  10.446  1.00 49.46  ? 104 ASN A CG   1 
ATOM   796  O  OD1  . ASN A 1 104 ? 5.146   -0.642  11.327  1.00 54.90  ? 104 ASN A OD1  1 
ATOM   797  N  ND2  . ASN A 1 104 ? 5.597   1.231   10.188  1.00 49.00  ? 104 ASN A ND2  1 
ATOM   798  N  N    . VAL A 1 105 ? 9.876   -2.671  9.977   1.00 50.52  ? 105 VAL A N    1 
ATOM   799  C  CA   . VAL A 1 105 ? 10.901  -3.180  9.060   1.00 52.00  ? 105 VAL A CA   1 
ATOM   800  C  C    . VAL A 1 105 ? 10.543  -4.572  8.541   1.00 57.39  ? 105 VAL A C    1 
ATOM   801  O  O    . VAL A 1 105 ? 10.806  -4.899  7.376   1.00 59.07  ? 105 VAL A O    1 
ATOM   802  C  CB   . VAL A 1 105 ? 12.297  -3.144  9.719   1.00 53.18  ? 105 VAL A CB   1 
ATOM   803  C  CG1  . VAL A 1 105 ? 12.353  -3.968  10.998  1.00 50.74  ? 105 VAL A CG1  1 
ATOM   804  C  CG2  . VAL A 1 105 ? 13.356  -3.616  8.736   1.00 57.01  ? 105 VAL A CG2  1 
ATOM   805  N  N    . ASP A 1 106 ? 9.924   -5.408  9.379   1.00 54.35  ? 106 ASP A N    1 
ATOM   806  C  CA   . ASP A 1 106 ? 9.525   -6.734  8.913   1.00 53.27  ? 106 ASP A CA   1 
ATOM   807  C  C    . ASP A 1 106 ? 8.481   -6.627  7.803   1.00 52.86  ? 106 ASP A C    1 
ATOM   808  O  O    . ASP A 1 106 ? 8.589   -7.284  6.762   1.00 49.37  ? 106 ASP A O    1 
ATOM   809  C  CB   . ASP A 1 106 ? 8.988   -7.566  10.078  1.00 54.46  ? 106 ASP A CB   1 
ATOM   810  C  CG   . ASP A 1 106 ? 10.079  -8.003  11.046  1.00 62.53  ? 106 ASP A CG   1 
ATOM   811  O  OD1  . ASP A 1 106 ? 11.088  -7.275  11.178  1.00 62.16  ? 106 ASP A OD1  1 
ATOM   812  O  OD2  . ASP A 1 106 ? 9.919   -9.065  11.693  1.00 66.71  ? 106 ASP A OD2  1 
ATOM   813  N  N    . LEU A 1 107 ? 7.460   -5.798  8.011   1.00 53.35  ? 107 LEU A N    1 
ATOM   814  C  CA   . LEU A 1 107 ? 6.435   -5.638  6.989   1.00 50.56  ? 107 LEU A CA   1 
ATOM   815  C  C    . LEU A 1 107 ? 7.027   -5.032  5.721   1.00 48.91  ? 107 LEU A C    1 
ATOM   816  O  O    . LEU A 1 107 ? 6.800   -5.535  4.614   1.00 49.70  ? 107 LEU A O    1 
ATOM   817  C  CB   . LEU A 1 107 ? 5.297   -4.780  7.535   1.00 47.40  ? 107 LEU A CB   1 
ATOM   818  C  CG   . LEU A 1 107 ? 4.039   -4.595  6.684   1.00 51.03  ? 107 LEU A CG   1 
ATOM   819  C  CD1  . LEU A 1 107 ? 3.531   -5.908  6.091   1.00 47.42  ? 107 LEU A CD1  1 
ATOM   820  C  CD2  . LEU A 1 107 ? 2.961   -3.920  7.523   1.00 46.02  ? 107 LEU A CD2  1 
ATOM   821  N  N    . VAL A 1 108 ? 7.817   -3.964  5.869   1.00 47.70  ? 108 VAL A N    1 
ATOM   822  C  CA   . VAL A 1 108 ? 8.387   -3.299  4.699   1.00 54.78  ? 108 VAL A CA   1 
ATOM   823  C  C    . VAL A 1 108 ? 9.293   -4.244  3.922   1.00 51.47  ? 108 VAL A C    1 
ATOM   824  O  O    . VAL A 1 108 ? 9.336   -4.201  2.687   1.00 44.68  ? 108 VAL A O    1 
ATOM   825  C  CB   . VAL A 1 108 ? 9.130   -2.019  5.121   1.00 51.08  ? 108 VAL A CB   1 
ATOM   826  C  CG1  . VAL A 1 108 ? 9.876   -1.428  3.945   1.00 48.61  ? 108 VAL A CG1  1 
ATOM   827  C  CG2  . VAL A 1 108 ? 8.141   -1.016  5.687   1.00 43.30  ? 108 VAL A CG2  1 
ATOM   828  N  N    . ASN A 1 109 ? 10.001  -5.136  4.614   1.00 52.58  ? 109 ASN A N    1 
ATOM   829  C  CA   . ASN A 1 109 ? 10.904  -6.019  3.891   1.00 48.86  ? 109 ASN A CA   1 
ATOM   830  C  C    . ASN A 1 109 ? 10.158  -7.115  3.140   1.00 52.26  ? 109 ASN A C    1 
ATOM   831  O  O    . ASN A 1 109 ? 10.625  -7.558  2.088   1.00 48.55  ? 109 ASN A O    1 
ATOM   832  C  CB   . ASN A 1 109 ? 11.928  -6.619  4.835   1.00 55.52  ? 109 ASN A CB   1 
ATOM   833  C  CG   . ASN A 1 109 ? 13.021  -7.329  4.098   1.00 63.55  ? 109 ASN A CG   1 
ATOM   834  O  OD1  . ASN A 1 109 ? 13.898  -6.695  3.508   1.00 59.22  ? 109 ASN A OD1  1 
ATOM   835  N  ND2  . ASN A 1 109 ? 12.991  -8.658  4.129   1.00 71.39  ? 109 ASN A ND2  1 
ATOM   836  N  N    . GLN A 1 110 ? 9.007   -7.563  3.649   1.00 45.82  ? 110 GLN A N    1 
ATOM   837  C  CA   . GLN A 1 110 ? 8.187   -8.475  2.859   1.00 51.65  ? 110 GLN A CA   1 
ATOM   838  C  C    . GLN A 1 110 ? 7.612   -7.778  1.633   1.00 50.65  ? 110 GLN A C    1 
ATOM   839  O  O    . GLN A 1 110 ? 7.557   -8.368  0.548   1.00 46.78  ? 110 GLN A O    1 
ATOM   840  C  CB   . GLN A 1 110 ? 7.068   -9.071  3.711   1.00 46.93  ? 110 GLN A CB   1 
ATOM   841  C  CG   . GLN A 1 110 ? 7.547   -9.687  5.002   1.00 55.61  ? 110 GLN A CG   1 
ATOM   842  C  CD   . GLN A 1 110 ? 6.427   -10.379 5.740   1.00 66.42  ? 110 GLN A CD   1 
ATOM   843  O  OE1  . GLN A 1 110 ? 6.514   -10.621 6.950   1.00 58.36  ? 110 GLN A OE1  1 
ATOM   844  N  NE2  . GLN A 1 110 ? 5.352   -10.702 5.012   1.00 67.00  ? 110 GLN A NE2  1 
ATOM   845  N  N    . ILE A 1 111 ? 7.174   -6.524  1.784   1.00 48.41  ? 111 ILE A N    1 
ATOM   846  C  CA   . ILE A 1 111 ? 6.698   -5.767  0.630   1.00 46.01  ? 111 ILE A CA   1 
ATOM   847  C  C    . ILE A 1 111 ? 7.781   -5.703  -0.442  1.00 47.96  ? 111 ILE A C    1 
ATOM   848  O  O    . ILE A 1 111 ? 7.517   -5.953  -1.626  1.00 48.14  ? 111 ILE A O    1 
ATOM   849  C  CB   . ILE A 1 111 ? 6.238   -4.364  1.068   1.00 48.99  ? 111 ILE A CB   1 
ATOM   850  C  CG1  . ILE A 1 111 ? 5.021   -4.478  1.994   1.00 39.81  ? 111 ILE A CG1  1 
ATOM   851  C  CG2  . ILE A 1 111 ? 6.003   -3.450  -0.143  1.00 40.09  ? 111 ILE A CG2  1 
ATOM   852  C  CD1  . ILE A 1 111 ? 4.359   -3.164  2.302   1.00 41.96  ? 111 ILE A CD1  1 
ATOM   853  N  N    . ILE A 1 112 ? 9.025   -5.411  -0.032  1.00 44.11  ? 112 ILE A N    1 
ATOM   854  C  CA   . ILE A 1 112 ? 10.131  -5.257  -0.980  1.00 49.71  ? 112 ILE A CA   1 
ATOM   855  C  C    . ILE A 1 112 ? 10.384  -6.559  -1.722  1.00 52.70  ? 112 ILE A C    1 
ATOM   856  O  O    . ILE A 1 112 ? 10.724  -6.552  -2.914  1.00 51.78  ? 112 ILE A O    1 
ATOM   857  C  CB   . ILE A 1 112 ? 11.407  -4.768  -0.257  1.00 48.60  ? 112 ILE A CB   1 
ATOM   858  C  CG1  . ILE A 1 112 ? 11.351  -3.264  -0.001  1.00 48.40  ? 112 ILE A CG1  1 
ATOM   859  C  CG2  . ILE A 1 112 ? 12.636  -5.020  -1.107  1.00 51.41  ? 112 ILE A CG2  1 
ATOM   860  C  CD1  . ILE A 1 112 ? 11.473  -2.411  -1.267  1.00 55.68  ? 112 ILE A CD1  1 
ATOM   861  N  N    . GLU A 1 113 ? 10.195  -7.694  -1.045  1.00 53.04  ? 113 GLU A N    1 
ATOM   862  C  CA   . GLU A 1 113 ? 10.339  -8.987  -1.704  1.00 52.44  ? 113 GLU A CA   1 
ATOM   863  C  C    . GLU A 1 113 ? 9.253   -9.179  -2.752  1.00 54.50  ? 113 GLU A C    1 
ATOM   864  O  O    . GLU A 1 113 ? 9.535   -9.609  -3.874  1.00 58.05  ? 113 GLU A O    1 
ATOM   865  C  CB   . GLU A 1 113 ? 10.295  -10.115 -0.671  1.00 57.08  ? 113 GLU A CB   1 
ATOM   866  C  CG   . GLU A 1 113 ? 11.543  -10.245 0.206   1.00 65.36  ? 113 GLU A CG   1 
ATOM   867  C  CD   . GLU A 1 113 ? 12.776  -10.768 -0.541  1.00 74.15  ? 113 GLU A CD   1 
ATOM   868  O  OE1  . GLU A 1 113 ? 12.703  -11.879 -1.118  1.00 79.93  ? 113 GLU A OE1  1 
ATOM   869  O  OE2  . GLU A 1 113 ? 13.829  -10.080 -0.524  1.00 75.14  ? 113 GLU A OE2  1 
ATOM   870  N  N    . GLN A 1 114 ? 7.998   -8.863  -2.403  1.00 49.56  ? 114 GLN A N    1 
ATOM   871  C  CA   . GLN A 1 114 ? 6.921   -8.912  -3.389  1.00 51.48  ? 114 GLN A CA   1 
ATOM   872  C  C    . GLN A 1 114 ? 7.238   -8.025  -4.587  1.00 54.24  ? 114 GLN A C    1 
ATOM   873  O  O    . GLN A 1 114 ? 6.946   -8.383  -5.735  1.00 54.57  ? 114 GLN A O    1 
ATOM   874  C  CB   . GLN A 1 114 ? 5.601   -8.475  -2.752  1.00 53.28  ? 114 GLN A CB   1 
ATOM   875  C  CG   . GLN A 1 114 ? 4.798   -9.584  -2.069  1.00 61.33  ? 114 GLN A CG   1 
ATOM   876  C  CD   . GLN A 1 114 ? 4.770   -10.878 -2.881  1.00 68.28  ? 114 GLN A CD   1 
ATOM   877  O  OE1  . GLN A 1 114 ? 4.128   -10.956 -3.942  1.00 65.05  ? 114 GLN A OE1  1 
ATOM   878  N  NE2  . GLN A 1 114 ? 5.485   -11.893 -2.395  1.00 65.98  ? 114 GLN A NE2  1 
ATOM   879  N  N    . LEU A 1 115 ? 7.869   -6.876  -4.334  1.00 50.32  ? 115 LEU A N    1 
ATOM   880  C  CA   . LEU A 1 115 ? 8.087   -5.862  -5.365  1.00 50.19  ? 115 LEU A CA   1 
ATOM   881  C  C    . LEU A 1 115 ? 9.081   -6.327  -6.430  1.00 53.31  ? 115 LEU A C    1 
ATOM   882  O  O    . LEU A 1 115 ? 8.810   -6.220  -7.632  1.00 54.63  ? 115 LEU A O    1 
ATOM   883  C  CB   . LEU A 1 115 ? 8.566   -4.571  -4.693  1.00 50.53  ? 115 LEU A CB   1 
ATOM   884  C  CG   . LEU A 1 115 ? 8.078   -3.183  -5.107  1.00 52.83  ? 115 LEU A CG   1 
ATOM   885  C  CD1  . LEU A 1 115 ? 6.649   -3.224  -5.569  1.00 47.52  ? 115 LEU A CD1  1 
ATOM   886  C  CD2  . LEU A 1 115 ? 8.206   -2.251  -3.905  1.00 49.60  ? 115 LEU A CD2  1 
ATOM   887  N  N    . ILE A 1 116 ? 10.250  -6.833  -6.024  1.00 52.39  ? 116 ILE A N    1 
ATOM   888  C  CA   . ILE A 1 116 ? 11.244  -7.139  -7.045  1.00 58.68  ? 116 ILE A CA   1 
ATOM   889  C  C    . ILE A 1 116 ? 10.827  -8.339  -7.900  1.00 57.21  ? 116 ILE A C    1 
ATOM   890  O  O    . ILE A 1 116 ? 11.347  -8.512  -9.007  1.00 59.76  ? 116 ILE A O    1 
ATOM   891  C  CB   . ILE A 1 116 ? 12.652  -7.314  -6.426  1.00 62.20  ? 116 ILE A CB   1 
ATOM   892  C  CG1  . ILE A 1 116 ? 12.715  -8.439  -5.391  1.00 52.76  ? 116 ILE A CG1  1 
ATOM   893  C  CG2  . ILE A 1 116 ? 13.122  -5.995  -5.832  1.00 52.49  ? 116 ILE A CG2  1 
ATOM   894  C  CD1  . ILE A 1 116 ? 13.080  -9.795  -5.981  1.00 59.02  ? 116 ILE A CD1  1 
ATOM   895  N  N    . LYS A 1 117 ? 9.875   -9.150  -7.439  1.00 56.67  ? 117 LYS A N    1 
ATOM   896  C  CA   . LYS A 1 117 ? 9.303   -10.176 -8.306  1.00 59.34  ? 117 LYS A CA   1 
ATOM   897  C  C    . LYS A 1 117 ? 8.473   -9.588  -9.441  1.00 59.62  ? 117 LYS A C    1 
ATOM   898  O  O    . LYS A 1 117 ? 8.222   -10.276 -10.435 1.00 62.77  ? 117 LYS A O    1 
ATOM   899  C  CB   . LYS A 1 117 ? 8.428   -11.115 -7.492  1.00 54.51  ? 117 LYS A CB   1 
ATOM   900  C  CG   . LYS A 1 117 ? 9.123   -12.379 -7.040  1.00 65.17  ? 117 LYS A CG   1 
ATOM   901  C  CD   . LYS A 1 117 ? 8.096   -13.455 -6.747  1.00 66.12  ? 117 LYS A CD   1 
ATOM   902  C  CE   . LYS A 1 117 ? 7.090   -12.974 -5.709  1.00 65.13  ? 117 LYS A CE   1 
ATOM   903  N  NZ   . LYS A 1 117 ? 7.659   -13.036 -4.336  1.00 61.26  ? 117 LYS A NZ   1 
ATOM   904  N  N    . LYS A 1 118 ? 8.012   -8.351  -9.307  1.00 55.16  ? 118 LYS A N    1 
ATOM   905  C  CA   . LYS A 1 118 ? 7.151   -7.782  -10.328 1.00 52.69  ? 118 LYS A CA   1 
ATOM   906  C  C    . LYS A 1 118 ? 7.965   -7.400  -11.559 1.00 56.52  ? 118 LYS A C    1 
ATOM   907  O  O    . LYS A 1 118 ? 9.186   -7.202  -11.502 1.00 54.45  ? 118 LYS A O    1 
ATOM   908  C  CB   . LYS A 1 118 ? 6.421   -6.551  -9.791  1.00 45.17  ? 118 LYS A CB   1 
ATOM   909  C  CG   . LYS A 1 118 ? 5.456   -6.841  -8.669  1.00 46.04  ? 118 LYS A CG   1 
ATOM   910  C  CD   . LYS A 1 118 ? 4.338   -7.764  -9.149  1.00 50.04  ? 118 LYS A CD   1 
ATOM   911  C  CE   . LYS A 1 118 ? 3.296   -7.989  -8.067  1.00 42.35  ? 118 LYS A CE   1 
ATOM   912  N  NZ   . LYS A 1 118 ? 2.216   -8.949  -8.516  1.00 41.34  ? 118 LYS A NZ   1 
ATOM   913  N  N    . GLU A 1 119 ? 7.266   -7.314  -12.689 1.00 48.82  ? 119 GLU A N    1 
ATOM   914  C  CA   . GLU A 1 119 ? 7.859   -6.711  -13.879 1.00 49.27  ? 119 GLU A CA   1 
ATOM   915  C  C    . GLU A 1 119 ? 7.823   -5.189  -13.799 1.00 50.09  ? 119 GLU A C    1 
ATOM   916  O  O    . GLU A 1 119 ? 8.850   -4.525  -13.971 1.00 50.65  ? 119 GLU A O    1 
ATOM   917  C  CB   . GLU A 1 119 ? 7.132   -7.199  -15.138 1.00 45.57  ? 119 GLU A CB   1 
ATOM   918  C  CG   . GLU A 1 119 ? 7.872   -6.899  -16.430 1.00 44.05  ? 119 GLU A CG   1 
ATOM   919  C  CD   . GLU A 1 119 ? 6.962   -6.959  -17.637 1.00 48.93  ? 119 GLU A CD   1 
ATOM   920  O  OE1  . GLU A 1 119 ? 5.849   -7.506  -17.497 1.00 53.01  ? 119 GLU A OE1  1 
ATOM   921  O  OE2  . GLU A 1 119 ? 7.352   -6.469  -18.726 1.00 57.52  ? 119 GLU A OE2  1 
ATOM   922  N  N    . LYS A 1 120 ? 6.647   -4.609  -13.555 1.00 49.96  ? 120 LYS A N    1 
ATOM   923  C  CA   . LYS A 1 120 ? 6.525   -3.157  -13.487 1.00 49.93  ? 120 LYS A CA   1 
ATOM   924  C  C    . LYS A 1 120 ? 5.530   -2.774  -12.406 1.00 42.42  ? 120 LYS A C    1 
ATOM   925  O  O    . LYS A 1 120 ? 4.448   -3.359  -12.318 1.00 43.32  ? 120 LYS A O    1 
ATOM   926  C  CB   . LYS A 1 120 ? 6.059   -2.531  -14.823 1.00 46.79  ? 120 LYS A CB   1 
ATOM   927  C  CG   . LYS A 1 120 ? 6.591   -3.179  -16.087 1.00 50.04  ? 120 LYS A CG   1 
ATOM   928  C  CD   . LYS A 1 120 ? 5.863   -2.637  -17.305 1.00 49.59  ? 120 LYS A CD   1 
ATOM   929  C  CE   . LYS A 1 120 ? 6.835   -2.381  -18.434 1.00 54.07  ? 120 LYS A CE   1 
ATOM   930  N  NZ   . LYS A 1 120 ? 6.085   -2.025  -19.665 1.00 67.07  ? 120 LYS A NZ   1 
ATOM   931  N  N    . VAL A 1 121 ? 5.883   -1.771  -11.608 1.00 41.33  ? 121 VAL A N    1 
ATOM   932  C  CA   . VAL A 1 121 ? 4.989   -1.269  -10.574 1.00 43.80  ? 121 VAL A CA   1 
ATOM   933  C  C    . VAL A 1 121 ? 4.886   0.243   -10.691 1.00 43.21  ? 121 VAL A C    1 
ATOM   934  O  O    . VAL A 1 121 ? 5.901   0.934   -10.829 1.00 45.46  ? 121 VAL A O    1 
ATOM   935  C  CB   . VAL A 1 121 ? 5.452   -1.659  -9.161  1.00 42.15  ? 121 VAL A CB   1 
ATOM   936  C  CG1  . VAL A 1 121 ? 4.461   -1.122  -8.134  1.00 41.34  ? 121 VAL A CG1  1 
ATOM   937  C  CG2  . VAL A 1 121 ? 5.577   -3.163  -9.049  1.00 45.27  ? 121 VAL A CG2  1 
ATOM   938  N  N    . TYR A 1 122 ? 3.660   0.748   -10.654 1.00 40.22  ? 122 TYR A N    1 
ATOM   939  C  CA   . TYR A 1 122 ? 3.387   2.169   -10.505 1.00 41.05  ? 122 TYR A CA   1 
ATOM   940  C  C    . TYR A 1 122 ? 2.744   2.386   -9.144  1.00 39.32  ? 122 TYR A C    1 
ATOM   941  O  O    . TYR A 1 122 ? 1.646   1.887   -8.890  1.00 41.27  ? 122 TYR A O    1 
ATOM   942  C  CB   . TYR A 1 122 ? 2.466   2.670   -11.614 1.00 43.36  ? 122 TYR A CB   1 
ATOM   943  C  CG   . TYR A 1 122 ? 1.987   4.077   -11.371 1.00 44.44  ? 122 TYR A CG   1 
ATOM   944  C  CD1  . TYR A 1 122 ? 2.812   5.161   -11.642 1.00 40.30  ? 122 TYR A CD1  1 
ATOM   945  C  CD2  . TYR A 1 122 ? 0.711   4.325   -10.868 1.00 42.26  ? 122 TYR A CD2  1 
ATOM   946  C  CE1  . TYR A 1 122 ? 2.390   6.459   -11.420 1.00 42.38  ? 122 TYR A CE1  1 
ATOM   947  C  CE2  . TYR A 1 122 ? 0.277   5.620   -10.643 1.00 46.59  ? 122 TYR A CE2  1 
ATOM   948  C  CZ   . TYR A 1 122 ? 1.126   6.686   -10.924 1.00 48.07  ? 122 TYR A CZ   1 
ATOM   949  O  OH   . TYR A 1 122 ? 0.706   7.979   -10.697 1.00 50.31  ? 122 TYR A OH   1 
ATOM   950  N  N    . LEU A 1 123 ? 3.409   3.145   -8.282  1.00 42.04  ? 123 LEU A N    1 
ATOM   951  C  CA   . LEU A 1 123 ? 2.909   3.420   -6.941  1.00 39.17  ? 123 LEU A CA   1 
ATOM   952  C  C    . LEU A 1 123 ? 2.845   4.927   -6.748  1.00 42.78  ? 123 LEU A C    1 
ATOM   953  O  O    . LEU A 1 123 ? 3.876   5.609   -6.812  1.00 44.02  ? 123 LEU A O    1 
ATOM   954  C  CB   . LEU A 1 123 ? 3.803   2.751   -5.891  1.00 43.25  ? 123 LEU A CB   1 
ATOM   955  C  CG   . LEU A 1 123 ? 3.553   3.102   -4.431  1.00 43.50  ? 123 LEU A CG   1 
ATOM   956  C  CD1  . LEU A 1 123 ? 2.217   2.548   -3.973  1.00 43.57  ? 123 LEU A CD1  1 
ATOM   957  C  CD2  . LEU A 1 123 ? 4.684   2.579   -3.550  1.00 49.21  ? 123 LEU A CD2  1 
ATOM   958  N  N    . ALA A 1 124 ? 1.638   5.452   -6.531  1.00 40.62  ? 124 ALA A N    1 
ATOM   959  C  CA   . ALA A 1 124 ? 1.427   6.890   -6.456  1.00 44.65  ? 124 ALA A CA   1 
ATOM   960  C  C    . ALA A 1 124 ? 0.648   7.266   -5.204  1.00 43.55  ? 124 ALA A C    1 
ATOM   961  O  O    . ALA A 1 124 ? -0.193  6.500   -4.726  1.00 44.80  ? 124 ALA A O    1 
ATOM   962  C  CB   . ALA A 1 124 ? 0.673   7.401   -7.676  1.00 45.27  ? 124 ALA A CB   1 
ATOM   963  N  N    . TRP A 1 125 ? 0.919   8.467   -4.696  1.00 44.17  ? 125 TRP A N    1 
ATOM   964  C  CA   . TRP A 1 125 ? 0.204   9.030   -3.553  1.00 41.87  ? 125 TRP A CA   1 
ATOM   965  C  C    . TRP A 1 125 ? -0.856  9.996   -4.043  1.00 44.52  ? 125 TRP A C    1 
ATOM   966  O  O    . TRP A 1 125 ? -0.583  10.828  -4.916  1.00 48.52  ? 125 TRP A O    1 
ATOM   967  C  CB   . TRP A 1 125 ? 1.144   9.780   -2.604  1.00 44.58  ? 125 TRP A CB   1 
ATOM   968  C  CG   . TRP A 1 125 ? 0.392   10.566  -1.523  1.00 40.62  ? 125 TRP A CG   1 
ATOM   969  C  CD1  . TRP A 1 125 ? -0.155  10.063  -0.381  1.00 43.34  ? 125 TRP A CD1  1 
ATOM   970  C  CD2  . TRP A 1 125 ? 0.096   11.972  -1.520  1.00 47.29  ? 125 TRP A CD2  1 
ATOM   971  N  NE1  . TRP A 1 125 ? -0.772  11.067  0.342   1.00 43.79  ? 125 TRP A NE1  1 
ATOM   972  C  CE2  . TRP A 1 125 ? -0.628  12.247  -0.337  1.00 51.15  ? 125 TRP A CE2  1 
ATOM   973  C  CE3  . TRP A 1 125 ? 0.368   13.025  -2.402  1.00 46.38  ? 125 TRP A CE3  1 
ATOM   974  C  CZ2  . TRP A 1 125 ? -1.070  13.532  -0.014  1.00 47.53  ? 125 TRP A CZ2  1 
ATOM   975  C  CZ3  . TRP A 1 125 ? -0.071  14.293  -2.079  1.00 50.59  ? 125 TRP A CZ3  1 
ATOM   976  C  CH2  . TRP A 1 125 ? -0.783  14.536  -0.892  1.00 47.24  ? 125 TRP A CH2  1 
ATOM   977  N  N    . VAL A 1 126 ? -2.059  9.888   -3.486  1.00 41.51  ? 126 VAL A N    1 
ATOM   978  C  CA   . VAL A 1 126 ? -3.068  10.941  -3.601  1.00 39.72  ? 126 VAL A CA   1 
ATOM   979  C  C    . VAL A 1 126 ? -3.581  11.254  -2.206  1.00 44.54  ? 126 VAL A C    1 
ATOM   980  O  O    . VAL A 1 126 ? -3.662  10.352  -1.364  1.00 42.82  ? 126 VAL A O    1 
ATOM   981  C  CB   . VAL A 1 126 ? -4.224  10.551  -4.535  1.00 44.70  ? 126 VAL A CB   1 
ATOM   982  C  CG1  . VAL A 1 126 ? -3.689  10.254  -5.929  1.00 48.65  ? 126 VAL A CG1  1 
ATOM   983  C  CG2  . VAL A 1 126 ? -5.005  9.368   -3.973  1.00 43.44  ? 126 VAL A CG2  1 
ATOM   984  N  N    . PRO A 1 127 ? -3.921  12.499  -1.902  1.00 43.46  ? 127 PRO A N    1 
ATOM   985  C  CA   . PRO A 1 127 ? -4.533  12.771  -0.604  1.00 48.81  ? 127 PRO A CA   1 
ATOM   986  C  C    . PRO A 1 127 ? -5.853  12.026  -0.494  1.00 46.77  ? 127 PRO A C    1 
ATOM   987  O  O    . PRO A 1 127 ? -6.552  11.815  -1.492  1.00 39.73  ? 127 PRO A O    1 
ATOM   988  C  CB   . PRO A 1 127 ? -4.730  14.291  -0.606  1.00 41.84  ? 127 PRO A CB   1 
ATOM   989  C  CG   . PRO A 1 127 ? -4.829  14.650  -2.051  1.00 47.44  ? 127 PRO A CG   1 
ATOM   990  C  CD   . PRO A 1 127 ? -3.921  13.684  -2.782  1.00 48.95  ? 127 PRO A CD   1 
ATOM   991  N  N    . ALA A 1 128 ? -6.148  11.568  0.718   1.00 41.90  ? 128 ALA A N    1 
ATOM   992  C  CA   . ALA A 1 128 ? -7.493  11.106  1.013   1.00 46.32  ? 128 ALA A CA   1 
ATOM   993  C  C    . ALA A 1 128 ? -8.458  12.198  0.601   1.00 39.72  ? 128 ALA A C    1 
ATOM   994  O  O    . ALA A 1 128 ? -8.218  13.381  0.853   1.00 45.22  ? 128 ALA A O    1 
ATOM   995  C  CB   . ALA A 1 128 ? -7.648  10.789  2.504   1.00 41.22  ? 128 ALA A CB   1 
ATOM   996  N  N    . HIS A 1 129 ? -9.514  11.810  -0.089  1.00 41.83  ? 129 HIS A N    1 
ATOM   997  C  CA   . HIS A 1 129 ? -10.479 12.790  -0.554  1.00 48.31  ? 129 HIS A CA   1 
ATOM   998  C  C    . HIS A 1 129 ? -11.839 12.123  -0.552  1.00 47.42  ? 129 HIS A C    1 
ATOM   999  O  O    . HIS A 1 129 ? -11.949 10.900  -0.425  1.00 49.25  ? 129 HIS A O    1 
ATOM   1000 C  CB   . HIS A 1 129 ? -10.117 13.310  -1.946  1.00 36.81  ? 129 HIS A CB   1 
ATOM   1001 C  CG   . HIS A 1 129 ? -9.773  12.216  -2.904  1.00 42.86  ? 129 HIS A CG   1 
ATOM   1002 N  ND1  . HIS A 1 129 ? -8.539  11.608  -2.915  1.00 39.79  ? 129 HIS A ND1  1 
ATOM   1003 C  CD2  . HIS A 1 129 ? -10.507 11.598  -3.861  1.00 39.98  ? 129 HIS A CD2  1 
ATOM   1004 C  CE1  . HIS A 1 129 ? -8.523  10.667  -3.843  1.00 41.02  ? 129 HIS A CE1  1 
ATOM   1005 N  NE2  . HIS A 1 129 ? -9.701  10.646  -4.436  1.00 34.18  ? 129 HIS A NE2  1 
ATOM   1006 N  N    . LYS A 1 130 ? -12.875 12.935  -0.676  1.00 55.92  ? 130 LYS A N    1 
ATOM   1007 C  CA   . LYS A 1 130 ? -14.230 12.414  -0.712  1.00 56.89  ? 130 LYS A CA   1 
ATOM   1008 C  C    . LYS A 1 130 ? -14.690 12.315  -2.154  1.00 57.49  ? 130 LYS A C    1 
ATOM   1009 O  O    . LYS A 1 130 ? -14.110 12.912  -3.066  1.00 53.72  ? 130 LYS A O    1 
ATOM   1010 C  CB   . LYS A 1 130 ? -15.198 13.284  0.102   1.00 62.24  ? 130 LYS A CB   1 
ATOM   1011 C  CG   . LYS A 1 130 ? -15.528 12.724  1.504   1.00 69.32  ? 130 LYS A CG   1 
ATOM   1012 C  CD   . LYS A 1 130 ? -14.299 12.098  2.202   1.00 61.03  ? 130 LYS A CD   1 
ATOM   1013 C  CE   . LYS A 1 130 ? -13.368 13.175  2.764   1.00 64.85  ? 130 LYS A CE   1 
ATOM   1014 N  NZ   . LYS A 1 130 ? -11.996 12.672  3.059   1.00 62.12  ? 130 LYS A NZ   1 
ATOM   1015 N  N    . GLY A 1 131 ? -15.742 11.537  -2.350  1.00 59.48  ? 131 GLY A N    1 
ATOM   1016 C  CA   . GLY A 1 131 ? -16.207 11.283  -3.688  1.00 55.54  ? 131 GLY A CA   1 
ATOM   1017 C  C    . GLY A 1 131 ? -16.543 9.825   -3.843  1.00 61.58  ? 131 GLY A C    1 
ATOM   1018 O  O    . GLY A 1 131 ? -16.917 9.159   -2.870  1.00 64.30  ? 131 GLY A O    1 
ATOM   1019 N  N    . ILE A 1 132 ? -16.395 9.312   -5.068  1.00 58.46  ? 132 ILE A N    1 
ATOM   1020 C  CA   . ILE A 1 132 ? -16.818 7.966   -5.400  1.00 58.69  ? 132 ILE A CA   1 
ATOM   1021 C  C    . ILE A 1 132 ? -15.726 7.155   -6.072  1.00 59.61  ? 132 ILE A C    1 
ATOM   1022 O  O    . ILE A 1 132 ? -15.952 5.993   -6.406  1.00 62.50  ? 132 ILE A O    1 
ATOM   1023 C  CB   . ILE A 1 132 ? -18.077 7.984   -6.292  1.00 65.06  ? 132 ILE A CB   1 
ATOM   1024 C  CG1  . ILE A 1 132 ? -17.821 8.825   -7.551  1.00 63.26  ? 132 ILE A CG1  1 
ATOM   1025 C  CG2  . ILE A 1 132 ? -19.285 8.502   -5.518  1.00 61.61  ? 132 ILE A CG2  1 
ATOM   1026 C  CD1  . ILE A 1 132 ? -17.296 8.020   -8.746  1.00 65.70  ? 132 ILE A CD1  1 
ATOM   1027 N  N    . GLY A 1 133 ? -14.554 7.738   -6.318  1.00 58.43  ? 133 GLY A N    1 
ATOM   1028 C  CA   . GLY A 1 133 ? -13.477 6.976   -6.923  1.00 51.66  ? 133 GLY A CA   1 
ATOM   1029 C  C    . GLY A 1 133 ? -13.028 5.811   -6.059  1.00 52.35  ? 133 GLY A C    1 
ATOM   1030 O  O    . GLY A 1 133 ? -13.662 5.486   -5.038  1.00 43.76  ? 133 GLY A O    1 
ATOM   1031 N  N    . GLY A 1 134 ? -11.913 5.189   -6.454  1.00 47.07  ? 134 GLY A N    1 
ATOM   1032 C  CA   . GLY A 1 134 ? -11.449 3.998   -5.755  1.00 45.18  ? 134 GLY A CA   1 
ATOM   1033 C  C    . GLY A 1 134 ? -10.991 4.263   -4.328  1.00 50.84  ? 134 GLY A C    1 
ATOM   1034 O  O    . GLY A 1 134 ? -11.310 3.490   -3.418  1.00 40.69  ? 134 GLY A O    1 
ATOM   1035 N  N    . ASN A 1 135 ? -10.199 5.332   -4.117  1.00 48.74  ? 135 ASN A N    1 
ATOM   1036 C  CA   . ASN A 1 135 ? -9.698  5.616   -2.766  1.00 43.33  ? 135 ASN A CA   1 
ATOM   1037 C  C    . ASN A 1 135 ? -10.852 5.844   -1.798  1.00 41.02  ? 135 ASN A C    1 
ATOM   1038 O  O    . ASN A 1 135 ? -10.790 5.428   -0.636  1.00 47.09  ? 135 ASN A O    1 
ATOM   1039 C  CB   . ASN A 1 135 ? -8.759  6.833   -2.772  1.00 42.90  ? 135 ASN A CB   1 
ATOM   1040 C  CG   . ASN A 1 135 ? -8.394  7.320   -1.345  1.00 41.42  ? 135 ASN A CG   1 
ATOM   1041 O  OD1  . ASN A 1 135 ? -8.977  8.274   -0.819  1.00 41.71  ? 135 ASN A OD1  1 
ATOM   1042 N  ND2  . ASN A 1 135 ? -7.427  6.654   -0.727  1.00 38.56  ? 135 ASN A ND2  1 
ATOM   1043 N  N    . GLU A 1 136 ? -11.926 6.482   -2.273  1.00 41.32  ? 136 GLU A N    1 
ATOM   1044 C  CA   . GLU A 1 136 ? -13.087 6.727   -1.428  1.00 41.98  ? 136 GLU A CA   1 
ATOM   1045 C  C    . GLU A 1 136 ? -13.751 5.414   -1.007  1.00 46.16  ? 136 GLU A C    1 
ATOM   1046 O  O    . GLU A 1 136 ? -14.081 5.236   0.168   1.00 42.38  ? 136 GLU A O    1 
ATOM   1047 C  CB   . GLU A 1 136 ? -14.073 7.647   -2.155  1.00 52.72  ? 136 GLU A CB   1 
ATOM   1048 C  CG   . GLU A 1 136 ? -13.472 9.019   -2.594  1.00 54.92  ? 136 GLU A CG   1 
ATOM   1049 C  CD   . GLU A 1 136 ? -13.032 9.056   -4.064  1.00 48.66  ? 136 GLU A CD   1 
ATOM   1050 O  OE1  . GLU A 1 136 ? -12.195 8.224   -4.458  1.00 41.25  ? 136 GLU A OE1  1 
ATOM   1051 O  OE2  . GLU A 1 136 ? -13.526 9.913   -4.824  1.00 47.62  ? 136 GLU A OE2  1 
ATOM   1052 N  N    . GLN A 1 137 ? -13.907 4.463   -1.941  1.00 37.81  ? 137 GLN A N    1 
ATOM   1053 C  CA   . GLN A 1 137 ? -14.639 3.231   -1.638  1.00 50.05  ? 137 GLN A CA   1 
ATOM   1054 C  C    . GLN A 1 137 ? -13.852 2.337   -0.696  1.00 39.67  ? 137 GLN A C    1 
ATOM   1055 O  O    . GLN A 1 137 ? -14.410 1.786   0.253   1.00 44.21  ? 137 GLN A O    1 
ATOM   1056 C  CB   . GLN A 1 137 ? -14.959 2.460   -2.920  1.00 47.80  ? 137 GLN A CB   1 
ATOM   1057 C  CG   . GLN A 1 137 ? -15.666 3.265   -3.978  1.00 51.92  ? 137 GLN A CG   1 
ATOM   1058 C  CD   . GLN A 1 137 ? -16.128 2.392   -5.113  1.00 64.67  ? 137 GLN A CD   1 
ATOM   1059 O  OE1  . GLN A 1 137 ? -15.539 1.333   -5.365  1.00 56.22  ? 137 GLN A OE1  1 
ATOM   1060 N  NE2  . GLN A 1 137 ? -17.162 2.834   -5.829  1.00 63.86  ? 137 GLN A NE2  1 
ATOM   1061 N  N    . VAL A 1 138 ? -12.555 2.155   -0.965  1.00 41.26  ? 138 VAL A N    1 
ATOM   1062 C  CA   . VAL A 1 138 ? -11.732 1.334   -0.091  1.00 37.15  ? 138 VAL A CA   1 
ATOM   1063 C  C    . VAL A 1 138 ? -11.561 1.999   1.270   1.00 43.48  ? 138 VAL A C    1 
ATOM   1064 O  O    . VAL A 1 138 ? -11.449 1.308   2.292   1.00 45.43  ? 138 VAL A O    1 
ATOM   1065 C  CB   . VAL A 1 138 ? -10.382 1.019   -0.767  1.00 43.04  ? 138 VAL A CB   1 
ATOM   1066 C  CG1  . VAL A 1 138 ? -9.540  2.293   -1.017  1.00 35.13  ? 138 VAL A CG1  1 
ATOM   1067 C  CG2  . VAL A 1 138 ? -9.616  0.010   0.072   1.00 34.84  ? 138 VAL A CG2  1 
ATOM   1068 N  N    . ASP A 1 139 ? -11.576 3.332   1.327   1.00 37.67  ? 139 ASP A N    1 
ATOM   1069 C  CA   . ASP A 1 139 ? -11.553 3.999   2.623   1.00 44.66  ? 139 ASP A CA   1 
ATOM   1070 C  C    . ASP A 1 139 ? -12.740 3.576   3.470   1.00 47.65  ? 139 ASP A C    1 
ATOM   1071 O  O    . ASP A 1 139 ? -12.581 3.135   4.614   1.00 44.09  ? 139 ASP A O    1 
ATOM   1072 C  CB   . ASP A 1 139 ? -11.583 5.508   2.481   1.00 43.03  ? 139 ASP A CB   1 
ATOM   1073 C  CG   . ASP A 1 139 ? -11.415 6.170   3.798   1.00 43.15  ? 139 ASP A CG   1 
ATOM   1074 O  OD1  . ASP A 1 139 ? -12.333 6.793   4.346   1.00 53.64  ? 139 ASP A OD1  1 
ATOM   1075 O  OD2  . ASP A 1 139 ? -10.322 6.045   4.306   1.00 52.50  ? 139 ASP A OD2  1 
ATOM   1076 N  N    . LYS A 1 140 ? -13.950 3.741   2.931   1.00 51.53  ? 140 LYS A N    1 
ATOM   1077 C  CA   . LYS A 1 140 ? -15.147 3.324   3.657   1.00 47.41  ? 140 LYS A CA   1 
ATOM   1078 C  C    . LYS A 1 140 ? -15.055 1.854   4.077   1.00 46.30  ? 140 LYS A C    1 
ATOM   1079 O  O    . LYS A 1 140 ? -15.437 1.493   5.200   1.00 42.24  ? 140 LYS A O    1 
ATOM   1080 C  CB   . LYS A 1 140 ? -16.390 3.578   2.797   1.00 51.72  ? 140 LYS A CB   1 
ATOM   1081 C  CG   . LYS A 1 140 ? -16.975 5.006   2.896   1.00 63.54  ? 140 LYS A CG   1 
ATOM   1082 C  CD   . LYS A 1 140 ? -16.657 5.869   1.656   1.00 65.13  ? 140 LYS A CD   1 
ATOM   1083 C  CE   . LYS A 1 140 ? -16.601 7.383   1.962   1.00 68.09  ? 140 LYS A CE   1 
ATOM   1084 N  NZ   . LYS A 1 140 ? -16.332 8.226   0.734   1.00 66.82  ? 140 LYS A NZ   1 
ATOM   1085 N  N    . LEU A 1 141 ? -14.515 0.995   3.203   1.00 43.82  ? 141 LEU A N    1 
ATOM   1086 C  CA   . LEU A 1 141 ? -14.412 -0.430  3.527   1.00 42.85  ? 141 LEU A CA   1 
ATOM   1087 C  C    . LEU A 1 141 ? -13.442 -0.696  4.675   1.00 44.92  ? 141 LEU A C    1 
ATOM   1088 O  O    . LEU A 1 141 ? -13.693 -1.556  5.527   1.00 43.05  ? 141 LEU A O    1 
ATOM   1089 C  CB   . LEU A 1 141 ? -13.978 -1.216  2.298   1.00 40.95  ? 141 LEU A CB   1 
ATOM   1090 C  CG   . LEU A 1 141 ? -15.082 -1.631  1.334   1.00 47.10  ? 141 LEU A CG   1 
ATOM   1091 C  CD1  . LEU A 1 141 ? -14.429 -2.401  0.198   1.00 47.74  ? 141 LEU A CD1  1 
ATOM   1092 C  CD2  . LEU A 1 141 ? -16.119 -2.487  2.020   1.00 44.86  ? 141 LEU A CD2  1 
ATOM   1093 N  N    . VAL A 1 142 ? -12.300 -0.016  4.702   1.00 42.86  ? 142 VAL A N    1 
ATOM   1094 C  CA   . VAL A 1 142 ? -11.390 -0.295  5.801   1.00 44.89  ? 142 VAL A CA   1 
ATOM   1095 C  C    . VAL A 1 142 ? -11.776 0.487   7.046   1.00 44.95  ? 142 VAL A C    1 
ATOM   1096 O  O    . VAL A 1 142 ? -11.353 0.120   8.153   1.00 41.94  ? 142 VAL A O    1 
ATOM   1097 C  CB   . VAL A 1 142 ? -9.928  -0.036  5.399   1.00 41.21  ? 142 VAL A CB   1 
ATOM   1098 C  CG1  . VAL A 1 142 ? -9.520  -1.038  4.340   1.00 39.75  ? 142 VAL A CG1  1 
ATOM   1099 C  CG2  . VAL A 1 142 ? -9.729  1.403   4.916   1.00 43.35  ? 142 VAL A CG2  1 
ATOM   1100 N  N    . SER A 1 143 ? -12.593 1.533   6.900   1.00 38.54  ? 143 SER A N    1 
ATOM   1101 C  CA   . SER A 1 143 ? -12.967 2.363   8.036   1.00 48.51  ? 143 SER A CA   1 
ATOM   1102 C  C    . SER A 1 143 ? -14.143 1.786   8.813   1.00 45.58  ? 143 SER A C    1 
ATOM   1103 O  O    . SER A 1 143 ? -14.374 2.181   9.968   1.00 39.54  ? 143 SER A O    1 
ATOM   1104 C  CB   . SER A 1 143 ? -13.306 3.784   7.563   1.00 49.92  ? 143 SER A CB   1 
ATOM   1105 O  OG   . SER A 1 143 ? -12.123 4.522   7.255   1.00 52.17  ? 143 SER A OG   1 
ATOM   1106 N  N    . ALA A 1 144 ? -14.890 0.880   8.196   1.00 37.91  ? 144 ALA A N    1 
ATOM   1107 C  CA   . ALA A 1 144 ? -16.064 0.298   8.826   1.00 47.73  ? 144 ALA A CA   1 
ATOM   1108 C  C    . ALA A 1 144 ? -15.675 -0.410  10.116  1.00 43.05  ? 144 ALA A C    1 
ATOM   1109 O  O    . ALA A 1 144 ? -14.833 -1.316  10.111  1.00 40.72  ? 144 ALA A O    1 
ATOM   1110 C  CB   . ALA A 1 144 ? -16.747 -0.672  7.856   1.00 44.48  ? 144 ALA A CB   1 
ATOM   1111 N  N    . GLY A 1 145 ? -16.282 0.010   11.221  1.00 40.15  ? 145 GLY A N    1 
ATOM   1112 C  CA   . GLY A 1 145 ? -16.024 -0.607  12.500  1.00 46.17  ? 145 GLY A CA   1 
ATOM   1113 C  C    . GLY A 1 145 ? -14.707 -0.218  13.112  1.00 50.27  ? 145 GLY A C    1 
ATOM   1114 O  O    . GLY A 1 145 ? -14.411 -0.652  14.235  1.00 39.44  ? 145 GLY A O    1 
ATOM   1115 N  N    . ILE A 1 146 ? -13.905 0.576   12.404  1.00 41.58  ? 146 ILE A N    1 
ATOM   1116 C  CA   . ILE A 1 146 ? -12.631 1.062   12.904  1.00 39.67  ? 146 ILE A CA   1 
ATOM   1117 C  C    . ILE A 1 146 ? -12.659 2.563   13.153  1.00 47.44  ? 146 ILE A C    1 
ATOM   1118 O  O    . ILE A 1 146 ? -12.055 3.039   14.117  1.00 51.22  ? 146 ILE A O    1 
ATOM   1119 C  CB   . ILE A 1 146 ? -11.479 0.700   11.941  1.00 42.90  ? 146 ILE A CB   1 
ATOM   1120 C  CG1  . ILE A 1 146 ? -11.546 -0.753  11.530  1.00 38.64  ? 146 ILE A CG1  1 
ATOM   1121 C  CG2  . ILE A 1 146 ? -10.131 0.967   12.604  1.00 43.48  ? 146 ILE A CG2  1 
ATOM   1122 C  CD1  . ILE A 1 146 ? -11.053 -1.721  12.633  1.00 38.37  ? 146 ILE A CD1  1 
ATOM   1123 N  N    . ARG A 1 147 ? -13.351 3.323   12.295  1.00 53.31  ? 147 ARG A N    1 
ATOM   1124 C  CA   . ARG A 1 147 ? -13.326 4.779   12.358  1.00 53.80  ? 147 ARG A CA   1 
ATOM   1125 C  C    . ARG A 1 147 ? -14.612 5.393   11.806  1.00 53.86  ? 147 ARG A C    1 
ATOM   1126 O  O    . ARG A 1 147 ? -15.154 4.912   10.812  1.00 56.25  ? 147 ARG A O    1 
ATOM   1127 C  CB   . ARG A 1 147 ? -12.095 5.316   11.607  1.00 56.10  ? 147 ARG A CB   1 
ATOM   1128 C  CG   . ARG A 1 147 ? -11.834 6.833   11.693  1.00 65.30  ? 147 ARG A CG   1 
ATOM   1129 C  CD   . ARG A 1 147 ? -12.252 7.482   13.032  1.00 66.57  ? 147 ARG A CD   1 
ATOM   1130 N  NE   . ARG A 1 147 ? -12.196 6.581   14.178  1.00 68.20  ? 147 ARG A NE   1 
ATOM   1131 C  CZ   . ARG A 1 147 ? -12.990 6.657   15.242  1.00 65.96  ? 147 ARG A CZ   1 
ATOM   1132 N  NH1  . ARG A 1 147 ? -13.832 7.667   15.403  1.00 59.14  ? 147 ARG A NH1  1 
ATOM   1133 N  NH2  . ARG A 1 147 ? -12.966 5.668   16.144  1.00 48.77  ? 147 ARG A NH2  1 
ATOM   1134 N  N    . LYS A 1 148 ? -15.122 6.423   12.489  1.00 54.62  ? 148 LYS A N    1 
ATOM   1135 C  CA   . LYS A 1 148 ? -16.184 7.249   11.927  1.00 57.65  ? 148 LYS A CA   1 
ATOM   1136 C  C    . LYS A 1 148 ? -15.672 7.975   10.708  1.00 67.91  ? 148 LYS A C    1 
ATOM   1137 O  O    . LYS A 1 148 ? -14.602 8.585   10.754  1.00 65.48  ? 148 LYS A O    1 
ATOM   1138 C  CB   . LYS A 1 148 ? -16.676 8.286   12.930  1.00 59.83  ? 148 LYS A CB   1 
ATOM   1139 C  CG   . LYS A 1 148 ? -17.885 7.887   13.744  1.00 68.06  ? 148 LYS A CG   1 
ATOM   1140 C  CD   . LYS A 1 148 ? -18.680 9.112   14.224  1.00 63.86  ? 148 LYS A CD   1 
ATOM   1141 C  CE   . LYS A 1 148 ? -19.108 10.020  13.052  1.00 67.41  ? 148 LYS A CE   1 
ATOM   1142 N  NZ   . LYS A 1 148 ? -19.483 9.340   11.786  1.00 72.35  ? 148 LYS A NZ   1 
ATOM   1143 N  N    . VAL A 1 149 ? -16.460 7.942   9.638   1.00 69.02  ? 149 VAL A N    1 
ATOM   1144 C  CA   . VAL A 1 149 ? -16.081 8.588   8.387   1.00 70.43  ? 149 VAL A CA   1 
ATOM   1145 C  C    . VAL A 1 149 ? -16.674 9.998   8.275   1.00 72.20  ? 149 VAL A C    1 
ATOM   1146 O  O    . VAL A 1 149 ? -15.957 10.936  7.905   1.00 63.93  ? 149 VAL A O    1 
ATOM   1147 C  CB   . VAL A 1 149 ? -16.486 7.711   7.188   1.00 71.22  ? 149 VAL A CB   1 
ATOM   1148 C  CG1  . VAL A 1 149 ? -15.443 6.633   6.951   1.00 63.97  ? 149 VAL A CG1  1 
ATOM   1149 C  CG2  . VAL A 1 149 ? -17.868 7.065   7.435   1.00 73.07  ? 149 VAL A CG2  1 
HETATM 1150 MN MN   . MN  B 2 .   ? -5.285  5.673   4.071   1.00 35.87  ? 201 MN  A MN   1 
HETATM 1151 MN MN   . MN  C 2 .   ? -8.231  6.474   3.518   1.00 60.85  ? 202 MN  A MN   1 
HETATM 1152 ZN ZN   . ZN  D 3 .   ? -10.839 9.246   -5.787  1.00 41.74  ? 203 ZN  A ZN   1 
HETATM 1153 ZN ZN   . ZN  E 3 .   ? 4.524   -7.140  -18.798 1.00 44.85  ? 204 ZN  A ZN   1 
HETATM 1154 C  CAB  . E6I F 4 .   ? -4.739  7.918   5.734   1.00 68.25  ? 205 E6I A CAB  1 
HETATM 1155 C  CAC  . E6I F 4 .   ? -5.580  8.897   6.105   1.00 70.56  ? 205 E6I A CAC  1 
HETATM 1156 C  CAD  . E6I F 4 .   ? -6.842  8.481   6.163   1.00 71.49  ? 205 E6I A CAD  1 
HETATM 1157 C  CAE  . E6I F 4 .   ? -6.927  7.210   5.769   1.00 64.28  ? 205 E6I A CAE  1 
HETATM 1158 C  CAJ  . E6I F 4 .   ? -8.072  6.519   5.704   1.00 64.17  ? 205 E6I A CAJ  1 
HETATM 1159 C  CAM  . E6I F 4 .   ? -9.392  7.342   7.561   1.00 72.96  ? 205 E6I A CAM  1 
HETATM 1160 C  CAN  . E6I F 4 .   ? -9.626  5.991   8.260   1.00 64.53  ? 205 E6I A CAN  1 
HETATM 1161 N  NAF  . E6I F 4 .   ? -3.397  8.025   5.530   1.00 69.50  ? 205 E6I A NAF  1 
HETATM 1162 O  OAA  . E6I F 4 .   ? -5.664  6.729   5.410   1.00 57.35  ? 205 E6I A OAA  1 
HETATM 1163 O  OAG  . E6I F 4 .   ? -2.563  6.872   5.119   1.00 69.91  ? 205 E6I A OAG  1 
HETATM 1164 O  OAH  . E6I F 4 .   ? -2.759  9.381   5.469   1.00 66.22  ? 205 E6I A OAH  1 
HETATM 1165 O  OAK  . E6I F 4 .   ? -8.060  5.315   5.435   1.00 65.11  ? 205 E6I A OAK  1 
HETATM 1166 O  OAL  . E6I F 4 .   ? -9.217  7.157   6.134   1.00 61.46  ? 205 E6I A OAL  1 
HETATM 1167 BR BRAI . E6I F 4 .   ? -5.066  10.654  6.649   1.00 140.55 ? 205 E6I A BRAI 1 
HETATM 1168 O  O    . HOH G 5 .   ? -5.367  -7.857  21.006  1.00 23.05  ? 301 HOH A O    1 
HETATM 1169 O  O    . HOH G 5 .   ? 4.248   -5.150  -19.935 1.00 34.70  ? 302 HOH A O    1 
HETATM 1170 O  O    . HOH G 5 .   ? -13.681 1.392   -8.744  1.00 49.02  ? 303 HOH A O    1 
# 
loop_
_pdbx_poly_seq_scheme.asym_id 
_pdbx_poly_seq_scheme.entity_id 
_pdbx_poly_seq_scheme.seq_id 
_pdbx_poly_seq_scheme.mon_id 
_pdbx_poly_seq_scheme.ndb_seq_num 
_pdbx_poly_seq_scheme.pdb_seq_num 
_pdbx_poly_seq_scheme.auth_seq_num 
_pdbx_poly_seq_scheme.pdb_mon_id 
_pdbx_poly_seq_scheme.auth_mon_id 
_pdbx_poly_seq_scheme.pdb_strand_id 
_pdbx_poly_seq_scheme.pdb_ins_code 
_pdbx_poly_seq_scheme.hetero 
A 1 1   GLY 1   1   ?   ?   ?   A . n 
A 1 2   PRO 2   2   ?   ?   ?   A . n 
A 1 3   GLY 3   3   ?   ?   ?   A . n 
A 1 4   GLY 4   4   ?   ?   ?   A . n 
A 1 5   SER 5   5   5   SER SER A . n 
A 1 6   MET 6   6   6   MET MET A . n 
A 1 7   TYR 7   7   7   TYR TYR A . n 
A 1 8   GLN 8   8   8   GLN GLN A . n 
A 1 9   LEU 9   9   9   LEU LEU A . n 
A 1 10  GLU 10  10  10  GLU GLU A . n 
A 1 11  LYS 11  11  11  LYS LYS A . n 
A 1 12  GLU 12  12  12  GLU GLU A . n 
A 1 13  PRO 13  13  13  PRO PRO A . n 
A 1 14  ILE 14  14  14  ILE ILE A . n 
A 1 15  VAL 15  15  15  VAL VAL A . n 
A 1 16  GLY 16  16  16  GLY GLY A . n 
A 1 17  ALA 17  17  17  ALA ALA A . n 
A 1 18  GLU 18  18  18  GLU GLU A . n 
A 1 19  THR 19  19  19  THR THR A . n 
A 1 20  PHE 20  20  20  PHE PHE A . n 
A 1 21  TYR 21  21  21  TYR TYR A . n 
A 1 22  VAL 22  22  22  VAL VAL A . n 
A 1 23  ASP 23  23  23  ASP ASP A . n 
A 1 24  GLY 24  24  24  GLY GLY A . n 
A 1 25  ALA 25  25  25  ALA ALA A . n 
A 1 26  ALA 26  26  26  ALA ALA A . n 
A 1 27  ASN 27  27  27  ASN ASN A . n 
A 1 28  ARG 28  28  28  ARG ARG A . n 
A 1 29  GLU 29  29  29  GLU GLU A . n 
A 1 30  THR 30  30  30  THR THR A . n 
A 1 31  LYS 31  31  31  LYS LYS A . n 
A 1 32  LEU 32  32  32  LEU LEU A . n 
A 1 33  GLY 33  33  33  GLY GLY A . n 
A 1 34  LYS 34  34  34  LYS LYS A . n 
A 1 35  ALA 35  35  35  ALA ALA A . n 
A 1 36  GLY 36  36  36  GLY GLY A . n 
A 1 37  TYR 37  37  37  TYR TYR A . n 
A 1 38  VAL 38  38  38  VAL VAL A . n 
A 1 39  THR 39  39  39  THR THR A . n 
A 1 40  ASN 40  40  40  ASN ASN A . n 
A 1 41  ARG 41  41  41  ARG ARG A . n 
A 1 42  GLY 42  42  42  GLY GLY A . n 
A 1 43  ARG 43  43  43  ARG ARG A . n 
A 1 44  GLN 44  44  44  GLN GLN A . n 
A 1 45  LYS 45  45  45  LYS LYS A . n 
A 1 46  VAL 46  46  46  VAL VAL A . n 
A 1 47  VAL 47  47  47  VAL VAL A . n 
A 1 48  THR 48  48  48  THR THR A . n 
A 1 49  LEU 49  49  49  LEU LEU A . n 
A 1 50  THR 50  50  50  THR THR A . n 
A 1 51  ASP 51  51  51  ASP ASP A . n 
A 1 52  THR 52  52  52  THR THR A . n 
A 1 53  THR 53  53  53  THR THR A . n 
A 1 54  ASN 54  54  54  ASN ASN A . n 
A 1 55  GLN 55  55  55  GLN GLN A . n 
A 1 56  LYS 56  56  56  LYS LYS A . n 
A 1 57  THR 57  57  57  THR THR A . n 
A 1 58  GLU 58  58  58  GLU GLU A . n 
A 1 59  LEU 59  59  59  LEU LEU A . n 
A 1 60  GLN 60  60  60  GLN GLN A . n 
A 1 61  ALA 61  61  61  ALA ALA A . n 
A 1 62  ILE 62  62  62  ILE ILE A . n 
A 1 63  TYR 63  63  63  TYR TYR A . n 
A 1 64  LEU 64  64  64  LEU LEU A . n 
A 1 65  ALA 65  65  65  ALA ALA A . n 
A 1 66  LEU 66  66  66  LEU LEU A . n 
A 1 67  GLN 67  67  67  GLN GLN A . n 
A 1 68  ASP 68  68  68  ASP ASP A . n 
A 1 69  SER 69  69  69  SER SER A . n 
A 1 70  GLY 70  70  70  GLY GLY A . n 
A 1 71  LEU 71  71  71  LEU LEU A . n 
A 1 72  GLU 72  72  72  GLU GLU A . n 
A 1 73  VAL 73  73  73  VAL VAL A . n 
A 1 74  ASN 74  74  74  ASN ASN A . n 
A 1 75  ILE 75  75  75  ILE ILE A . n 
A 1 76  VAL 76  76  76  VAL VAL A . n 
A 1 77  THR 77  77  77  THR THR A . n 
A 1 78  ASP 78  78  78  ASP ASP A . n 
A 1 79  SER 79  79  79  SER SER A . n 
A 1 80  GLN 80  80  80  GLN GLN A . n 
A 1 81  TYR 81  81  81  TYR TYR A . n 
A 1 82  ALA 82  82  82  ALA ALA A . n 
A 1 83  LEU 83  83  83  LEU LEU A . n 
A 1 84  GLY 84  84  84  GLY GLY A . n 
A 1 85  ILE 85  85  85  ILE ILE A . n 
A 1 86  ILE 86  86  86  ILE ILE A . n 
A 1 87  THR 87  87  87  THR THR A . n 
A 1 88  GLN 88  88  88  GLN GLN A . n 
A 1 89  TRP 89  89  89  TRP TRP A . n 
A 1 90  ILE 90  90  90  ILE ILE A . n 
A 1 91  HIS 91  91  91  HIS HIS A . n 
A 1 92  ASN 92  92  92  ASN ASN A . n 
A 1 93  TRP 93  93  93  TRP TRP A . n 
A 1 94  LYS 94  94  94  LYS LYS A . n 
A 1 95  LYS 95  95  95  LYS LYS A . n 
A 1 96  ARG 96  96  96  ARG ARG A . n 
A 1 97  GLY 97  97  97  GLY GLY A . n 
A 1 98  TRP 98  98  98  TRP TRP A . n 
A 1 99  LYS 99  99  99  LYS LYS A . n 
A 1 100 THR 100 100 100 THR THR A . n 
A 1 101 PRO 101 101 101 PRO PRO A . n 
A 1 102 VAL 102 102 102 VAL VAL A . n 
A 1 103 LYS 103 103 103 LYS LYS A . n 
A 1 104 ASN 104 104 104 ASN ASN A . n 
A 1 105 VAL 105 105 105 VAL VAL A . n 
A 1 106 ASP 106 106 106 ASP ASP A . n 
A 1 107 LEU 107 107 107 LEU LEU A . n 
A 1 108 VAL 108 108 108 VAL VAL A . n 
A 1 109 ASN 109 109 109 ASN ASN A . n 
A 1 110 GLN 110 110 110 GLN GLN A . n 
A 1 111 ILE 111 111 111 ILE ILE A . n 
A 1 112 ILE 112 112 112 ILE ILE A . n 
A 1 113 GLU 113 113 113 GLU GLU A . n 
A 1 114 GLN 114 114 114 GLN GLN A . n 
A 1 115 LEU 115 115 115 LEU LEU A . n 
A 1 116 ILE 116 116 116 ILE ILE A . n 
A 1 117 LYS 117 117 117 LYS LYS A . n 
A 1 118 LYS 118 118 118 LYS LYS A . n 
A 1 119 GLU 119 119 119 GLU GLU A . n 
A 1 120 LYS 120 120 120 LYS LYS A . n 
A 1 121 VAL 121 121 121 VAL VAL A . n 
A 1 122 TYR 122 122 122 TYR TYR A . n 
A 1 123 LEU 123 123 123 LEU LEU A . n 
A 1 124 ALA 124 124 124 ALA ALA A . n 
A 1 125 TRP 125 125 125 TRP TRP A . n 
A 1 126 VAL 126 126 126 VAL VAL A . n 
A 1 127 PRO 127 127 127 PRO PRO A . n 
A 1 128 ALA 128 128 128 ALA ALA A . n 
A 1 129 HIS 129 129 129 HIS HIS A . n 
A 1 130 LYS 130 130 130 LYS LYS A . n 
A 1 131 GLY 131 131 131 GLY GLY A . n 
A 1 132 ILE 132 132 132 ILE ILE A . n 
A 1 133 GLY 133 133 133 GLY GLY A . n 
A 1 134 GLY 134 134 134 GLY GLY A . n 
A 1 135 ASN 135 135 135 ASN ASN A . n 
A 1 136 GLU 136 136 136 GLU GLU A . n 
A 1 137 GLN 137 137 137 GLN GLN A . n 
A 1 138 VAL 138 138 138 VAL VAL A . n 
A 1 139 ASP 139 139 139 ASP ASP A . n 
A 1 140 LYS 140 140 140 LYS LYS A . n 
A 1 141 LEU 141 141 141 LEU LEU A . n 
A 1 142 VAL 142 142 142 VAL VAL A . n 
A 1 143 SER 143 143 143 SER SER A . n 
A 1 144 ALA 144 144 144 ALA ALA A . n 
A 1 145 GLY 145 145 145 GLY GLY A . n 
A 1 146 ILE 146 146 146 ILE ILE A . n 
A 1 147 ARG 147 147 147 ARG ARG A . n 
A 1 148 LYS 148 148 148 LYS LYS A . n 
A 1 149 VAL 149 149 149 VAL VAL A . n 
A 1 150 LEU 150 150 ?   ?   ?   A . n 
A 1 151 PHE 151 151 ?   ?   ?   A . n 
# 
_pdbx_contact_author.id                 2 
_pdbx_contact_author.email              hoshino@chiba-u.jp 
_pdbx_contact_author.name_first         Tyuji 
_pdbx_contact_author.name_last          Hoshino 
_pdbx_contact_author.name_mi            ? 
_pdbx_contact_author.role               'principal investigator/group leader' 
_pdbx_contact_author.identifier_ORCID   0000-0003-4705-4412 
# 
loop_
_pdbx_nonpoly_scheme.asym_id 
_pdbx_nonpoly_scheme.entity_id 
_pdbx_nonpoly_scheme.mon_id 
_pdbx_nonpoly_scheme.ndb_seq_num 
_pdbx_nonpoly_scheme.pdb_seq_num 
_pdbx_nonpoly_scheme.auth_seq_num 
_pdbx_nonpoly_scheme.pdb_mon_id 
_pdbx_nonpoly_scheme.auth_mon_id 
_pdbx_nonpoly_scheme.pdb_strand_id 
_pdbx_nonpoly_scheme.pdb_ins_code 
B 2 MN  1 201 150 MN  MN  A . 
C 2 MN  1 202 151 MN  MN  A . 
D 3 ZN  1 203 152 ZN  ZN  A . 
E 3 ZN  1 204 153 ZN  ZN  A . 
F 4 E6I 1 205 1   E6I DRG A . 
G 5 HOH 1 301 1   HOH HOH A . 
G 5 HOH 2 302 3   HOH HOH A . 
G 5 HOH 3 303 9   HOH HOH A . 
# 
_pdbx_struct_assembly.id                   1 
_pdbx_struct_assembly.details              author_defined_assembly 
_pdbx_struct_assembly.method_details       ? 
_pdbx_struct_assembly.oligomeric_details   monomeric 
_pdbx_struct_assembly.oligomeric_count     1 
# 
_pdbx_struct_assembly_gen.assembly_id       1 
_pdbx_struct_assembly_gen.oper_expression   1 
_pdbx_struct_assembly_gen.asym_id_list      A,B,C,D,E,F,G 
# 
_pdbx_struct_oper_list.id                   1 
_pdbx_struct_oper_list.type                 'identity operation' 
_pdbx_struct_oper_list.name                 1_555 
_pdbx_struct_oper_list.symmetry_operation   x,y,z 
_pdbx_struct_oper_list.matrix[1][1]         1.0000000000 
_pdbx_struct_oper_list.matrix[1][2]         0.0000000000 
_pdbx_struct_oper_list.matrix[1][3]         0.0000000000 
_pdbx_struct_oper_list.vector[1]            0.0000000000 
_pdbx_struct_oper_list.matrix[2][1]         0.0000000000 
_pdbx_struct_oper_list.matrix[2][2]         1.0000000000 
_pdbx_struct_oper_list.matrix[2][3]         0.0000000000 
_pdbx_struct_oper_list.vector[2]            0.0000000000 
_pdbx_struct_oper_list.matrix[3][1]         0.0000000000 
_pdbx_struct_oper_list.matrix[3][2]         0.0000000000 
_pdbx_struct_oper_list.matrix[3][3]         1.0000000000 
_pdbx_struct_oper_list.vector[3]            0.0000000000 
# 
loop_
_pdbx_struct_conn_angle.id 
_pdbx_struct_conn_angle.ptnr1_label_atom_id 
_pdbx_struct_conn_angle.ptnr1_label_alt_id 
_pdbx_struct_conn_angle.ptnr1_label_asym_id 
_pdbx_struct_conn_angle.ptnr1_label_comp_id 
_pdbx_struct_conn_angle.ptnr1_label_seq_id 
_pdbx_struct_conn_angle.ptnr1_auth_atom_id 
_pdbx_struct_conn_angle.ptnr1_auth_asym_id 
_pdbx_struct_conn_angle.ptnr1_auth_comp_id 
_pdbx_struct_conn_angle.ptnr1_auth_seq_id 
_pdbx_struct_conn_angle.ptnr1_PDB_ins_code 
_pdbx_struct_conn_angle.ptnr1_symmetry 
_pdbx_struct_conn_angle.ptnr2_label_atom_id 
_pdbx_struct_conn_angle.ptnr2_label_alt_id 
_pdbx_struct_conn_angle.ptnr2_label_asym_id 
_pdbx_struct_conn_angle.ptnr2_label_comp_id 
_pdbx_struct_conn_angle.ptnr2_label_seq_id 
_pdbx_struct_conn_angle.ptnr2_auth_atom_id 
_pdbx_struct_conn_angle.ptnr2_auth_asym_id 
_pdbx_struct_conn_angle.ptnr2_auth_comp_id 
_pdbx_struct_conn_angle.ptnr2_auth_seq_id 
_pdbx_struct_conn_angle.ptnr2_PDB_ins_code 
_pdbx_struct_conn_angle.ptnr2_symmetry 
_pdbx_struct_conn_angle.ptnr3_label_atom_id 
_pdbx_struct_conn_angle.ptnr3_label_alt_id 
_pdbx_struct_conn_angle.ptnr3_label_asym_id 
_pdbx_struct_conn_angle.ptnr3_label_comp_id 
_pdbx_struct_conn_angle.ptnr3_label_seq_id 
_pdbx_struct_conn_angle.ptnr3_auth_atom_id 
_pdbx_struct_conn_angle.ptnr3_auth_asym_id 
_pdbx_struct_conn_angle.ptnr3_auth_comp_id 
_pdbx_struct_conn_angle.ptnr3_auth_seq_id 
_pdbx_struct_conn_angle.ptnr3_PDB_ins_code 
_pdbx_struct_conn_angle.ptnr3_symmetry 
_pdbx_struct_conn_angle.value 
_pdbx_struct_conn_angle.value_esd 
1  OD1 ? A ASP 23  ? A ASP 23  ? 1_555 MN ? B MN . ? A MN 201 ? 1_555 OE2 ? A GLU 58  ? A GLU 58  ? 1_555 94.0  ? 
2  OD1 ? A ASP 23  ? A ASP 23  ? 1_555 MN ? B MN . ? A MN 201 ? 1_555 OD1 ? A ASP 78  ? A ASP 78  ? 1_555 119.2 ? 
3  OE2 ? A GLU 58  ? A GLU 58  ? 1_555 MN ? B MN . ? A MN 201 ? 1_555 OD1 ? A ASP 78  ? A ASP 78  ? 1_555 106.0 ? 
4  OD1 ? A ASP 23  ? A ASP 23  ? 1_555 MN ? B MN . ? A MN 201 ? 1_555 OD2 ? A ASP 78  ? A ASP 78  ? 1_555 83.6  ? 
5  OE2 ? A GLU 58  ? A GLU 58  ? 1_555 MN ? B MN . ? A MN 201 ? 1_555 OD2 ? A ASP 78  ? A ASP 78  ? 1_555 149.9 ? 
6  OD1 ? A ASP 78  ? A ASP 78  ? 1_555 MN ? B MN . ? A MN 201 ? 1_555 OD2 ? A ASP 78  ? A ASP 78  ? 1_555 51.7  ? 
7  OD1 ? A ASP 23  ? A ASP 23  ? 1_555 MN ? B MN . ? A MN 201 ? 1_555 OAA ? F E6I .   ? A E6I 205 ? 1_555 134.5 ? 
8  OE2 ? A GLU 58  ? A GLU 58  ? 1_555 MN ? B MN . ? A MN 201 ? 1_555 OAA ? F E6I .   ? A E6I 205 ? 1_555 95.5  ? 
9  OD1 ? A ASP 78  ? A ASP 78  ? 1_555 MN ? B MN . ? A MN 201 ? 1_555 OAA ? F E6I .   ? A E6I 205 ? 1_555 100.6 ? 
10 OD2 ? A ASP 78  ? A ASP 78  ? 1_555 MN ? B MN . ? A MN 201 ? 1_555 OAA ? F E6I .   ? A E6I 205 ? 1_555 107.6 ? 
11 OD2 ? A ASP 23  ? A ASP 23  ? 1_555 MN ? C MN . ? A MN 202 ? 1_555 OD2 ? A ASP 78  ? A ASP 78  ? 1_555 86.1  ? 
12 OD2 ? A ASP 23  ? A ASP 23  ? 1_555 MN ? C MN . ? A MN 202 ? 1_555 OD2 ? A ASP 139 ? A ASP 139 ? 1_555 86.3  ? 
13 OD2 ? A ASP 78  ? A ASP 78  ? 1_555 MN ? C MN . ? A MN 202 ? 1_555 OD2 ? A ASP 139 ? A ASP 139 ? 1_555 159.6 ? 
14 OD2 ? A ASP 23  ? A ASP 23  ? 1_555 MN ? C MN . ? A MN 202 ? 1_555 OAK ? F E6I .   ? A E6I 205 ? 1_555 74.6  ? 
15 OD2 ? A ASP 78  ? A ASP 78  ? 1_555 MN ? C MN . ? A MN 202 ? 1_555 OAK ? F E6I .   ? A E6I 205 ? 1_555 124.5 ? 
16 OD2 ? A ASP 139 ? A ASP 139 ? 1_555 MN ? C MN . ? A MN 202 ? 1_555 OAK ? F E6I .   ? A E6I 205 ? 1_555 71.2  ? 
17 OD1 ? A ASP 51  ? A ASP 51  ? 1_555 ZN ? D ZN . ? A ZN 203 ? 6_444 NE2 ? A HIS 129 ? A HIS 129 ? 1_555 54.7  ? 
18 OD1 ? A ASP 51  ? A ASP 51  ? 1_555 ZN ? D ZN . ? A ZN 203 ? 6_444 OE1 ? A GLU 136 ? A GLU 136 ? 1_555 60.8  ? 
19 NE2 ? A HIS 129 ? A HIS 129 ? 1_555 ZN ? D ZN . ? A ZN 203 ? 6_444 OE1 ? A GLU 136 ? A GLU 136 ? 1_555 6.1   ? 
20 OD1 ? A ASP 51  ? A ASP 51  ? 1_555 ZN ? D ZN . ? A ZN 203 ? 6_444 O   ? G HOH .   ? A HOH 301 ? 6_544 57.2  ? 
21 NE2 ? A HIS 129 ? A HIS 129 ? 1_555 ZN ? D ZN . ? A ZN 203 ? 6_444 O   ? G HOH .   ? A HOH 301 ? 6_544 5.9   ? 
22 OE1 ? A GLU 136 ? A GLU 136 ? 1_555 ZN ? D ZN . ? A ZN 203 ? 6_444 O   ? G HOH .   ? A HOH 301 ? 6_544 6.0   ? 
23 OE2 ? A GLU 72  ? A GLU 72  ? 1_555 ZN ? E ZN . ? A ZN 204 ? 1_555 ND1 ? A HIS 91  ? A HIS 91  ? 1_555 103.0 ? 
24 OE2 ? A GLU 72  ? A GLU 72  ? 1_555 ZN ? E ZN . ? A ZN 204 ? 1_555 OE1 ? A GLU 119 ? A GLU 119 ? 1_555 111.4 ? 
25 ND1 ? A HIS 91  ? A HIS 91  ? 1_555 ZN ? E ZN . ? A ZN 204 ? 1_555 OE1 ? A GLU 119 ? A GLU 119 ? 1_555 52.0  ? 
26 OE2 ? A GLU 72  ? A GLU 72  ? 1_555 ZN ? E ZN . ? A ZN 204 ? 1_555 O   ? G HOH .   ? A HOH 302 ? 1_555 98.2  ? 
27 ND1 ? A HIS 91  ? A HIS 91  ? 1_555 ZN ? E ZN . ? A ZN 204 ? 1_555 O   ? G HOH .   ? A HOH 302 ? 1_555 78.7  ? 
28 OE1 ? A GLU 119 ? A GLU 119 ? 1_555 ZN ? E ZN . ? A ZN 204 ? 1_555 O   ? G HOH .   ? A HOH 302 ? 1_555 126.1 ? 
# 
loop_
_pdbx_audit_revision_history.ordinal 
_pdbx_audit_revision_history.data_content_type 
_pdbx_audit_revision_history.major_revision 
_pdbx_audit_revision_history.minor_revision 
_pdbx_audit_revision_history.revision_date 
1 'Structure model' 1 0 2022-04-27 
2 'Structure model' 1 1 2022-10-19 
3 'Structure model' 1 2 2023-01-11 
4 'Structure model' 1 3 2023-11-29 
# 
_pdbx_audit_revision_details.ordinal             1 
_pdbx_audit_revision_details.revision_ordinal    1 
_pdbx_audit_revision_details.data_content_type   'Structure model' 
_pdbx_audit_revision_details.provider            repository 
_pdbx_audit_revision_details.type                'Initial release' 
_pdbx_audit_revision_details.description         ? 
_pdbx_audit_revision_details.details             ? 
# 
loop_
_pdbx_audit_revision_group.ordinal 
_pdbx_audit_revision_group.revision_ordinal 
_pdbx_audit_revision_group.data_content_type 
_pdbx_audit_revision_group.group 
1 2 'Structure model' 'Database references'    
2 3 'Structure model' 'Database references'    
3 4 'Structure model' 'Data collection'        
4 4 'Structure model' 'Refinement description' 
# 
loop_
_pdbx_audit_revision_category.ordinal 
_pdbx_audit_revision_category.revision_ordinal 
_pdbx_audit_revision_category.data_content_type 
_pdbx_audit_revision_category.category 
1 2 'Structure model' citation                      
2 2 'Structure model' citation_author               
3 3 'Structure model' citation                      
4 3 'Structure model' citation_author               
5 4 'Structure model' chem_comp_atom                
6 4 'Structure model' chem_comp_bond                
7 4 'Structure model' pdbx_initial_refinement_model 
# 
loop_
_pdbx_audit_revision_item.ordinal 
_pdbx_audit_revision_item.revision_ordinal 
_pdbx_audit_revision_item.data_content_type 
_pdbx_audit_revision_item.item 
1  2 'Structure model' '_citation.country'                 
2  2 'Structure model' '_citation.journal_abbrev'          
3  2 'Structure model' '_citation.journal_id_CSD'          
4  2 'Structure model' '_citation.journal_id_ISSN'         
5  2 'Structure model' '_citation.pdbx_database_id_DOI'    
6  2 'Structure model' '_citation.pdbx_database_id_PubMed' 
7  2 'Structure model' '_citation.title'                   
8  2 'Structure model' '_citation.year'                    
9  2 'Structure model' '_citation_author.identifier_ORCID' 
10 3 'Structure model' '_citation.journal_volume'          
11 3 'Structure model' '_citation.page_first'              
12 3 'Structure model' '_citation.page_last'               
13 3 'Structure model' '_citation_author.identifier_ORCID' 
# 
loop_
_software.citation_id 
_software.classification 
_software.compiler_name 
_software.compiler_version 
_software.contact_author 
_software.contact_author_email 
_software.date 
_software.description 
_software.dependencies 
_software.hardware 
_software.language 
_software.location 
_software.mods 
_software.name 
_software.os 
_software.os_version 
_software.type 
_software.version 
_software.pdbx_ordinal 
? 'data reduction'  ? ? ? ? ? ? ? ? ? ? ? XDS         ? ? ? .      1 
? 'data scaling'    ? ? ? ? ? ? ? ? ? ? ? Aimless     ? ? ? 0.1.27 2 
? refinement        ? ? ? ? ? ? ? ? ? ? ? PHENIX      ? ? ? 1.18   3 
? 'data extraction' ? ? ? ? ? ? ? ? ? ? ? PDB_EXTRACT ? ? ? 3.27   4 
? phasing           ? ? ? ? ? ? ? ? ? ? ? MOLREP      ? ? ? .      5 
# 
_pdbx_entry_details.entry_id                 7XIT 
_pdbx_entry_details.has_ligand_of_interest   Y 
_pdbx_entry_details.compound_details         ? 
_pdbx_entry_details.source_details           ? 
_pdbx_entry_details.nonpolymer_details       ? 
_pdbx_entry_details.sequence_details         ? 
# 
_pdbx_validate_torsion.id              1 
_pdbx_validate_torsion.PDB_model_num   1 
_pdbx_validate_torsion.auth_comp_id    ARG 
_pdbx_validate_torsion.auth_asym_id    A 
_pdbx_validate_torsion.auth_seq_id     96 
_pdbx_validate_torsion.PDB_ins_code    ? 
_pdbx_validate_torsion.label_alt_id    ? 
_pdbx_validate_torsion.phi             -55.45 
_pdbx_validate_torsion.psi             -71.60 
# 
loop_
_pdbx_unobs_or_zero_occ_residues.id 
_pdbx_unobs_or_zero_occ_residues.PDB_model_num 
_pdbx_unobs_or_zero_occ_residues.polymer_flag 
_pdbx_unobs_or_zero_occ_residues.occupancy_flag 
_pdbx_unobs_or_zero_occ_residues.auth_asym_id 
_pdbx_unobs_or_zero_occ_residues.auth_comp_id 
_pdbx_unobs_or_zero_occ_residues.auth_seq_id 
_pdbx_unobs_or_zero_occ_residues.PDB_ins_code 
_pdbx_unobs_or_zero_occ_residues.label_asym_id 
_pdbx_unobs_or_zero_occ_residues.label_comp_id 
_pdbx_unobs_or_zero_occ_residues.label_seq_id 
1 1 Y 1 A GLY 1   ? A GLY 1   
2 1 Y 1 A PRO 2   ? A PRO 2   
3 1 Y 1 A GLY 3   ? A GLY 3   
4 1 Y 1 A GLY 4   ? A GLY 4   
5 1 Y 1 A LEU 150 ? A LEU 150 
6 1 Y 1 A PHE 151 ? A PHE 151 
# 
loop_
_chem_comp_atom.comp_id 
_chem_comp_atom.atom_id 
_chem_comp_atom.type_symbol 
_chem_comp_atom.pdbx_aromatic_flag 
_chem_comp_atom.pdbx_stereo_config 
_chem_comp_atom.pdbx_ordinal 
ALA N    N  N N 1   
ALA CA   C  N S 2   
ALA C    C  N N 3   
ALA O    O  N N 4   
ALA CB   C  N N 5   
ALA OXT  O  N N 6   
ALA H    H  N N 7   
ALA H2   H  N N 8   
ALA HA   H  N N 9   
ALA HB1  H  N N 10  
ALA HB2  H  N N 11  
ALA HB3  H  N N 12  
ALA HXT  H  N N 13  
ARG N    N  N N 14  
ARG CA   C  N S 15  
ARG C    C  N N 16  
ARG O    O  N N 17  
ARG CB   C  N N 18  
ARG CG   C  N N 19  
ARG CD   C  N N 20  
ARG NE   N  N N 21  
ARG CZ   C  N N 22  
ARG NH1  N  N N 23  
ARG NH2  N  N N 24  
ARG OXT  O  N N 25  
ARG H    H  N N 26  
ARG H2   H  N N 27  
ARG HA   H  N N 28  
ARG HB2  H  N N 29  
ARG HB3  H  N N 30  
ARG HG2  H  N N 31  
ARG HG3  H  N N 32  
ARG HD2  H  N N 33  
ARG HD3  H  N N 34  
ARG HE   H  N N 35  
ARG HH11 H  N N 36  
ARG HH12 H  N N 37  
ARG HH21 H  N N 38  
ARG HH22 H  N N 39  
ARG HXT  H  N N 40  
ASN N    N  N N 41  
ASN CA   C  N S 42  
ASN C    C  N N 43  
ASN O    O  N N 44  
ASN CB   C  N N 45  
ASN CG   C  N N 46  
ASN OD1  O  N N 47  
ASN ND2  N  N N 48  
ASN OXT  O  N N 49  
ASN H    H  N N 50  
ASN H2   H  N N 51  
ASN HA   H  N N 52  
ASN HB2  H  N N 53  
ASN HB3  H  N N 54  
ASN HD21 H  N N 55  
ASN HD22 H  N N 56  
ASN HXT  H  N N 57  
ASP N    N  N N 58  
ASP CA   C  N S 59  
ASP C    C  N N 60  
ASP O    O  N N 61  
ASP CB   C  N N 62  
ASP CG   C  N N 63  
ASP OD1  O  N N 64  
ASP OD2  O  N N 65  
ASP OXT  O  N N 66  
ASP H    H  N N 67  
ASP H2   H  N N 68  
ASP HA   H  N N 69  
ASP HB2  H  N N 70  
ASP HB3  H  N N 71  
ASP HD2  H  N N 72  
ASP HXT  H  N N 73  
E6I CAB  C  Y N 74  
E6I CAC  C  Y N 75  
E6I CAD  C  Y N 76  
E6I CAE  C  Y N 77  
E6I CAJ  C  N N 78  
E6I CAM  C  N N 79  
E6I CAN  C  N N 80  
E6I NAF  N  N N 81  
E6I OAA  O  Y N 82  
E6I OAG  O  N N 83  
E6I OAH  O  N N 84  
E6I OAK  O  N N 85  
E6I OAL  O  N N 86  
E6I BRAI BR N N 87  
E6I H1   H  N N 88  
E6I H2   H  N N 89  
E6I H3   H  N N 90  
E6I H4   H  N N 91  
E6I H5   H  N N 92  
E6I H6   H  N N 93  
GLN N    N  N N 94  
GLN CA   C  N S 95  
GLN C    C  N N 96  
GLN O    O  N N 97  
GLN CB   C  N N 98  
GLN CG   C  N N 99  
GLN CD   C  N N 100 
GLN OE1  O  N N 101 
GLN NE2  N  N N 102 
GLN OXT  O  N N 103 
GLN H    H  N N 104 
GLN H2   H  N N 105 
GLN HA   H  N N 106 
GLN HB2  H  N N 107 
GLN HB3  H  N N 108 
GLN HG2  H  N N 109 
GLN HG3  H  N N 110 
GLN HE21 H  N N 111 
GLN HE22 H  N N 112 
GLN HXT  H  N N 113 
GLU N    N  N N 114 
GLU CA   C  N S 115 
GLU C    C  N N 116 
GLU O    O  N N 117 
GLU CB   C  N N 118 
GLU CG   C  N N 119 
GLU CD   C  N N 120 
GLU OE1  O  N N 121 
GLU OE2  O  N N 122 
GLU OXT  O  N N 123 
GLU H    H  N N 124 
GLU H2   H  N N 125 
GLU HA   H  N N 126 
GLU HB2  H  N N 127 
GLU HB3  H  N N 128 
GLU HG2  H  N N 129 
GLU HG3  H  N N 130 
GLU HE2  H  N N 131 
GLU HXT  H  N N 132 
GLY N    N  N N 133 
GLY CA   C  N N 134 
GLY C    C  N N 135 
GLY O    O  N N 136 
GLY OXT  O  N N 137 
GLY H    H  N N 138 
GLY H2   H  N N 139 
GLY HA2  H  N N 140 
GLY HA3  H  N N 141 
GLY HXT  H  N N 142 
HIS N    N  N N 143 
HIS CA   C  N S 144 
HIS C    C  N N 145 
HIS O    O  N N 146 
HIS CB   C  N N 147 
HIS CG   C  Y N 148 
HIS ND1  N  Y N 149 
HIS CD2  C  Y N 150 
HIS CE1  C  Y N 151 
HIS NE2  N  Y N 152 
HIS OXT  O  N N 153 
HIS H    H  N N 154 
HIS H2   H  N N 155 
HIS HA   H  N N 156 
HIS HB2  H  N N 157 
HIS HB3  H  N N 158 
HIS HD1  H  N N 159 
HIS HD2  H  N N 160 
HIS HE1  H  N N 161 
HIS HE2  H  N N 162 
HIS HXT  H  N N 163 
HOH O    O  N N 164 
HOH H1   H  N N 165 
HOH H2   H  N N 166 
ILE N    N  N N 167 
ILE CA   C  N S 168 
ILE C    C  N N 169 
ILE O    O  N N 170 
ILE CB   C  N S 171 
ILE CG1  C  N N 172 
ILE CG2  C  N N 173 
ILE CD1  C  N N 174 
ILE OXT  O  N N 175 
ILE H    H  N N 176 
ILE H2   H  N N 177 
ILE HA   H  N N 178 
ILE HB   H  N N 179 
ILE HG12 H  N N 180 
ILE HG13 H  N N 181 
ILE HG21 H  N N 182 
ILE HG22 H  N N 183 
ILE HG23 H  N N 184 
ILE HD11 H  N N 185 
ILE HD12 H  N N 186 
ILE HD13 H  N N 187 
ILE HXT  H  N N 188 
LEU N    N  N N 189 
LEU CA   C  N S 190 
LEU C    C  N N 191 
LEU O    O  N N 192 
LEU CB   C  N N 193 
LEU CG   C  N N 194 
LEU CD1  C  N N 195 
LEU CD2  C  N N 196 
LEU OXT  O  N N 197 
LEU H    H  N N 198 
LEU H2   H  N N 199 
LEU HA   H  N N 200 
LEU HB2  H  N N 201 
LEU HB3  H  N N 202 
LEU HG   H  N N 203 
LEU HD11 H  N N 204 
LEU HD12 H  N N 205 
LEU HD13 H  N N 206 
LEU HD21 H  N N 207 
LEU HD22 H  N N 208 
LEU HD23 H  N N 209 
LEU HXT  H  N N 210 
LYS N    N  N N 211 
LYS CA   C  N S 212 
LYS C    C  N N 213 
LYS O    O  N N 214 
LYS CB   C  N N 215 
LYS CG   C  N N 216 
LYS CD   C  N N 217 
LYS CE   C  N N 218 
LYS NZ   N  N N 219 
LYS OXT  O  N N 220 
LYS H    H  N N 221 
LYS H2   H  N N 222 
LYS HA   H  N N 223 
LYS HB2  H  N N 224 
LYS HB3  H  N N 225 
LYS HG2  H  N N 226 
LYS HG3  H  N N 227 
LYS HD2  H  N N 228 
LYS HD3  H  N N 229 
LYS HE2  H  N N 230 
LYS HE3  H  N N 231 
LYS HZ1  H  N N 232 
LYS HZ2  H  N N 233 
LYS HZ3  H  N N 234 
LYS HXT  H  N N 235 
MET N    N  N N 236 
MET CA   C  N S 237 
MET C    C  N N 238 
MET O    O  N N 239 
MET CB   C  N N 240 
MET CG   C  N N 241 
MET SD   S  N N 242 
MET CE   C  N N 243 
MET OXT  O  N N 244 
MET H    H  N N 245 
MET H2   H  N N 246 
MET HA   H  N N 247 
MET HB2  H  N N 248 
MET HB3  H  N N 249 
MET HG2  H  N N 250 
MET HG3  H  N N 251 
MET HE1  H  N N 252 
MET HE2  H  N N 253 
MET HE3  H  N N 254 
MET HXT  H  N N 255 
MN  MN   MN N N 256 
PHE N    N  N N 257 
PHE CA   C  N S 258 
PHE C    C  N N 259 
PHE O    O  N N 260 
PHE CB   C  N N 261 
PHE CG   C  Y N 262 
PHE CD1  C  Y N 263 
PHE CD2  C  Y N 264 
PHE CE1  C  Y N 265 
PHE CE2  C  Y N 266 
PHE CZ   C  Y N 267 
PHE OXT  O  N N 268 
PHE H    H  N N 269 
PHE H2   H  N N 270 
PHE HA   H  N N 271 
PHE HB2  H  N N 272 
PHE HB3  H  N N 273 
PHE HD1  H  N N 274 
PHE HD2  H  N N 275 
PHE HE1  H  N N 276 
PHE HE2  H  N N 277 
PHE HZ   H  N N 278 
PHE HXT  H  N N 279 
PRO N    N  N N 280 
PRO CA   C  N S 281 
PRO C    C  N N 282 
PRO O    O  N N 283 
PRO CB   C  N N 284 
PRO CG   C  N N 285 
PRO CD   C  N N 286 
PRO OXT  O  N N 287 
PRO H    H  N N 288 
PRO HA   H  N N 289 
PRO HB2  H  N N 290 
PRO HB3  H  N N 291 
PRO HG2  H  N N 292 
PRO HG3  H  N N 293 
PRO HD2  H  N N 294 
PRO HD3  H  N N 295 
PRO HXT  H  N N 296 
SER N    N  N N 297 
SER CA   C  N S 298 
SER C    C  N N 299 
SER O    O  N N 300 
SER CB   C  N N 301 
SER OG   O  N N 302 
SER OXT  O  N N 303 
SER H    H  N N 304 
SER H2   H  N N 305 
SER HA   H  N N 306 
SER HB2  H  N N 307 
SER HB3  H  N N 308 
SER HG   H  N N 309 
SER HXT  H  N N 310 
THR N    N  N N 311 
THR CA   C  N S 312 
THR C    C  N N 313 
THR O    O  N N 314 
THR CB   C  N R 315 
THR OG1  O  N N 316 
THR CG2  C  N N 317 
THR OXT  O  N N 318 
THR H    H  N N 319 
THR H2   H  N N 320 
THR HA   H  N N 321 
THR HB   H  N N 322 
THR HG1  H  N N 323 
THR HG21 H  N N 324 
THR HG22 H  N N 325 
THR HG23 H  N N 326 
THR HXT  H  N N 327 
TRP N    N  N N 328 
TRP CA   C  N S 329 
TRP C    C  N N 330 
TRP O    O  N N 331 
TRP CB   C  N N 332 
TRP CG   C  Y N 333 
TRP CD1  C  Y N 334 
TRP CD2  C  Y N 335 
TRP NE1  N  Y N 336 
TRP CE2  C  Y N 337 
TRP CE3  C  Y N 338 
TRP CZ2  C  Y N 339 
TRP CZ3  C  Y N 340 
TRP CH2  C  Y N 341 
TRP OXT  O  N N 342 
TRP H    H  N N 343 
TRP H2   H  N N 344 
TRP HA   H  N N 345 
TRP HB2  H  N N 346 
TRP HB3  H  N N 347 
TRP HD1  H  N N 348 
TRP HE1  H  N N 349 
TRP HE3  H  N N 350 
TRP HZ2  H  N N 351 
TRP HZ3  H  N N 352 
TRP HH2  H  N N 353 
TRP HXT  H  N N 354 
TYR N    N  N N 355 
TYR CA   C  N S 356 
TYR C    C  N N 357 
TYR O    O  N N 358 
TYR CB   C  N N 359 
TYR CG   C  Y N 360 
TYR CD1  C  Y N 361 
TYR CD2  C  Y N 362 
TYR CE1  C  Y N 363 
TYR CE2  C  Y N 364 
TYR CZ   C  Y N 365 
TYR OH   O  N N 366 
TYR OXT  O  N N 367 
TYR H    H  N N 368 
TYR H2   H  N N 369 
TYR HA   H  N N 370 
TYR HB2  H  N N 371 
TYR HB3  H  N N 372 
TYR HD1  H  N N 373 
TYR HD2  H  N N 374 
TYR HE1  H  N N 375 
TYR HE2  H  N N 376 
TYR HH   H  N N 377 
TYR HXT  H  N N 378 
VAL N    N  N N 379 
VAL CA   C  N S 380 
VAL C    C  N N 381 
VAL O    O  N N 382 
VAL CB   C  N N 383 
VAL CG1  C  N N 384 
VAL CG2  C  N N 385 
VAL OXT  O  N N 386 
VAL H    H  N N 387 
VAL H2   H  N N 388 
VAL HA   H  N N 389 
VAL HB   H  N N 390 
VAL HG11 H  N N 391 
VAL HG12 H  N N 392 
VAL HG13 H  N N 393 
VAL HG21 H  N N 394 
VAL HG22 H  N N 395 
VAL HG23 H  N N 396 
VAL HXT  H  N N 397 
ZN  ZN   ZN N N 398 
# 
loop_
_chem_comp_bond.comp_id 
_chem_comp_bond.atom_id_1 
_chem_comp_bond.atom_id_2 
_chem_comp_bond.value_order 
_chem_comp_bond.pdbx_aromatic_flag 
_chem_comp_bond.pdbx_stereo_config 
_chem_comp_bond.pdbx_ordinal 
ALA N    CA   sing N N 1   
ALA N    H    sing N N 2   
ALA N    H2   sing N N 3   
ALA CA   C    sing N N 4   
ALA CA   CB   sing N N 5   
ALA CA   HA   sing N N 6   
ALA C    O    doub N N 7   
ALA C    OXT  sing N N 8   
ALA CB   HB1  sing N N 9   
ALA CB   HB2  sing N N 10  
ALA CB   HB3  sing N N 11  
ALA OXT  HXT  sing N N 12  
ARG N    CA   sing N N 13  
ARG N    H    sing N N 14  
ARG N    H2   sing N N 15  
ARG CA   C    sing N N 16  
ARG CA   CB   sing N N 17  
ARG CA   HA   sing N N 18  
ARG C    O    doub N N 19  
ARG C    OXT  sing N N 20  
ARG CB   CG   sing N N 21  
ARG CB   HB2  sing N N 22  
ARG CB   HB3  sing N N 23  
ARG CG   CD   sing N N 24  
ARG CG   HG2  sing N N 25  
ARG CG   HG3  sing N N 26  
ARG CD   NE   sing N N 27  
ARG CD   HD2  sing N N 28  
ARG CD   HD3  sing N N 29  
ARG NE   CZ   sing N N 30  
ARG NE   HE   sing N N 31  
ARG CZ   NH1  sing N N 32  
ARG CZ   NH2  doub N N 33  
ARG NH1  HH11 sing N N 34  
ARG NH1  HH12 sing N N 35  
ARG NH2  HH21 sing N N 36  
ARG NH2  HH22 sing N N 37  
ARG OXT  HXT  sing N N 38  
ASN N    CA   sing N N 39  
ASN N    H    sing N N 40  
ASN N    H2   sing N N 41  
ASN CA   C    sing N N 42  
ASN CA   CB   sing N N 43  
ASN CA   HA   sing N N 44  
ASN C    O    doub N N 45  
ASN C    OXT  sing N N 46  
ASN CB   CG   sing N N 47  
ASN CB   HB2  sing N N 48  
ASN CB   HB3  sing N N 49  
ASN CG   OD1  doub N N 50  
ASN CG   ND2  sing N N 51  
ASN ND2  HD21 sing N N 52  
ASN ND2  HD22 sing N N 53  
ASN OXT  HXT  sing N N 54  
ASP N    CA   sing N N 55  
ASP N    H    sing N N 56  
ASP N    H2   sing N N 57  
ASP CA   C    sing N N 58  
ASP CA   CB   sing N N 59  
ASP CA   HA   sing N N 60  
ASP C    O    doub N N 61  
ASP C    OXT  sing N N 62  
ASP CB   CG   sing N N 63  
ASP CB   HB2  sing N N 64  
ASP CB   HB3  sing N N 65  
ASP CG   OD1  doub N N 66  
ASP CG   OD2  sing N N 67  
ASP OD2  HD2  sing N N 68  
ASP OXT  HXT  sing N N 69  
E6I BRAI CAC  sing N N 70  
E6I CAC  CAD  sing Y N 71  
E6I CAC  CAB  doub Y N 72  
E6I CAM  CAN  sing N N 73  
E6I CAM  OAL  sing N N 74  
E6I CAD  CAE  doub Y N 75  
E6I OAH  NAF  sing N N 76  
E6I OAL  CAJ  sing N N 77  
E6I CAB  NAF  sing N N 78  
E6I CAB  OAA  sing Y N 79  
E6I NAF  OAG  doub N N 80  
E6I CAE  CAJ  sing N N 81  
E6I CAE  OAA  sing Y N 82  
E6I CAJ  OAK  doub N N 83  
E6I CAD  H1   sing N N 84  
E6I CAM  H2   sing N N 85  
E6I CAM  H3   sing N N 86  
E6I CAN  H4   sing N N 87  
E6I CAN  H5   sing N N 88  
E6I CAN  H6   sing N N 89  
GLN N    CA   sing N N 90  
GLN N    H    sing N N 91  
GLN N    H2   sing N N 92  
GLN CA   C    sing N N 93  
GLN CA   CB   sing N N 94  
GLN CA   HA   sing N N 95  
GLN C    O    doub N N 96  
GLN C    OXT  sing N N 97  
GLN CB   CG   sing N N 98  
GLN CB   HB2  sing N N 99  
GLN CB   HB3  sing N N 100 
GLN CG   CD   sing N N 101 
GLN CG   HG2  sing N N 102 
GLN CG   HG3  sing N N 103 
GLN CD   OE1  doub N N 104 
GLN CD   NE2  sing N N 105 
GLN NE2  HE21 sing N N 106 
GLN NE2  HE22 sing N N 107 
GLN OXT  HXT  sing N N 108 
GLU N    CA   sing N N 109 
GLU N    H    sing N N 110 
GLU N    H2   sing N N 111 
GLU CA   C    sing N N 112 
GLU CA   CB   sing N N 113 
GLU CA   HA   sing N N 114 
GLU C    O    doub N N 115 
GLU C    OXT  sing N N 116 
GLU CB   CG   sing N N 117 
GLU CB   HB2  sing N N 118 
GLU CB   HB3  sing N N 119 
GLU CG   CD   sing N N 120 
GLU CG   HG2  sing N N 121 
GLU CG   HG3  sing N N 122 
GLU CD   OE1  doub N N 123 
GLU CD   OE2  sing N N 124 
GLU OE2  HE2  sing N N 125 
GLU OXT  HXT  sing N N 126 
GLY N    CA   sing N N 127 
GLY N    H    sing N N 128 
GLY N    H2   sing N N 129 
GLY CA   C    sing N N 130 
GLY CA   HA2  sing N N 131 
GLY CA   HA3  sing N N 132 
GLY C    O    doub N N 133 
GLY C    OXT  sing N N 134 
GLY OXT  HXT  sing N N 135 
HIS N    CA   sing N N 136 
HIS N    H    sing N N 137 
HIS N    H2   sing N N 138 
HIS CA   C    sing N N 139 
HIS CA   CB   sing N N 140 
HIS CA   HA   sing N N 141 
HIS C    O    doub N N 142 
HIS C    OXT  sing N N 143 
HIS CB   CG   sing N N 144 
HIS CB   HB2  sing N N 145 
HIS CB   HB3  sing N N 146 
HIS CG   ND1  sing Y N 147 
HIS CG   CD2  doub Y N 148 
HIS ND1  CE1  doub Y N 149 
HIS ND1  HD1  sing N N 150 
HIS CD2  NE2  sing Y N 151 
HIS CD2  HD2  sing N N 152 
HIS CE1  NE2  sing Y N 153 
HIS CE1  HE1  sing N N 154 
HIS NE2  HE2  sing N N 155 
HIS OXT  HXT  sing N N 156 
HOH O    H1   sing N N 157 
HOH O    H2   sing N N 158 
ILE N    CA   sing N N 159 
ILE N    H    sing N N 160 
ILE N    H2   sing N N 161 
ILE CA   C    sing N N 162 
ILE CA   CB   sing N N 163 
ILE CA   HA   sing N N 164 
ILE C    O    doub N N 165 
ILE C    OXT  sing N N 166 
ILE CB   CG1  sing N N 167 
ILE CB   CG2  sing N N 168 
ILE CB   HB   sing N N 169 
ILE CG1  CD1  sing N N 170 
ILE CG1  HG12 sing N N 171 
ILE CG1  HG13 sing N N 172 
ILE CG2  HG21 sing N N 173 
ILE CG2  HG22 sing N N 174 
ILE CG2  HG23 sing N N 175 
ILE CD1  HD11 sing N N 176 
ILE CD1  HD12 sing N N 177 
ILE CD1  HD13 sing N N 178 
ILE OXT  HXT  sing N N 179 
LEU N    CA   sing N N 180 
LEU N    H    sing N N 181 
LEU N    H2   sing N N 182 
LEU CA   C    sing N N 183 
LEU CA   CB   sing N N 184 
LEU CA   HA   sing N N 185 
LEU C    O    doub N N 186 
LEU C    OXT  sing N N 187 
LEU CB   CG   sing N N 188 
LEU CB   HB2  sing N N 189 
LEU CB   HB3  sing N N 190 
LEU CG   CD1  sing N N 191 
LEU CG   CD2  sing N N 192 
LEU CG   HG   sing N N 193 
LEU CD1  HD11 sing N N 194 
LEU CD1  HD12 sing N N 195 
LEU CD1  HD13 sing N N 196 
LEU CD2  HD21 sing N N 197 
LEU CD2  HD22 sing N N 198 
LEU CD2  HD23 sing N N 199 
LEU OXT  HXT  sing N N 200 
LYS N    CA   sing N N 201 
LYS N    H    sing N N 202 
LYS N    H2   sing N N 203 
LYS CA   C    sing N N 204 
LYS CA   CB   sing N N 205 
LYS CA   HA   sing N N 206 
LYS C    O    doub N N 207 
LYS C    OXT  sing N N 208 
LYS CB   CG   sing N N 209 
LYS CB   HB2  sing N N 210 
LYS CB   HB3  sing N N 211 
LYS CG   CD   sing N N 212 
LYS CG   HG2  sing N N 213 
LYS CG   HG3  sing N N 214 
LYS CD   CE   sing N N 215 
LYS CD   HD2  sing N N 216 
LYS CD   HD3  sing N N 217 
LYS CE   NZ   sing N N 218 
LYS CE   HE2  sing N N 219 
LYS CE   HE3  sing N N 220 
LYS NZ   HZ1  sing N N 221 
LYS NZ   HZ2  sing N N 222 
LYS NZ   HZ3  sing N N 223 
LYS OXT  HXT  sing N N 224 
MET N    CA   sing N N 225 
MET N    H    sing N N 226 
MET N    H2   sing N N 227 
MET CA   C    sing N N 228 
MET CA   CB   sing N N 229 
MET CA   HA   sing N N 230 
MET C    O    doub N N 231 
MET C    OXT  sing N N 232 
MET CB   CG   sing N N 233 
MET CB   HB2  sing N N 234 
MET CB   HB3  sing N N 235 
MET CG   SD   sing N N 236 
MET CG   HG2  sing N N 237 
MET CG   HG3  sing N N 238 
MET SD   CE   sing N N 239 
MET CE   HE1  sing N N 240 
MET CE   HE2  sing N N 241 
MET CE   HE3  sing N N 242 
MET OXT  HXT  sing N N 243 
PHE N    CA   sing N N 244 
PHE N    H    sing N N 245 
PHE N    H2   sing N N 246 
PHE CA   C    sing N N 247 
PHE CA   CB   sing N N 248 
PHE CA   HA   sing N N 249 
PHE C    O    doub N N 250 
PHE C    OXT  sing N N 251 
PHE CB   CG   sing N N 252 
PHE CB   HB2  sing N N 253 
PHE CB   HB3  sing N N 254 
PHE CG   CD1  doub Y N 255 
PHE CG   CD2  sing Y N 256 
PHE CD1  CE1  sing Y N 257 
PHE CD1  HD1  sing N N 258 
PHE CD2  CE2  doub Y N 259 
PHE CD2  HD2  sing N N 260 
PHE CE1  CZ   doub Y N 261 
PHE CE1  HE1  sing N N 262 
PHE CE2  CZ   sing Y N 263 
PHE CE2  HE2  sing N N 264 
PHE CZ   HZ   sing N N 265 
PHE OXT  HXT  sing N N 266 
PRO N    CA   sing N N 267 
PRO N    CD   sing N N 268 
PRO N    H    sing N N 269 
PRO CA   C    sing N N 270 
PRO CA   CB   sing N N 271 
PRO CA   HA   sing N N 272 
PRO C    O    doub N N 273 
PRO C    OXT  sing N N 274 
PRO CB   CG   sing N N 275 
PRO CB   HB2  sing N N 276 
PRO CB   HB3  sing N N 277 
PRO CG   CD   sing N N 278 
PRO CG   HG2  sing N N 279 
PRO CG   HG3  sing N N 280 
PRO CD   HD2  sing N N 281 
PRO CD   HD3  sing N N 282 
PRO OXT  HXT  sing N N 283 
SER N    CA   sing N N 284 
SER N    H    sing N N 285 
SER N    H2   sing N N 286 
SER CA   C    sing N N 287 
SER CA   CB   sing N N 288 
SER CA   HA   sing N N 289 
SER C    O    doub N N 290 
SER C    OXT  sing N N 291 
SER CB   OG   sing N N 292 
SER CB   HB2  sing N N 293 
SER CB   HB3  sing N N 294 
SER OG   HG   sing N N 295 
SER OXT  HXT  sing N N 296 
THR N    CA   sing N N 297 
THR N    H    sing N N 298 
THR N    H2   sing N N 299 
THR CA   C    sing N N 300 
THR CA   CB   sing N N 301 
THR CA   HA   sing N N 302 
THR C    O    doub N N 303 
THR C    OXT  sing N N 304 
THR CB   OG1  sing N N 305 
THR CB   CG2  sing N N 306 
THR CB   HB   sing N N 307 
THR OG1  HG1  sing N N 308 
THR CG2  HG21 sing N N 309 
THR CG2  HG22 sing N N 310 
THR CG2  HG23 sing N N 311 
THR OXT  HXT  sing N N 312 
TRP N    CA   sing N N 313 
TRP N    H    sing N N 314 
TRP N    H2   sing N N 315 
TRP CA   C    sing N N 316 
TRP CA   CB   sing N N 317 
TRP CA   HA   sing N N 318 
TRP C    O    doub N N 319 
TRP C    OXT  sing N N 320 
TRP CB   CG   sing N N 321 
TRP CB   HB2  sing N N 322 
TRP CB   HB3  sing N N 323 
TRP CG   CD1  doub Y N 324 
TRP CG   CD2  sing Y N 325 
TRP CD1  NE1  sing Y N 326 
TRP CD1  HD1  sing N N 327 
TRP CD2  CE2  doub Y N 328 
TRP CD2  CE3  sing Y N 329 
TRP NE1  CE2  sing Y N 330 
TRP NE1  HE1  sing N N 331 
TRP CE2  CZ2  sing Y N 332 
TRP CE3  CZ3  doub Y N 333 
TRP CE3  HE3  sing N N 334 
TRP CZ2  CH2  doub Y N 335 
TRP CZ2  HZ2  sing N N 336 
TRP CZ3  CH2  sing Y N 337 
TRP CZ3  HZ3  sing N N 338 
TRP CH2  HH2  sing N N 339 
TRP OXT  HXT  sing N N 340 
TYR N    CA   sing N N 341 
TYR N    H    sing N N 342 
TYR N    H2   sing N N 343 
TYR CA   C    sing N N 344 
TYR CA   CB   sing N N 345 
TYR CA   HA   sing N N 346 
TYR C    O    doub N N 347 
TYR C    OXT  sing N N 348 
TYR CB   CG   sing N N 349 
TYR CB   HB2  sing N N 350 
TYR CB   HB3  sing N N 351 
TYR CG   CD1  doub Y N 352 
TYR CG   CD2  sing Y N 353 
TYR CD1  CE1  sing Y N 354 
TYR CD1  HD1  sing N N 355 
TYR CD2  CE2  doub Y N 356 
TYR CD2  HD2  sing N N 357 
TYR CE1  CZ   doub Y N 358 
TYR CE1  HE1  sing N N 359 
TYR CE2  CZ   sing Y N 360 
TYR CE2  HE2  sing N N 361 
TYR CZ   OH   sing N N 362 
TYR OH   HH   sing N N 363 
TYR OXT  HXT  sing N N 364 
VAL N    CA   sing N N 365 
VAL N    H    sing N N 366 
VAL N    H2   sing N N 367 
VAL CA   C    sing N N 368 
VAL CA   CB   sing N N 369 
VAL CA   HA   sing N N 370 
VAL C    O    doub N N 371 
VAL C    OXT  sing N N 372 
VAL CB   CG1  sing N N 373 
VAL CB   CG2  sing N N 374 
VAL CB   HB   sing N N 375 
VAL CG1  HG11 sing N N 376 
VAL CG1  HG12 sing N N 377 
VAL CG1  HG13 sing N N 378 
VAL CG2  HG21 sing N N 379 
VAL CG2  HG22 sing N N 380 
VAL CG2  HG23 sing N N 381 
VAL OXT  HXT  sing N N 382 
# 
_pdbx_audit_support.funding_organization   'Japan Society for the Promotion of Science (JSPS)' 
_pdbx_audit_support.country                Japan 
_pdbx_audit_support.grant_number           21K07050 
_pdbx_audit_support.ordinal                1 
# 
_pdbx_entity_instance_feature.ordinal        1 
_pdbx_entity_instance_feature.comp_id        ZN 
_pdbx_entity_instance_feature.asym_id        ? 
_pdbx_entity_instance_feature.seq_num        ? 
_pdbx_entity_instance_feature.auth_comp_id   ZN 
_pdbx_entity_instance_feature.auth_asym_id   ? 
_pdbx_entity_instance_feature.auth_seq_num   ? 
_pdbx_entity_instance_feature.feature_type   'SUBJECT OF INVESTIGATION' 
_pdbx_entity_instance_feature.details        ? 
# 
loop_
_pdbx_entity_nonpoly.entity_id 
_pdbx_entity_nonpoly.name 
_pdbx_entity_nonpoly.comp_id 
2 'MANGANESE (II) ION'                           MN  
3 'ZINC ION'                                     ZN  
4 'ethyl 4-bromanyl-5-nitro-furan-2-carboxylate' E6I 
5 water                                          HOH 
# 
_pdbx_initial_refinement_model.id               1 
_pdbx_initial_refinement_model.entity_id_list   ? 
_pdbx_initial_refinement_model.type             'experimental model' 
_pdbx_initial_refinement_model.source_name      PDB 
_pdbx_initial_refinement_model.accession_code   3QIN 
_pdbx_initial_refinement_model.details          ? 
# 
_pdbx_struct_assembly_auth_evidence.id                     1 
_pdbx_struct_assembly_auth_evidence.assembly_id            1 
_pdbx_struct_assembly_auth_evidence.experimental_support   'gel filtration' 
_pdbx_struct_assembly_auth_evidence.details                ? 
# 
